data_7PD6
#
_entry.id   7PD6
#
_cell.length_a   115.886
_cell.length_b   74.367
_cell.length_c   130.058
_cell.angle_alpha   90.000
_cell.angle_beta   101.645
_cell.angle_gamma   90.000
#
_symmetry.space_group_name_H-M   'P 1 2 1'
#
loop_
_entity.id
_entity.type
_entity.pdbx_description
1 polymer 'Acetylcholine-binding protein'
2 non-polymer Sulfoxaflor
3 water water
#
_entity_poly.entity_id   1
_entity_poly.type   'polypeptide(L)'
_entity_poly.pdbx_seq_one_letter_code
;ADRADILYNIRQTSRPDVIPTQRDRPVAVSVSLKFINILEVNEITNEVDVVFWQRTTWSDRTLAWDSSHSPDQVSVPISS
LWVPDLAAYNAISKPEVLTPQLARVVSDGEVLYVPSIRQRFSCDVSGVDTESGATCRIKIGSWTHHSREISVDPTTENSD
DSEYFSQYSRFEILDVTQKKNSVTYSCCPEAYEDVEVSLNFRKKGRSEIL
;
_entity_poly.pdbx_strand_id   AaA,BaB,CaC,DaD,EaE,FaF,GaG,HaH,IaI,JJJ
#
# COMPACT_ATOMS: atom_id res chain seq x y z
N ALA A 1 -23.69 -40.99 44.55
CA ALA A 1 -23.17 -40.85 43.16
C ALA A 1 -22.33 -39.57 43.01
N ASP A 2 -21.10 -39.68 42.53
CA ASP A 2 -20.17 -38.55 42.23
C ASP A 2 -20.17 -38.26 40.71
N ARG A 3 -19.32 -37.34 40.24
CA ARG A 3 -19.28 -36.93 38.81
C ARG A 3 -18.90 -38.11 37.91
N ALA A 4 -18.01 -38.99 38.36
CA ALA A 4 -17.57 -40.15 37.56
C ALA A 4 -18.77 -41.09 37.33
N ASP A 5 -19.58 -41.31 38.37
CA ASP A 5 -20.78 -42.20 38.28
C ASP A 5 -21.76 -41.57 37.30
N ILE A 6 -21.96 -40.26 37.38
CA ILE A 6 -22.90 -39.55 36.47
C ILE A 6 -22.42 -39.71 35.04
N LEU A 7 -21.12 -39.51 34.78
CA LEU A 7 -20.60 -39.66 33.39
C LEU A 7 -20.77 -41.12 32.96
N TYR A 8 -20.43 -42.07 33.84
CA TYR A 8 -20.56 -43.52 33.54
C TYR A 8 -22.02 -43.82 33.13
N ASN A 9 -23.02 -43.35 33.88
CA ASN A 9 -24.46 -43.66 33.64
C ASN A 9 -24.91 -42.97 32.35
N ILE A 10 -24.45 -41.75 32.11
CA ILE A 10 -24.71 -41.03 30.82
C ILE A 10 -24.19 -41.92 29.67
N ARG A 11 -23.03 -42.52 29.78
CA ARG A 11 -22.49 -43.40 28.70
C ARG A 11 -23.30 -44.71 28.59
N GLN A 12 -23.89 -45.23 29.66
CA GLN A 12 -24.76 -46.43 29.56
C GLN A 12 -26.01 -46.13 28.73
N THR A 13 -26.65 -44.95 28.87
CA THR A 13 -28.01 -44.70 28.31
C THR A 13 -27.93 -43.77 27.09
N SER A 14 -26.89 -42.94 26.97
CA SER A 14 -26.73 -41.98 25.84
C SER A 14 -26.53 -42.76 24.53
N ARG A 15 -27.24 -42.37 23.49
CA ARG A 15 -27.10 -42.93 22.13
C ARG A 15 -26.75 -41.76 21.22
N PRO A 16 -25.45 -41.47 21.03
CA PRO A 16 -25.04 -40.26 20.31
C PRO A 16 -25.61 -40.15 18.89
N ASP A 17 -25.96 -41.28 18.26
CA ASP A 17 -26.37 -41.31 16.84
C ASP A 17 -27.89 -41.48 16.75
N VAL A 18 -28.64 -41.39 17.85
CA VAL A 18 -30.13 -41.60 17.85
C VAL A 18 -30.82 -40.36 18.41
N ILE A 19 -31.71 -39.76 17.62
CA ILE A 19 -32.45 -38.56 18.04
C ILE A 19 -33.30 -38.97 19.24
N PRO A 20 -33.25 -38.28 20.39
CA PRO A 20 -34.04 -38.66 21.56
C PRO A 20 -35.45 -38.10 21.55
N THR A 21 -36.25 -38.44 20.55
CA THR A 21 -37.67 -37.97 20.47
C THR A 21 -38.49 -38.61 21.57
N ASP A 24 -43.96 -39.48 19.56
CA ASP A 24 -44.93 -38.84 18.63
C ASP A 24 -44.47 -37.40 18.33
N ARG A 25 -43.27 -36.91 18.76
CA ARG A 25 -43.07 -35.45 18.78
C ARG A 25 -41.59 -35.02 18.66
N PRO A 26 -41.41 -33.89 17.98
CA PRO A 26 -40.08 -33.44 17.60
C PRO A 26 -39.23 -33.14 18.84
N VAL A 27 -37.92 -33.26 18.74
CA VAL A 27 -36.98 -32.67 19.74
C VAL A 27 -36.98 -31.16 19.52
N ALA A 28 -37.34 -30.41 20.56
CA ALA A 28 -37.39 -28.93 20.53
C ALA A 28 -35.97 -28.43 20.76
N VAL A 29 -35.33 -27.90 19.72
CA VAL A 29 -33.96 -27.32 19.85
C VAL A 29 -34.09 -25.82 19.88
N SER A 30 -33.47 -25.16 20.85
CA SER A 30 -33.42 -23.68 20.95
C SER A 30 -32.04 -23.22 20.50
N VAL A 31 -32.00 -22.22 19.62
CA VAL A 31 -30.76 -21.66 19.07
C VAL A 31 -30.82 -20.16 19.22
N SER A 32 -29.75 -19.56 19.73
CA SER A 32 -29.64 -18.10 19.83
C SER A 32 -28.16 -17.68 19.68
N LEU A 33 -27.88 -16.82 18.71
CA LEU A 33 -26.52 -16.32 18.38
C LEU A 33 -26.22 -15.06 19.19
N LYS A 34 -25.10 -15.04 19.91
CA LYS A 34 -24.44 -13.80 20.39
C LYS A 34 -23.26 -13.47 19.46
N PHE A 35 -23.35 -12.35 18.78
CA PHE A 35 -22.26 -11.90 17.89
C PHE A 35 -21.09 -11.38 18.71
N ILE A 36 -19.91 -11.88 18.41
CA ILE A 36 -18.65 -11.48 19.10
C ILE A 36 -17.81 -10.59 18.18
N ASN A 37 -17.77 -10.86 16.89
CA ASN A 37 -16.90 -10.09 15.97
C ASN A 37 -17.43 -10.19 14.55
N ILE A 38 -17.21 -9.14 13.79
CA ILE A 38 -17.37 -9.11 12.34
C ILE A 38 -15.99 -8.74 11.82
N LEU A 39 -15.35 -9.65 11.12
CA LEU A 39 -13.89 -9.60 10.82
C LEU A 39 -13.66 -9.06 9.42
N GLU A 40 -14.47 -9.44 8.45
CA GLU A 40 -14.20 -9.01 7.06
C GLU A 40 -15.58 -8.92 6.41
N VAL A 41 -15.73 -7.96 5.55
CA VAL A 41 -16.98 -7.79 4.78
C VAL A 41 -16.54 -7.52 3.36
N ASN A 42 -17.11 -8.19 2.39
CA ASN A 42 -16.81 -7.96 0.95
C ASN A 42 -18.14 -7.59 0.26
N GLU A 43 -18.32 -6.32 -0.09
CA GLU A 43 -19.55 -5.79 -0.69
C GLU A 43 -19.64 -6.25 -2.16
N ILE A 44 -18.52 -6.57 -2.81
CA ILE A 44 -18.51 -7.09 -4.20
C ILE A 44 -19.05 -8.54 -4.20
N THR A 45 -18.56 -9.41 -3.30
CA THR A 45 -18.92 -10.84 -3.30
C THR A 45 -20.10 -11.11 -2.37
N ASN A 46 -20.56 -10.14 -1.58
CA ASN A 46 -21.62 -10.33 -0.54
C ASN A 46 -21.22 -11.46 0.42
N GLU A 47 -20.06 -11.33 1.04
CA GLU A 47 -19.52 -12.32 2.00
C GLU A 47 -19.10 -11.61 3.28
N VAL A 48 -19.37 -12.24 4.42
CA VAL A 48 -18.96 -11.71 5.75
CA VAL A 48 -18.96 -11.71 5.75
C VAL A 48 -18.29 -12.85 6.51
N ASP A 49 -17.30 -12.52 7.31
CA ASP A 49 -16.61 -13.43 8.23
C ASP A 49 -17.00 -12.98 9.63
N VAL A 50 -17.66 -13.84 10.39
CA VAL A 50 -18.16 -13.48 11.74
C VAL A 50 -17.73 -14.51 12.77
N VAL A 51 -17.69 -14.08 14.03
CA VAL A 51 -17.50 -14.94 15.22
C VAL A 51 -18.75 -14.80 16.06
N PHE A 52 -19.37 -15.89 16.47
CA PHE A 52 -20.58 -15.86 17.31
C PHE A 52 -20.55 -17.04 18.27
N TRP A 53 -21.19 -16.87 19.42
CA TRP A 53 -21.47 -17.97 20.38
C TRP A 53 -22.84 -18.52 20.00
N GLN A 54 -22.91 -19.78 19.61
CA GLN A 54 -24.18 -20.41 19.23
C GLN A 54 -24.79 -21.13 20.41
N ARG A 55 -25.59 -20.43 21.17
CA ARG A 55 -26.27 -21.01 22.36
C ARG A 55 -27.31 -22.02 21.89
N THR A 56 -27.12 -23.29 22.21
CA THR A 56 -27.96 -24.42 21.73
C THR A 56 -28.46 -25.22 22.94
N THR A 57 -29.77 -25.40 23.09
CA THR A 57 -30.34 -26.17 24.21
C THR A 57 -31.36 -27.17 23.66
N TRP A 58 -31.48 -28.31 24.32
CA TRP A 58 -32.49 -29.33 24.02
C TRP A 58 -32.57 -30.24 25.24
N SER A 59 -33.58 -31.10 25.26
CA SER A 59 -33.79 -32.10 26.31
C SER A 59 -33.51 -33.50 25.74
N ASP A 60 -32.85 -34.34 26.52
CA ASP A 60 -32.68 -35.78 26.23
C ASP A 60 -32.95 -36.50 27.55
N ARG A 61 -34.18 -36.98 27.73
CA ARG A 61 -34.63 -37.55 29.04
C ARG A 61 -33.93 -38.87 29.33
N THR A 62 -33.35 -39.52 28.32
CA THR A 62 -32.52 -40.74 28.51
C THR A 62 -31.32 -40.42 29.43
N LEU A 63 -30.84 -39.17 29.46
CA LEU A 63 -29.66 -38.75 30.27
C LEU A 63 -30.01 -38.51 31.74
N ALA A 64 -31.30 -38.31 32.09
CA ALA A 64 -31.71 -37.80 33.41
C ALA A 64 -31.20 -38.73 34.52
N TRP A 65 -30.90 -38.20 35.69
CA TRP A 65 -30.47 -39.01 36.85
C TRP A 65 -31.04 -38.37 38.11
N ASP A 66 -31.14 -39.16 39.17
CA ASP A 66 -31.60 -38.69 40.49
C ASP A 66 -30.46 -37.88 41.13
N SER A 67 -30.60 -36.56 41.28
CA SER A 67 -29.55 -35.70 41.89
C SER A 67 -29.93 -35.27 43.31
N SER A 68 -30.79 -36.01 44.01
CA SER A 68 -31.10 -35.69 45.43
C SER A 68 -29.85 -35.83 46.29
N HIS A 69 -28.87 -36.66 45.92
CA HIS A 69 -27.65 -36.87 46.76
C HIS A 69 -26.39 -36.73 45.92
N SER A 70 -26.42 -35.91 44.88
CA SER A 70 -25.30 -35.87 43.91
C SER A 70 -25.37 -34.58 43.11
N PRO A 71 -24.27 -34.18 42.42
CA PRO A 71 -24.27 -32.99 41.60
C PRO A 71 -25.40 -33.07 40.58
N ASP A 72 -26.04 -31.95 40.30
CA ASP A 72 -27.19 -31.90 39.37
C ASP A 72 -26.74 -31.43 37.97
N GLN A 73 -25.47 -31.15 37.74
CA GLN A 73 -24.95 -30.74 36.41
C GLN A 73 -23.53 -31.25 36.21
N VAL A 74 -23.18 -31.63 34.99
CA VAL A 74 -21.77 -31.96 34.64
C VAL A 74 -21.48 -31.45 33.23
N SER A 75 -20.22 -31.14 32.97
CA SER A 75 -19.66 -30.91 31.61
C SER A 75 -19.31 -32.26 31.01
N VAL A 76 -19.73 -32.50 29.78
CA VAL A 76 -19.58 -33.80 29.09
C VAL A 76 -19.05 -33.51 27.70
N PRO A 77 -18.06 -34.26 27.17
CA PRO A 77 -17.64 -34.09 25.77
C PRO A 77 -18.83 -34.39 24.86
N ILE A 78 -19.04 -33.58 23.81
CA ILE A 78 -20.24 -33.73 22.94
C ILE A 78 -20.18 -35.07 22.20
N SER A 79 -19.02 -35.70 22.07
CA SER A 79 -18.94 -37.04 21.43
C SER A 79 -19.66 -38.07 22.29
N SER A 80 -19.93 -37.81 23.58
CA SER A 80 -20.71 -38.75 24.43
C SER A 80 -22.22 -38.54 24.29
N LEU A 81 -22.66 -37.47 23.62
CA LEU A 81 -24.09 -37.04 23.59
C LEU A 81 -24.63 -37.07 22.16
N TRP A 82 -25.93 -37.22 22.01
CA TRP A 82 -26.62 -36.79 20.78
C TRP A 82 -26.61 -35.26 20.77
N VAL A 83 -26.21 -34.69 19.64
CA VAL A 83 -26.20 -33.23 19.42
C VAL A 83 -27.01 -33.00 18.16
N PRO A 84 -27.87 -31.97 18.10
CA PRO A 84 -28.57 -31.68 16.86
C PRO A 84 -27.55 -31.40 15.73
N ASP A 85 -27.85 -31.93 14.53
CA ASP A 85 -27.04 -31.76 13.30
C ASP A 85 -27.32 -30.39 12.68
N LEU A 86 -27.11 -29.31 13.46
CA LEU A 86 -27.40 -27.94 12.98
C LEU A 86 -26.34 -27.52 11.99
N ALA A 87 -26.73 -26.81 10.96
CA ALA A 87 -25.85 -26.25 9.92
C ALA A 87 -26.36 -24.87 9.59
N ALA A 88 -25.45 -24.00 9.19
CA ALA A 88 -25.79 -22.70 8.62
C ALA A 88 -25.99 -22.92 7.13
N TYR A 89 -27.21 -22.72 6.64
CA TYR A 89 -27.61 -23.05 5.27
C TYR A 89 -26.87 -22.16 4.28
N ASN A 90 -26.49 -20.96 4.65
CA ASN A 90 -25.81 -19.99 3.75
C ASN A 90 -24.33 -19.84 4.12
N ALA A 91 -23.76 -20.79 4.85
CA ALA A 91 -22.29 -20.80 5.11
C ALA A 91 -21.53 -21.18 3.83
N ILE A 92 -20.38 -20.55 3.61
CA ILE A 92 -19.50 -20.85 2.48
C ILE A 92 -18.12 -21.30 3.00
N SER A 93 -17.99 -21.54 4.29
CA SER A 93 -16.79 -22.20 4.89
C SER A 93 -17.26 -23.13 5.99
N LYS A 94 -16.42 -24.08 6.37
CA LYS A 94 -16.64 -24.98 7.52
C LYS A 94 -16.71 -24.13 8.77
N PRO A 95 -17.55 -24.51 9.75
CA PRO A 95 -17.55 -23.82 11.04
C PRO A 95 -16.19 -24.08 11.68
N GLU A 96 -15.43 -23.03 12.03
CA GLU A 96 -14.20 -23.17 12.86
C GLU A 96 -14.67 -23.06 14.31
N VAL A 97 -14.72 -24.15 15.05
CA VAL A 97 -15.14 -24.12 16.48
C VAL A 97 -13.91 -23.76 17.31
N LEU A 98 -13.97 -22.63 17.99
CA LEU A 98 -12.80 -22.01 18.66
C LEU A 98 -12.64 -22.54 20.09
N THR A 99 -13.64 -23.22 20.62
CA THR A 99 -13.76 -23.51 22.07
C THR A 99 -13.81 -25.00 22.30
N PRO A 100 -13.49 -25.47 23.51
CA PRO A 100 -13.64 -26.88 23.87
C PRO A 100 -15.05 -27.39 23.57
N GLN A 101 -15.14 -28.57 22.98
CA GLN A 101 -16.42 -29.15 22.55
C GLN A 101 -16.98 -29.97 23.72
N LEU A 102 -17.44 -29.24 24.74
CA LEU A 102 -18.08 -29.79 25.95
C LEU A 102 -19.44 -29.12 26.05
N ALA A 103 -20.43 -29.88 26.47
CA ALA A 103 -21.79 -29.41 26.77
C ALA A 103 -22.04 -29.60 28.27
N ARG A 104 -22.97 -28.85 28.85
CA ARG A 104 -23.46 -29.06 30.22
C ARG A 104 -24.73 -29.89 30.15
N VAL A 105 -24.80 -30.96 30.93
CA VAL A 105 -26.00 -31.79 31.08
C VAL A 105 -26.53 -31.57 32.48
N VAL A 106 -27.79 -31.16 32.60
CA VAL A 106 -28.52 -31.03 33.91
C VAL A 106 -29.20 -32.37 34.20
N SER A 107 -29.46 -32.70 35.47
CA SER A 107 -29.97 -34.01 35.95
C SER A 107 -31.38 -34.31 35.43
N ASP A 108 -32.15 -33.29 35.01
CA ASP A 108 -33.49 -33.47 34.38
C ASP A 108 -33.36 -33.78 32.89
N GLY A 109 -32.14 -33.87 32.33
CA GLY A 109 -31.94 -34.15 30.90
C GLY A 109 -31.76 -32.92 30.01
N GLU A 110 -31.83 -31.69 30.53
CA GLU A 110 -31.59 -30.46 29.73
C GLU A 110 -30.09 -30.40 29.38
N VAL A 111 -29.79 -30.08 28.14
CA VAL A 111 -28.41 -29.93 27.64
C VAL A 111 -28.21 -28.51 27.17
N LEU A 112 -27.06 -27.92 27.49
CA LEU A 112 -26.65 -26.60 26.96
C LEU A 112 -25.29 -26.79 26.29
N TYR A 113 -25.16 -26.37 25.05
CA TYR A 113 -23.90 -26.38 24.25
C TYR A 113 -23.71 -24.99 23.66
N VAL A 114 -22.57 -24.36 23.92
CA VAL A 114 -22.30 -22.98 23.42
C VAL A 114 -20.96 -22.92 22.73
N PRO A 115 -20.83 -23.47 21.52
CA PRO A 115 -19.60 -23.32 20.75
C PRO A 115 -19.41 -21.89 20.26
N SER A 116 -18.20 -21.37 20.37
CA SER A 116 -17.74 -20.15 19.67
C SER A 116 -17.30 -20.58 18.28
N ILE A 117 -17.94 -20.00 17.27
CA ILE A 117 -17.75 -20.38 15.86
C ILE A 117 -17.28 -19.15 15.09
N ARG A 118 -16.24 -19.32 14.29
CA ARG A 118 -15.88 -18.42 13.19
C ARG A 118 -16.27 -19.07 11.88
N GLN A 119 -17.01 -18.36 11.04
CA GLN A 119 -17.54 -18.92 9.77
C GLN A 119 -17.78 -17.77 8.80
N ARG A 120 -17.65 -18.06 7.51
CA ARG A 120 -17.92 -17.15 6.40
C ARG A 120 -19.31 -17.46 5.83
N PHE A 121 -20.07 -16.40 5.57
CA PHE A 121 -21.45 -16.48 5.04
C PHE A 121 -21.59 -15.69 3.76
N SER A 122 -22.48 -16.19 2.92
CA SER A 122 -23.07 -15.47 1.77
C SER A 122 -24.31 -14.76 2.27
N CYS A 123 -24.30 -13.45 2.28
CA CYS A 123 -25.48 -12.66 2.75
C CYS A 123 -25.39 -11.23 2.23
N ASP A 124 -26.48 -10.49 2.40
CA ASP A 124 -26.63 -9.16 1.78
C ASP A 124 -25.78 -8.17 2.59
N VAL A 125 -24.73 -7.66 1.98
CA VAL A 125 -23.82 -6.68 2.63
C VAL A 125 -24.14 -5.27 2.14
N SER A 126 -25.09 -5.09 1.22
CA SER A 126 -25.47 -3.73 0.76
C SER A 126 -25.95 -2.90 1.96
N GLY A 127 -25.50 -1.64 2.00
CA GLY A 127 -25.83 -0.60 3.00
C GLY A 127 -24.87 -0.62 4.17
N VAL A 128 -23.84 -1.46 4.16
CA VAL A 128 -22.93 -1.60 5.33
C VAL A 128 -22.22 -0.24 5.61
N ASP A 129 -22.01 0.58 4.61
CA ASP A 129 -21.27 1.86 4.72
C ASP A 129 -22.25 3.03 4.94
N THR A 130 -23.53 2.78 5.19
CA THR A 130 -24.57 3.81 5.45
C THR A 130 -24.99 3.80 6.92
N GLU A 131 -25.79 4.76 7.33
CA GLU A 131 -26.26 4.96 8.72
C GLU A 131 -27.15 3.80 9.16
N SER A 132 -27.98 3.24 8.28
CA SER A 132 -28.99 2.21 8.65
C SER A 132 -28.37 0.82 8.46
N GLY A 133 -27.21 0.72 7.82
CA GLY A 133 -26.39 -0.51 7.82
C GLY A 133 -26.89 -1.60 6.88
N ALA A 134 -26.19 -2.72 6.85
CA ALA A 134 -26.57 -3.94 6.12
C ALA A 134 -27.41 -4.82 7.05
N THR A 135 -28.23 -5.70 6.42
CA THR A 135 -28.89 -6.82 7.14
C THR A 135 -28.41 -8.14 6.53
N CYS A 136 -27.57 -8.83 7.27
CA CYS A 136 -27.01 -10.14 6.90
C CYS A 136 -27.84 -11.21 7.62
N ARG A 137 -28.50 -12.07 6.87
CA ARG A 137 -29.34 -13.14 7.43
C ARG A 137 -28.52 -14.42 7.50
N ILE A 138 -28.49 -15.03 8.67
CA ILE A 138 -27.87 -16.37 8.86
C ILE A 138 -28.98 -17.36 9.20
N LYS A 139 -29.04 -18.44 8.44
CA LYS A 139 -30.11 -19.46 8.54
C LYS A 139 -29.51 -20.71 9.20
N ILE A 140 -29.96 -21.06 10.41
CA ILE A 140 -29.46 -22.27 11.11
C ILE A 140 -30.60 -23.23 11.39
N GLY A 141 -30.39 -24.50 10.99
CA GLY A 141 -31.41 -25.55 11.14
C GLY A 141 -30.79 -26.92 11.01
N SER A 142 -31.57 -27.96 11.30
CA SER A 142 -31.15 -29.36 11.13
C SER A 142 -30.83 -29.60 9.66
N TRP A 143 -29.71 -30.24 9.38
CA TRP A 143 -29.34 -30.63 7.99
C TRP A 143 -30.21 -31.81 7.53
N THR A 144 -30.53 -32.77 8.39
CA THR A 144 -31.13 -34.05 7.95
C THR A 144 -32.41 -34.43 8.70
N HIS A 145 -32.85 -33.67 9.67
CA HIS A 145 -34.11 -33.95 10.42
C HIS A 145 -35.18 -32.92 10.07
N HIS A 146 -36.27 -33.37 9.46
CA HIS A 146 -37.43 -32.53 9.08
C HIS A 146 -38.24 -32.14 10.33
N SER A 147 -39.25 -31.30 10.12
CA SER A 147 -39.99 -30.57 11.18
C SER A 147 -40.70 -31.54 12.15
N ARG A 148 -40.98 -32.78 11.77
CA ARG A 148 -41.58 -33.76 12.71
C ARG A 148 -40.53 -34.45 13.59
N GLU A 149 -39.23 -34.24 13.35
CA GLU A 149 -38.16 -34.86 14.17
C GLU A 149 -37.40 -33.80 14.97
N ILE A 150 -37.13 -32.64 14.37
CA ILE A 150 -36.48 -31.50 15.07
C ILE A 150 -37.26 -30.25 14.75
N SER A 151 -37.61 -29.52 15.80
CA SER A 151 -38.17 -28.15 15.71
C SER A 151 -37.09 -27.22 16.26
N VAL A 152 -37.00 -26.04 15.67
CA VAL A 152 -35.99 -25.03 16.06
C VAL A 152 -36.74 -23.75 16.46
N ASP A 153 -36.45 -23.23 17.65
CA ASP A 153 -37.07 -22.00 18.19
C ASP A 153 -35.98 -21.03 18.59
N PRO A 154 -36.15 -19.72 18.30
CA PRO A 154 -35.28 -18.70 18.88
C PRO A 154 -35.54 -18.47 20.38
N THR A 155 -34.63 -17.83 21.12
CA THR A 155 -34.81 -17.37 22.54
C THR A 155 -34.93 -15.85 22.56
N ASP A 160 -28.92 -7.48 25.76
CA ASP A 160 -28.74 -6.61 24.57
C ASP A 160 -27.81 -7.30 23.56
N ASP A 161 -27.91 -6.83 22.32
CA ASP A 161 -27.33 -7.51 21.12
C ASP A 161 -25.81 -7.37 21.15
N SER A 162 -25.34 -6.24 21.65
CA SER A 162 -23.92 -5.85 21.57
C SER A 162 -23.18 -6.25 22.83
N GLU A 163 -23.81 -7.02 23.72
CA GLU A 163 -23.29 -7.23 25.11
C GLU A 163 -21.89 -7.85 25.07
N TYR A 164 -21.64 -8.81 24.19
CA TYR A 164 -20.35 -9.53 24.12
C TYR A 164 -19.63 -9.16 22.80
N PHE A 165 -20.12 -8.18 22.05
CA PHE A 165 -19.54 -7.78 20.75
C PHE A 165 -18.23 -7.04 21.01
N SER A 166 -17.17 -7.38 20.29
CA SER A 166 -15.82 -6.78 20.47
C SER A 166 -15.88 -5.30 20.09
N GLN A 167 -15.44 -4.44 20.99
CA GLN A 167 -15.31 -2.98 20.77
C GLN A 167 -14.20 -2.70 19.76
N TYR A 168 -13.40 -3.71 19.37
CA TYR A 168 -12.24 -3.49 18.47
C TYR A 168 -12.61 -3.83 17.04
N SER A 169 -13.76 -4.42 16.77
CA SER A 169 -14.27 -4.61 15.38
C SER A 169 -14.28 -3.27 14.65
N ARG A 170 -14.13 -3.27 13.34
CA ARG A 170 -14.39 -2.08 12.49
C ARG A 170 -15.89 -1.82 12.35
N PHE A 171 -16.73 -2.80 12.72
CA PHE A 171 -18.20 -2.74 12.57
C PHE A 171 -18.83 -2.55 13.95
N GLU A 172 -20.08 -2.08 13.96
CA GLU A 172 -20.91 -2.10 15.18
C GLU A 172 -22.27 -2.71 14.81
N ILE A 173 -22.93 -3.29 15.80
CA ILE A 173 -24.25 -3.92 15.67
C ILE A 173 -25.33 -2.89 16.02
N LEU A 174 -26.28 -2.70 15.12
CA LEU A 174 -27.48 -1.85 15.31
C LEU A 174 -28.61 -2.70 15.90
N ASP A 175 -28.76 -3.93 15.47
CA ASP A 175 -29.94 -4.77 15.82
C ASP A 175 -29.69 -6.24 15.40
N VAL A 176 -30.19 -7.17 16.19
CA VAL A 176 -30.26 -8.62 15.88
C VAL A 176 -31.69 -9.07 16.12
N THR A 177 -32.38 -9.61 15.12
CA THR A 177 -33.71 -10.24 15.29
C THR A 177 -33.57 -11.71 14.85
N GLN A 178 -34.21 -12.60 15.61
CA GLN A 178 -34.14 -14.08 15.45
C GLN A 178 -35.59 -14.49 15.21
N LYS A 179 -35.93 -15.06 14.05
CA LYS A 179 -37.31 -15.54 13.80
C LYS A 179 -37.26 -16.97 13.25
N LYS A 180 -38.32 -17.73 13.46
CA LYS A 180 -38.47 -19.14 13.05
C LYS A 180 -38.87 -19.13 11.58
N ASN A 181 -38.40 -20.10 10.78
CA ASN A 181 -38.74 -20.23 9.34
C ASN A 181 -38.81 -21.72 9.03
N SER A 182 -38.98 -22.02 7.75
CA SER A 182 -39.22 -23.35 7.18
C SER A 182 -38.64 -23.33 5.75
N VAL A 183 -37.74 -24.28 5.40
CA VAL A 183 -37.41 -24.57 3.96
C VAL A 183 -37.95 -25.95 3.51
N THR A 184 -38.66 -26.00 2.40
CA THR A 184 -38.81 -27.20 1.52
C THR A 184 -37.89 -26.96 0.30
N TYR A 185 -36.96 -27.83 -0.02
CA TYR A 185 -36.39 -27.95 -1.39
C TYR A 185 -36.93 -29.26 -1.98
N SER A 186 -37.10 -29.31 -3.31
CA SER A 186 -37.62 -30.49 -4.05
C SER A 186 -36.60 -31.64 -4.04
N CYS A 187 -35.32 -31.39 -3.73
CA CYS A 187 -34.25 -32.43 -3.57
C CYS A 187 -34.57 -33.37 -2.40
N CYS A 188 -35.24 -32.91 -1.32
CA CYS A 188 -35.06 -33.42 0.06
C CYS A 188 -36.38 -33.38 0.85
N GLU A 190 -39.60 -33.27 2.95
CA GLU A 190 -40.63 -32.43 3.63
C GLU A 190 -40.00 -31.11 4.08
N ALA A 191 -40.48 -30.48 5.15
CA ALA A 191 -40.05 -29.13 5.59
C ALA A 191 -39.04 -29.27 6.73
N TYR A 192 -38.01 -28.44 6.68
CA TYR A 192 -36.92 -28.37 7.68
C TYR A 192 -37.07 -27.03 8.37
N GLU A 193 -37.09 -27.00 9.70
CA GLU A 193 -37.24 -25.71 10.41
C GLU A 193 -35.85 -25.09 10.60
N ASP A 194 -35.81 -23.78 10.58
CA ASP A 194 -34.59 -23.00 10.85
C ASP A 194 -34.94 -21.79 11.70
N VAL A 195 -33.91 -21.23 12.32
CA VAL A 195 -33.93 -19.85 12.87
C VAL A 195 -33.16 -18.98 11.89
N GLU A 196 -33.76 -17.87 11.52
CA GLU A 196 -33.18 -16.86 10.60
C GLU A 196 -32.77 -15.72 11.50
N VAL A 197 -31.47 -15.49 11.58
CA VAL A 197 -30.90 -14.43 12.44
C VAL A 197 -30.52 -13.28 11.53
N SER A 198 -31.17 -12.12 11.75
CA SER A 198 -30.94 -10.90 10.96
C SER A 198 -29.99 -10.03 11.77
N LEU A 199 -28.75 -9.95 11.29
CA LEU A 199 -27.69 -9.11 11.88
C LEU A 199 -27.67 -7.79 11.11
N ASN A 200 -28.17 -6.73 11.75
CA ASN A 200 -28.13 -5.36 11.20
C ASN A 200 -26.87 -4.69 11.76
N PHE A 201 -25.93 -4.37 10.88
CA PHE A 201 -24.58 -3.89 11.30
C PHE A 201 -24.11 -2.86 10.28
N ARG A 202 -23.18 -2.02 10.69
CA ARG A 202 -22.56 -1.03 9.79
C ARG A 202 -21.12 -0.77 10.19
N LYS A 203 -20.37 -0.14 9.28
CA LYS A 203 -18.99 0.33 9.57
C LYS A 203 -19.03 1.48 10.59
N LYS A 204 -18.16 1.50 11.57
CA LYS A 204 -18.03 2.60 12.58
C LYS A 204 -17.54 3.92 11.97
N ASP B 2 -37.71 -49.23 17.81
CA ASP B 2 -37.50 -47.76 17.88
C ASP B 2 -36.25 -47.38 17.06
N ARG B 3 -35.87 -46.09 17.06
CA ARG B 3 -34.74 -45.59 16.25
C ARG B 3 -33.42 -46.23 16.71
N ALA B 4 -33.24 -46.50 18.00
CA ALA B 4 -32.00 -47.12 18.52
C ALA B 4 -31.86 -48.53 17.94
N ASP B 5 -32.96 -49.29 17.89
CA ASP B 5 -32.96 -50.68 17.36
C ASP B 5 -32.61 -50.62 15.87
N ILE B 6 -33.19 -49.67 15.15
CA ILE B 6 -32.96 -49.53 13.68
C ILE B 6 -31.47 -49.24 13.48
N LEU B 7 -30.90 -48.30 14.25
CA LEU B 7 -29.48 -47.96 14.09
C LEU B 7 -28.62 -49.17 14.44
N TYR B 8 -28.95 -49.85 15.54
CA TYR B 8 -28.20 -51.05 16.00
C TYR B 8 -28.19 -52.09 14.86
N ASN B 9 -29.33 -52.38 14.24
CA ASN B 9 -29.46 -53.43 13.20
C ASN B 9 -28.73 -53.01 11.93
N ILE B 10 -28.80 -51.73 11.58
CA ILE B 10 -28.00 -51.16 10.45
C ILE B 10 -26.51 -51.44 10.71
N ARG B 11 -26.04 -51.25 11.94
CA ARG B 11 -24.61 -51.52 12.26
C ARG B 11 -24.31 -53.04 12.21
N GLN B 12 -25.24 -53.93 12.53
CA GLN B 12 -25.02 -55.39 12.42
C GLN B 12 -24.81 -55.80 10.96
N THR B 13 -25.55 -55.24 9.99
CA THR B 13 -25.59 -55.79 8.60
C THR B 13 -24.81 -54.88 7.64
N SER B 14 -24.64 -53.59 7.95
CA SER B 14 -23.91 -52.64 7.08
C SER B 14 -22.43 -53.01 7.01
N ARG B 15 -21.88 -53.02 5.81
CA ARG B 15 -20.44 -53.27 5.58
C ARG B 15 -19.89 -52.04 4.85
N PRO B 16 -19.41 -51.02 5.59
CA PRO B 16 -18.95 -49.79 5.01
C PRO B 16 -17.90 -49.95 3.88
N ASP B 17 -17.12 -51.02 3.90
CA ASP B 17 -16.02 -51.17 2.91
C ASP B 17 -16.39 -52.13 1.79
N VAL B 18 -17.63 -52.56 1.70
CA VAL B 18 -18.07 -53.56 0.67
C VAL B 18 -19.21 -52.97 -0.17
N ILE B 19 -19.02 -52.90 -1.46
CA ILE B 19 -20.05 -52.38 -2.40
CA ILE B 19 -20.06 -52.39 -2.38
C ILE B 19 -21.28 -53.30 -2.27
N PRO B 20 -22.49 -52.79 -2.02
CA PRO B 20 -23.66 -53.64 -1.80
C PRO B 20 -24.36 -54.02 -3.10
N THR B 21 -23.67 -54.73 -3.97
CA THR B 21 -24.25 -55.17 -5.28
C THR B 21 -25.29 -56.24 -4.98
N GLN B 22 -26.40 -56.20 -5.71
CA GLN B 22 -27.52 -57.17 -5.60
C GLN B 22 -27.46 -58.05 -6.84
N ARG B 23 -27.25 -59.36 -6.68
CA ARG B 23 -27.11 -60.35 -7.78
C ARG B 23 -26.16 -59.87 -8.89
N ASP B 24 -24.98 -59.32 -8.54
CA ASP B 24 -23.92 -58.90 -9.49
C ASP B 24 -24.34 -57.82 -10.48
N ARG B 25 -25.40 -57.10 -10.17
CA ARG B 25 -25.77 -55.85 -10.89
C ARG B 25 -24.88 -54.74 -10.37
N PRO B 26 -24.53 -53.74 -11.20
CA PRO B 26 -23.88 -52.55 -10.69
C PRO B 26 -24.78 -51.84 -9.65
N VAL B 27 -24.18 -51.19 -8.67
CA VAL B 27 -24.93 -50.30 -7.74
C VAL B 27 -25.24 -49.03 -8.52
N ALA B 28 -26.51 -48.72 -8.66
CA ALA B 28 -27.03 -47.58 -9.43
C ALA B 28 -26.95 -46.38 -8.52
N VAL B 29 -25.99 -45.50 -8.77
CA VAL B 29 -25.81 -44.27 -7.97
C VAL B 29 -26.37 -43.11 -8.78
N SER B 30 -27.21 -42.30 -8.16
CA SER B 30 -27.74 -41.07 -8.76
C SER B 30 -27.05 -39.86 -8.12
N VAL B 31 -26.59 -38.94 -8.94
CA VAL B 31 -25.81 -37.77 -8.52
C VAL B 31 -26.40 -36.56 -9.24
N SER B 32 -26.68 -35.51 -8.49
CA SER B 32 -27.16 -34.23 -9.04
C SER B 32 -26.58 -33.10 -8.20
N LEU B 33 -25.85 -32.18 -8.83
CA LEU B 33 -25.26 -30.98 -8.17
C LEU B 33 -26.26 -29.83 -8.24
N LYS B 34 -26.54 -29.23 -7.09
CA LYS B 34 -27.32 -27.96 -6.97
C LYS B 34 -26.30 -26.91 -6.60
N PHE B 35 -26.01 -25.98 -7.52
CA PHE B 35 -25.04 -24.91 -7.27
C PHE B 35 -25.66 -23.91 -6.29
N ILE B 36 -24.93 -23.57 -5.25
CA ILE B 36 -25.38 -22.59 -4.24
C ILE B 36 -24.63 -21.27 -4.42
N ASN B 37 -23.35 -21.33 -4.75
CA ASN B 37 -22.53 -20.11 -4.81
C ASN B 37 -21.32 -20.41 -5.72
N ILE B 38 -20.90 -19.36 -6.41
CA ILE B 38 -19.62 -19.34 -7.16
C ILE B 38 -18.78 -18.27 -6.50
N LEU B 39 -17.67 -18.64 -5.90
CA LEU B 39 -16.94 -17.78 -4.92
C LEU B 39 -15.79 -17.07 -5.62
N GLU B 40 -15.03 -17.75 -6.46
CA GLU B 40 -13.82 -17.18 -7.10
C GLU B 40 -13.75 -17.81 -8.48
N VAL B 41 -13.44 -17.00 -9.44
CA VAL B 41 -13.30 -17.45 -10.83
C VAL B 41 -12.03 -16.77 -11.32
N ASN B 42 -11.11 -17.52 -11.90
CA ASN B 42 -9.86 -16.95 -12.44
C ASN B 42 -9.81 -17.32 -13.93
N GLU B 43 -10.01 -16.32 -14.80
CA GLU B 43 -10.04 -16.49 -16.28
C GLU B 43 -8.61 -16.74 -16.80
N ILE B 44 -7.58 -16.26 -16.08
CA ILE B 44 -6.17 -16.51 -16.46
C ILE B 44 -5.81 -18.00 -16.19
N THR B 45 -6.13 -18.53 -15.01
CA THR B 45 -5.72 -19.91 -14.61
C THR B 45 -6.80 -20.94 -14.95
N ASN B 46 -7.98 -20.52 -15.40
CA ASN B 46 -9.12 -21.43 -15.69
C ASN B 46 -9.47 -22.24 -14.43
N GLU B 47 -9.72 -21.56 -13.32
CA GLU B 47 -10.05 -22.20 -12.02
C GLU B 47 -11.29 -21.54 -11.42
N VAL B 48 -12.17 -22.35 -10.86
CA VAL B 48 -13.40 -21.85 -10.18
C VAL B 48 -13.52 -22.52 -8.81
N ASP B 49 -14.01 -21.80 -7.85
CA ASP B 49 -14.27 -22.25 -6.47
C ASP B 49 -15.78 -22.14 -6.30
N VAL B 50 -16.45 -23.25 -6.05
CA VAL B 50 -17.93 -23.33 -6.00
C VAL B 50 -18.36 -24.06 -4.73
N VAL B 51 -19.57 -23.75 -4.31
CA VAL B 51 -20.28 -24.47 -3.23
C VAL B 51 -21.52 -25.08 -3.88
N PHE B 52 -21.70 -26.37 -3.68
CA PHE B 52 -22.86 -27.08 -4.26
C PHE B 52 -23.32 -28.15 -3.29
N TRP B 53 -24.62 -28.47 -3.36
CA TRP B 53 -25.21 -29.61 -2.65
C TRP B 53 -25.10 -30.80 -3.60
N GLN B 54 -24.36 -31.83 -3.23
CA GLN B 54 -24.19 -33.02 -4.07
C GLN B 54 -25.24 -34.07 -3.68
N ARG B 55 -26.40 -34.00 -4.29
CA ARG B 55 -27.50 -34.93 -4.00
C ARG B 55 -27.12 -36.33 -4.52
N THR B 56 -26.95 -37.29 -3.63
CA THR B 56 -26.46 -38.65 -3.92
C THR B 56 -27.44 -39.71 -3.40
N THR B 57 -27.92 -40.61 -4.22
CA THR B 57 -28.85 -41.69 -3.80
C THR B 57 -28.36 -43.02 -4.34
N TRP B 58 -28.62 -44.09 -3.58
CA TRP B 58 -28.35 -45.47 -3.99
C TRP B 58 -29.14 -46.37 -3.06
N SER B 59 -29.20 -47.66 -3.39
CA SER B 59 -29.87 -48.68 -2.57
C SER B 59 -28.83 -49.61 -1.93
N ASP B 60 -29.06 -49.99 -0.68
CA ASP B 60 -28.31 -51.05 0.03
C ASP B 60 -29.34 -51.90 0.76
N ARG B 61 -29.81 -52.98 0.14
CA ARG B 61 -30.94 -53.79 0.68
C ARG B 61 -30.54 -54.54 1.94
N THR B 62 -29.25 -54.66 2.22
CA THR B 62 -28.75 -55.21 3.51
C THR B 62 -29.27 -54.36 4.69
N LEU B 63 -29.53 -53.06 4.48
CA LEU B 63 -30.00 -52.12 5.54
C LEU B 63 -31.51 -52.26 5.81
N ALA B 64 -32.30 -52.84 4.90
CA ALA B 64 -33.78 -52.77 4.93
C ALA B 64 -34.31 -53.32 6.26
N TRP B 65 -35.44 -52.81 6.73
CA TRP B 65 -36.10 -53.31 7.97
C TRP B 65 -37.61 -53.20 7.79
N ASP B 66 -38.34 -53.97 8.58
CA ASP B 66 -39.82 -53.94 8.64
C ASP B 66 -40.24 -52.67 9.38
N SER B 67 -40.83 -51.70 8.70
CA SER B 67 -41.28 -50.42 9.32
C SER B 67 -42.80 -50.37 9.46
N SER B 68 -43.49 -51.50 9.52
CA SER B 68 -44.96 -51.49 9.67
C SER B 68 -45.35 -50.86 11.01
N HIS B 69 -44.51 -50.94 12.05
CA HIS B 69 -44.83 -50.41 13.41
C HIS B 69 -43.61 -49.66 13.93
N SER B 70 -42.89 -48.98 13.07
CA SER B 70 -41.65 -48.27 13.48
C SER B 70 -41.35 -47.20 12.44
N PRO B 71 -40.51 -46.20 12.78
CA PRO B 71 -40.15 -45.15 11.81
C PRO B 71 -39.58 -45.80 10.54
N ASP B 72 -39.90 -45.24 9.39
CA ASP B 72 -39.47 -45.82 8.08
C ASP B 72 -38.23 -45.09 7.55
N GLN B 73 -37.69 -44.11 8.26
CA GLN B 73 -36.46 -43.38 7.89
C GLN B 73 -35.69 -43.02 9.14
N VAL B 74 -34.36 -43.04 9.07
CA VAL B 74 -33.50 -42.48 10.14
C VAL B 74 -32.32 -41.76 9.48
N SER B 75 -31.76 -40.80 10.20
CA SER B 75 -30.45 -40.17 9.91
C SER B 75 -29.37 -41.05 10.51
N VAL B 76 -28.35 -41.37 9.73
CA VAL B 76 -27.25 -42.29 10.11
C VAL B 76 -25.94 -41.62 9.74
N PRO B 77 -24.90 -41.65 10.60
CA PRO B 77 -23.59 -41.12 10.20
C PRO B 77 -23.09 -41.96 9.02
N ILE B 78 -22.49 -41.32 8.01
CA ILE B 78 -22.04 -42.02 6.79
C ILE B 78 -20.89 -42.98 7.15
N SER B 79 -20.20 -42.79 8.28
CA SER B 79 -19.14 -43.75 8.68
C SER B 79 -19.77 -45.11 8.99
N SER B 80 -21.08 -45.20 9.26
CA SER B 80 -21.75 -46.50 9.49
C SER B 80 -22.17 -47.18 8.18
N LEU B 81 -22.07 -46.50 7.04
CA LEU B 81 -22.65 -46.96 5.74
C LEU B 81 -21.54 -47.15 4.70
N TRP B 82 -21.77 -47.99 3.70
CA TRP B 82 -21.03 -47.88 2.43
C TRP B 82 -21.53 -46.62 1.71
N VAL B 83 -20.59 -45.83 1.22
CA VAL B 83 -20.88 -44.61 0.41
CA VAL B 83 -20.88 -44.61 0.41
C VAL B 83 -20.10 -44.78 -0.88
N PRO B 84 -20.66 -44.43 -2.04
CA PRO B 84 -19.89 -44.52 -3.29
C PRO B 84 -18.63 -43.65 -3.21
N ASP B 85 -17.50 -44.15 -3.73
CA ASP B 85 -16.18 -43.47 -3.75
C ASP B 85 -16.15 -42.43 -4.90
N LEU B 86 -17.09 -41.47 -4.87
CA LEU B 86 -17.21 -40.46 -5.95
C LEU B 86 -16.05 -39.47 -5.84
N ALA B 87 -15.50 -39.05 -6.96
CA ALA B 87 -14.49 -37.98 -7.05
C ALA B 87 -14.88 -37.12 -8.24
N ALA B 88 -14.56 -35.86 -8.19
CA ALA B 88 -14.57 -34.93 -9.31
C ALA B 88 -13.24 -35.07 -10.02
N TYR B 89 -13.27 -35.59 -11.24
CA TYR B 89 -12.06 -35.95 -12.00
C TYR B 89 -11.24 -34.70 -12.30
N ASN B 90 -11.82 -33.52 -12.40
CA ASN B 90 -11.09 -32.26 -12.72
C ASN B 90 -10.99 -31.36 -11.48
N ALA B 91 -11.17 -31.88 -10.28
CA ALA B 91 -10.97 -31.09 -9.03
C ALA B 91 -9.48 -30.87 -8.82
N ILE B 92 -9.13 -29.70 -8.31
CA ILE B 92 -7.74 -29.35 -7.94
C ILE B 92 -7.65 -29.07 -6.44
N SER B 93 -8.73 -29.35 -5.69
CA SER B 93 -8.70 -29.35 -4.21
C SER B 93 -9.55 -30.52 -3.72
N LYS B 94 -9.32 -30.96 -2.50
CA LYS B 94 -10.15 -31.97 -1.80
C LYS B 94 -11.54 -31.38 -1.62
N PRO B 95 -12.60 -32.19 -1.69
CA PRO B 95 -13.93 -31.71 -1.38
C PRO B 95 -13.96 -31.29 0.10
N GLU B 96 -14.29 -30.04 0.40
CA GLU B 96 -14.48 -29.58 1.79
C GLU B 96 -15.98 -29.77 2.10
N VAL B 97 -16.33 -30.74 2.91
CA VAL B 97 -17.76 -30.97 3.31
C VAL B 97 -18.12 -30.01 4.45
N LEU B 98 -19.09 -29.14 4.20
CA LEU B 98 -19.40 -28.01 5.12
C LEU B 98 -20.43 -28.44 6.16
N THR B 99 -21.08 -29.57 5.97
CA THR B 99 -22.33 -29.92 6.70
C THR B 99 -22.13 -31.22 7.47
N PRO B 100 -23.00 -31.50 8.46
CA PRO B 100 -22.94 -32.76 9.21
C PRO B 100 -23.00 -33.97 8.27
N GLN B 101 -22.13 -34.94 8.48
CA GLN B 101 -21.99 -36.08 7.52
C GLN B 101 -22.95 -37.19 7.91
N LEU B 102 -24.25 -36.91 7.72
CA LEU B 102 -25.36 -37.82 8.01
C LEU B 102 -26.12 -38.02 6.72
N ALA B 103 -26.54 -39.24 6.47
CA ALA B 103 -27.40 -39.64 5.35
C ALA B 103 -28.75 -40.08 5.93
N ARG B 104 -29.80 -40.06 5.12
CA ARG B 104 -31.11 -40.67 5.48
C ARG B 104 -31.16 -42.06 4.88
N VAL B 105 -31.50 -43.04 5.70
CA VAL B 105 -31.73 -44.43 5.26
C VAL B 105 -33.24 -44.67 5.38
N VAL B 106 -33.88 -45.06 4.27
CA VAL B 106 -35.31 -45.46 4.24
C VAL B 106 -35.38 -46.97 4.50
N SER B 107 -36.49 -47.48 5.04
CA SER B 107 -36.66 -48.88 5.50
C SER B 107 -36.55 -49.89 4.34
N ASP B 108 -36.74 -49.47 3.09
CA ASP B 108 -36.54 -50.34 1.89
C ASP B 108 -35.06 -50.39 1.49
N GLY B 109 -34.16 -49.72 2.20
CA GLY B 109 -32.72 -49.69 1.85
C GLY B 109 -32.27 -48.52 0.98
N GLU B 110 -33.15 -47.61 0.56
CA GLU B 110 -32.73 -46.38 -0.17
C GLU B 110 -31.94 -45.47 0.77
N VAL B 111 -30.84 -44.93 0.28
CA VAL B 111 -29.99 -43.96 1.01
C VAL B 111 -29.99 -42.65 0.25
N LEU B 112 -30.14 -41.54 0.97
CA LEU B 112 -30.02 -40.19 0.41
C LEU B 112 -28.95 -39.47 1.24
N TYR B 113 -27.92 -38.94 0.57
CA TYR B 113 -26.81 -38.19 1.19
C TYR B 113 -26.69 -36.88 0.40
N VAL B 114 -26.76 -35.74 1.10
CA VAL B 114 -26.68 -34.42 0.41
C VAL B 114 -25.69 -33.54 1.16
N PRO B 115 -24.38 -33.79 1.00
CA PRO B 115 -23.38 -32.91 1.59
C PRO B 115 -23.33 -31.59 0.82
N SER B 116 -23.15 -30.50 1.55
CA SER B 116 -22.71 -29.21 0.98
C SER B 116 -21.18 -29.22 0.87
N ILE B 117 -20.69 -29.02 -0.33
CA ILE B 117 -19.26 -29.16 -0.66
C ILE B 117 -18.74 -27.85 -1.25
N ARG B 118 -17.63 -27.39 -0.71
CA ARG B 118 -16.79 -26.36 -1.37
C ARG B 118 -15.56 -27.02 -2.02
N GLN B 119 -15.35 -26.79 -3.30
CA GLN B 119 -14.28 -27.44 -4.07
C GLN B 119 -13.84 -26.51 -5.22
N ARG B 120 -12.56 -26.59 -5.56
CA ARG B 120 -11.93 -25.83 -6.66
CA ARG B 120 -11.93 -25.83 -6.66
C ARG B 120 -11.75 -26.77 -7.86
N PHE B 121 -12.04 -26.31 -9.05
CA PHE B 121 -11.97 -27.09 -10.31
C PHE B 121 -11.11 -26.36 -11.34
N SER B 122 -10.51 -27.16 -12.19
CA SER B 122 -9.90 -26.74 -13.46
C SER B 122 -10.98 -26.89 -14.52
N CYS B 123 -11.43 -25.79 -15.10
CA CYS B 123 -12.47 -25.84 -16.15
C CYS B 123 -12.43 -24.57 -16.99
N ASP B 124 -13.17 -24.60 -18.09
CA ASP B 124 -13.11 -23.53 -19.10
C ASP B 124 -13.86 -22.31 -18.56
N VAL B 125 -13.14 -21.24 -18.26
CA VAL B 125 -13.74 -20.00 -17.71
C VAL B 125 -13.86 -18.96 -18.84
N SER B 126 -13.42 -19.26 -20.05
CA SER B 126 -13.56 -18.30 -21.18
C SER B 126 -15.05 -17.98 -21.41
N GLY B 127 -15.34 -16.71 -21.63
CA GLY B 127 -16.66 -16.14 -21.91
C GLY B 127 -17.38 -15.71 -20.64
N VAL B 128 -16.75 -15.82 -19.47
CA VAL B 128 -17.43 -15.54 -18.19
C VAL B 128 -17.93 -14.08 -18.17
N ASP B 129 -17.23 -13.15 -18.82
CA ASP B 129 -17.57 -11.69 -18.79
C ASP B 129 -18.39 -11.31 -20.02
N THR B 130 -18.95 -12.27 -20.75
CA THR B 130 -19.85 -12.04 -21.90
C THR B 130 -21.29 -12.41 -21.53
N GLU B 131 -22.23 -12.08 -22.40
CA GLU B 131 -23.68 -12.32 -22.19
C GLU B 131 -23.98 -13.83 -22.22
N SER B 132 -23.27 -14.63 -23.01
CA SER B 132 -23.58 -16.08 -23.14
C SER B 132 -22.79 -16.89 -22.09
N GLY B 133 -21.81 -16.28 -21.44
CA GLY B 133 -21.17 -16.82 -20.24
C GLY B 133 -20.13 -17.90 -20.53
N ALA B 134 -19.53 -18.43 -19.46
CA ALA B 134 -18.60 -19.57 -19.48
C ALA B 134 -19.43 -20.83 -19.28
N THR B 135 -18.89 -21.97 -19.77
CA THR B 135 -19.39 -23.32 -19.47
C THR B 135 -18.27 -24.11 -18.81
N CYS B 136 -18.40 -24.29 -17.51
CA CYS B 136 -17.46 -25.04 -16.65
C CYS B 136 -18.02 -26.46 -16.50
N ARG B 137 -17.29 -27.47 -16.99
CA ARG B 137 -17.72 -28.86 -16.90
C ARG B 137 -17.08 -29.50 -15.68
N ILE B 138 -17.89 -30.11 -14.84
CA ILE B 138 -17.44 -30.89 -13.67
C ILE B 138 -17.81 -32.35 -13.91
N LYS B 139 -16.81 -33.23 -13.83
CA LYS B 139 -16.94 -34.68 -14.10
C LYS B 139 -16.93 -35.42 -12.76
N ILE B 140 -18.02 -36.05 -12.36
CA ILE B 140 -18.10 -36.82 -11.08
C ILE B 140 -18.45 -38.29 -11.36
N GLY B 141 -17.68 -39.19 -10.77
CA GLY B 141 -17.82 -40.63 -10.96
C GLY B 141 -17.03 -41.38 -9.91
N SER B 142 -17.22 -42.70 -9.87
CA SER B 142 -16.47 -43.60 -8.98
C SER B 142 -14.99 -43.49 -9.33
N TRP B 143 -14.14 -43.35 -8.32
CA TRP B 143 -12.67 -43.35 -8.53
C TRP B 143 -12.18 -44.77 -8.85
N THR B 144 -12.72 -45.82 -8.22
CA THR B 144 -12.12 -47.16 -8.29
C THR B 144 -13.10 -48.26 -8.71
N HIS B 145 -14.38 -47.97 -8.94
CA HIS B 145 -15.37 -48.98 -9.39
C HIS B 145 -15.77 -48.70 -10.83
N HIS B 146 -15.48 -49.62 -11.73
CA HIS B 146 -15.83 -49.56 -13.18
C HIS B 146 -17.35 -49.79 -13.38
N SER B 147 -17.80 -49.66 -14.63
CA SER B 147 -19.23 -49.59 -15.00
C SER B 147 -19.99 -50.88 -14.61
N ARG B 148 -19.32 -52.01 -14.41
CA ARG B 148 -20.02 -53.25 -13.98
C ARG B 148 -20.19 -53.28 -12.45
N GLU B 149 -19.59 -52.36 -11.70
CA GLU B 149 -19.71 -52.33 -10.22
C GLU B 149 -20.51 -51.12 -9.75
N ILE B 150 -20.30 -49.94 -10.36
CA ILE B 150 -21.07 -48.72 -10.07
C ILE B 150 -21.49 -48.10 -11.41
N SER B 151 -22.77 -47.80 -11.54
CA SER B 151 -23.31 -46.98 -12.64
C SER B 151 -23.75 -45.66 -12.04
N VAL B 152 -23.57 -44.58 -12.79
CA VAL B 152 -23.88 -43.21 -12.32
C VAL B 152 -24.87 -42.61 -13.30
N ASP B 153 -25.99 -42.10 -12.81
CA ASP B 153 -27.08 -41.46 -13.58
C ASP B 153 -27.36 -40.09 -12.99
N PRO B 154 -27.68 -39.08 -13.82
CA PRO B 154 -28.24 -37.81 -13.31
C PRO B 154 -29.70 -37.97 -12.84
N THR B 155 -30.14 -37.15 -11.86
CA THR B 155 -31.57 -36.88 -11.48
C THR B 155 -32.20 -35.96 -12.54
N THR B 156 -32.21 -34.62 -12.35
CA THR B 156 -32.59 -33.57 -13.37
C THR B 156 -31.45 -33.29 -14.37
N GLU B 157 -31.69 -33.73 -15.61
CA GLU B 157 -30.93 -33.43 -16.87
C GLU B 157 -30.71 -31.91 -17.01
N ASN B 158 -31.79 -31.10 -17.02
CA ASN B 158 -31.82 -29.69 -17.52
C ASN B 158 -32.53 -28.82 -16.48
N SER B 159 -31.96 -27.65 -16.20
CA SER B 159 -32.31 -26.75 -15.06
C SER B 159 -31.49 -25.46 -15.12
N ASP B 160 -31.98 -24.40 -14.50
CA ASP B 160 -31.29 -23.09 -14.34
C ASP B 160 -30.93 -22.87 -12.86
N ASP B 161 -31.36 -23.77 -11.93
CA ASP B 161 -30.87 -23.89 -10.55
C ASP B 161 -31.28 -22.64 -9.75
N SER B 162 -32.34 -21.94 -10.14
CA SER B 162 -32.77 -20.70 -9.44
C SER B 162 -33.42 -21.04 -8.08
N GLU B 163 -33.82 -22.30 -7.92
CA GLU B 163 -34.29 -22.84 -6.62
C GLU B 163 -33.20 -22.70 -5.56
N TYR B 164 -31.94 -22.90 -5.91
CA TYR B 164 -30.84 -23.15 -4.93
C TYR B 164 -29.83 -21.98 -4.97
N PHE B 165 -29.58 -21.38 -6.14
CA PHE B 165 -28.39 -20.52 -6.35
C PHE B 165 -28.62 -19.20 -5.61
N SER B 166 -27.63 -18.74 -4.84
CA SER B 166 -27.80 -17.48 -4.06
C SER B 166 -27.81 -16.29 -5.03
N GLN B 167 -28.83 -15.44 -5.02
CA GLN B 167 -28.85 -14.21 -5.84
C GLN B 167 -27.93 -13.16 -5.21
N TYR B 168 -27.17 -13.47 -4.17
CA TYR B 168 -26.16 -12.51 -3.67
C TYR B 168 -24.77 -12.70 -4.31
N SER B 169 -24.57 -13.81 -5.01
CA SER B 169 -23.36 -14.03 -5.82
C SER B 169 -23.12 -12.87 -6.77
N ARG B 170 -21.89 -12.59 -7.12
CA ARG B 170 -21.54 -11.68 -8.23
C ARG B 170 -21.70 -12.41 -9.57
N PHE B 171 -21.98 -13.71 -9.59
CA PHE B 171 -22.28 -14.48 -10.81
C PHE B 171 -23.77 -14.77 -10.88
N GLU B 172 -24.27 -14.98 -12.09
CA GLU B 172 -25.61 -15.61 -12.28
C GLU B 172 -25.41 -16.90 -13.08
N ILE B 173 -26.26 -17.87 -12.77
CA ILE B 173 -26.35 -19.14 -13.54
C ILE B 173 -27.38 -18.96 -14.66
N LEU B 174 -26.94 -19.27 -15.88
CA LEU B 174 -27.77 -19.26 -17.10
C LEU B 174 -28.37 -20.65 -17.27
N ASP B 175 -27.60 -21.71 -17.02
CA ASP B 175 -28.00 -23.09 -17.37
C ASP B 175 -27.11 -24.11 -16.66
N VAL B 176 -27.68 -25.20 -16.21
CA VAL B 176 -26.96 -26.40 -15.70
C VAL B 176 -27.49 -27.61 -16.47
N THR B 177 -26.66 -28.33 -17.21
CA THR B 177 -27.04 -29.61 -17.82
C THR B 177 -26.16 -30.71 -17.23
N GLN B 178 -26.80 -31.84 -16.91
CA GLN B 178 -26.18 -33.00 -16.23
C GLN B 178 -26.39 -34.15 -17.20
N LYS B 179 -25.32 -34.72 -17.75
CA LYS B 179 -25.46 -35.86 -18.71
C LYS B 179 -24.50 -36.97 -18.27
N LYS B 180 -24.82 -38.20 -18.63
CA LYS B 180 -24.07 -39.43 -18.32
C LYS B 180 -22.94 -39.54 -19.34
N ASN B 181 -21.78 -40.02 -18.93
CA ASN B 181 -20.60 -40.23 -19.81
C ASN B 181 -19.88 -41.49 -19.32
N SER B 182 -18.73 -41.73 -19.92
CA SER B 182 -17.91 -42.93 -19.74
C SER B 182 -16.47 -42.51 -20.06
N VAL B 183 -15.51 -42.71 -19.14
CA VAL B 183 -14.05 -42.65 -19.49
C VAL B 183 -13.39 -44.03 -19.42
N THR B 184 -12.64 -44.41 -20.44
CA THR B 184 -11.62 -45.50 -20.41
C THR B 184 -10.26 -44.77 -20.36
N TYR B 185 -9.42 -45.04 -19.36
CA TYR B 185 -8.01 -44.59 -19.32
C TYR B 185 -7.09 -45.74 -19.69
N SER B 186 -5.89 -45.41 -20.15
CA SER B 186 -4.86 -46.40 -20.57
C SER B 186 -4.27 -47.14 -19.37
N CYS B 187 -4.53 -46.77 -18.10
CA CYS B 187 -4.24 -47.59 -16.89
C CYS B 187 -4.93 -48.96 -16.91
N CYS B 188 -6.13 -49.06 -17.49
CA CYS B 188 -7.17 -50.07 -17.14
C CYS B 188 -8.01 -50.42 -18.39
N PRO B 189 -8.41 -51.70 -18.61
CA PRO B 189 -9.30 -52.04 -19.74
C PRO B 189 -10.78 -51.62 -19.56
N GLU B 190 -11.22 -51.30 -18.33
CA GLU B 190 -12.66 -51.07 -18.05
C GLU B 190 -12.95 -49.58 -18.12
N ALA B 191 -14.24 -49.29 -18.29
CA ALA B 191 -14.82 -47.95 -18.40
C ALA B 191 -15.41 -47.57 -17.04
N TYR B 192 -15.27 -46.30 -16.70
CA TYR B 192 -15.76 -45.68 -15.44
C TYR B 192 -16.85 -44.71 -15.82
N GLU B 193 -18.02 -44.85 -15.23
CA GLU B 193 -19.16 -43.98 -15.61
C GLU B 193 -19.06 -42.70 -14.78
N ASP B 194 -19.50 -41.60 -15.38
CA ASP B 194 -19.49 -40.28 -14.69
C ASP B 194 -20.75 -39.54 -15.11
N VAL B 195 -21.09 -38.54 -14.31
CA VAL B 195 -22.00 -37.44 -14.71
C VAL B 195 -21.12 -36.24 -15.03
N GLU B 196 -21.39 -35.64 -16.16
CA GLU B 196 -20.73 -34.40 -16.62
C GLU B 196 -21.73 -33.30 -16.38
N VAL B 197 -21.38 -32.39 -15.46
CA VAL B 197 -22.24 -31.25 -15.09
C VAL B 197 -21.68 -30.03 -15.80
N SER B 198 -22.47 -29.44 -16.71
CA SER B 198 -22.12 -28.21 -17.45
C SER B 198 -22.78 -27.04 -16.73
N LEU B 199 -21.97 -26.25 -16.04
CA LEU B 199 -22.41 -25.01 -15.35
C LEU B 199 -22.15 -23.84 -16.31
N ASN B 200 -23.22 -23.29 -16.89
CA ASN B 200 -23.17 -22.09 -17.77
C ASN B 200 -23.48 -20.89 -16.87
N PHE B 201 -22.51 -20.01 -16.70
CA PHE B 201 -22.60 -18.88 -15.73
C PHE B 201 -21.89 -17.67 -16.30
N ARG B 202 -22.22 -16.49 -15.78
CA ARG B 202 -21.52 -15.26 -16.17
C ARG B 202 -21.47 -14.27 -15.01
N LYS B 203 -20.57 -13.30 -15.10
CA LYS B 203 -20.45 -12.17 -14.14
C LYS B 203 -21.65 -11.24 -14.34
N LYS B 204 -22.30 -10.78 -13.28
CA LYS B 204 -23.47 -9.82 -13.35
C LYS B 204 -23.03 -8.45 -13.85
N ALA C 1 -17.36 -67.53 -2.57
CA ALA C 1 -16.90 -66.27 -1.88
C ALA C 1 -17.51 -65.05 -2.59
N ASP C 2 -18.18 -64.16 -1.84
CA ASP C 2 -18.64 -62.84 -2.30
C ASP C 2 -17.60 -61.76 -1.93
N ARG C 3 -17.88 -60.49 -2.23
CA ARG C 3 -16.92 -59.38 -2.00
C ARG C 3 -16.63 -59.20 -0.51
N ALA C 4 -17.60 -59.42 0.37
CA ALA C 4 -17.41 -59.30 1.83
C ALA C 4 -16.39 -60.37 2.30
N ASP C 5 -16.51 -61.59 1.79
CA ASP C 5 -15.59 -62.70 2.15
C ASP C 5 -14.18 -62.36 1.67
N ILE C 6 -14.08 -61.83 0.45
CA ILE C 6 -12.76 -61.46 -0.12
C ILE C 6 -12.12 -60.40 0.77
N LEU C 7 -12.88 -59.35 1.15
CA LEU C 7 -12.33 -58.28 2.01
C LEU C 7 -11.94 -58.88 3.37
N TYR C 8 -12.81 -59.71 3.95
CA TYR C 8 -12.55 -60.34 5.25
C TYR C 8 -11.22 -61.12 5.18
N ASN C 9 -11.00 -61.94 4.15
CA ASN C 9 -9.81 -62.82 4.02
C ASN C 9 -8.56 -61.96 3.80
N ILE C 10 -8.69 -60.90 2.99
CA ILE C 10 -7.59 -59.93 2.80
C ILE C 10 -7.20 -59.35 4.17
N ARG C 11 -8.14 -59.03 5.03
CA ARG C 11 -7.79 -58.47 6.37
C ARG C 11 -7.15 -59.55 7.26
N GLN C 12 -7.49 -60.83 7.14
CA GLN C 12 -6.84 -61.91 7.92
C GLN C 12 -5.35 -62.03 7.55
N THR C 13 -4.96 -61.90 6.29
CA THR C 13 -3.58 -62.26 5.84
C THR C 13 -2.78 -60.99 5.53
N SER C 14 -3.41 -59.87 5.23
CA SER C 14 -2.73 -58.57 4.95
C SER C 14 -2.07 -58.08 6.24
N ARG C 15 -0.82 -57.67 6.13
CA ARG C 15 -0.02 -57.05 7.19
C ARG C 15 0.38 -55.68 6.69
N PRO C 16 -0.43 -54.63 6.98
CA PRO C 16 -0.16 -53.29 6.48
C PRO C 16 1.25 -52.76 6.78
N ASP C 17 1.86 -53.22 7.86
CA ASP C 17 3.16 -52.62 8.32
C ASP C 17 4.33 -53.54 7.96
N VAL C 18 4.11 -54.59 7.16
CA VAL C 18 5.16 -55.60 6.81
C VAL C 18 5.30 -55.65 5.28
N ILE C 19 6.50 -55.37 4.83
CA ILE C 19 6.82 -55.38 3.39
C ILE C 19 6.61 -56.81 2.92
N PRO C 20 5.83 -57.07 1.84
CA PRO C 20 5.51 -58.43 1.42
C PRO C 20 6.56 -59.03 0.49
N THR C 21 7.79 -59.15 0.97
CA THR C 21 8.91 -59.71 0.18
C THR C 21 8.66 -61.20 0.02
N GLN C 22 8.97 -61.73 -1.16
CA GLN C 22 8.88 -63.19 -1.43
C GLN C 22 10.33 -63.71 -1.47
N ARG C 23 10.71 -64.62 -0.58
CA ARG C 23 12.05 -65.25 -0.51
C ARG C 23 13.18 -64.23 -0.60
N ASP C 24 13.12 -63.15 0.19
CA ASP C 24 13.97 -61.93 0.32
C ASP C 24 14.52 -61.41 -1.03
N ARG C 25 13.66 -61.49 -2.04
CA ARG C 25 13.70 -60.62 -3.24
C ARG C 25 13.10 -59.27 -2.83
N PRO C 26 13.57 -58.17 -3.43
CA PRO C 26 12.91 -56.88 -3.22
C PRO C 26 11.46 -56.92 -3.75
N VAL C 27 10.59 -56.11 -3.16
CA VAL C 27 9.25 -55.84 -3.71
C VAL C 27 9.45 -54.92 -4.90
N ALA C 28 9.02 -55.36 -6.08
CA ALA C 28 9.14 -54.61 -7.34
C ALA C 28 7.97 -53.65 -7.37
N VAL C 29 8.23 -52.36 -7.17
CA VAL C 29 7.15 -51.33 -7.22
C VAL C 29 7.30 -50.61 -8.56
N SER C 30 6.21 -50.48 -9.29
CA SER C 30 6.17 -49.66 -10.53
CA SER C 30 6.17 -49.66 -10.53
C SER C 30 5.44 -48.35 -10.22
N VAL C 31 5.99 -47.26 -10.69
CA VAL C 31 5.50 -45.89 -10.40
C VAL C 31 5.52 -45.12 -11.71
N SER C 32 4.42 -44.46 -12.04
CA SER C 32 4.33 -43.61 -13.22
C SER C 32 3.46 -42.41 -12.89
N LEU C 33 3.98 -41.19 -13.06
CA LEU C 33 3.21 -39.93 -12.80
C LEU C 33 2.57 -39.54 -14.12
N LYS C 34 1.26 -39.32 -14.11
CA LYS C 34 0.51 -38.77 -15.25
C LYS C 34 0.12 -37.37 -14.81
N PHE C 35 0.69 -36.35 -15.45
CA PHE C 35 0.47 -34.94 -15.10
C PHE C 35 -0.94 -34.60 -15.58
N ILE C 36 -1.72 -33.99 -14.70
CA ILE C 36 -3.10 -33.56 -15.00
C ILE C 36 -3.11 -32.03 -15.14
N ASN C 37 -2.39 -31.32 -14.30
CA ASN C 37 -2.42 -29.84 -14.31
CA ASN C 37 -2.45 -29.85 -14.29
C ASN C 37 -1.12 -29.31 -13.74
N ILE C 38 -0.72 -28.16 -14.24
CA ILE C 38 0.37 -27.34 -13.68
C ILE C 38 -0.30 -26.03 -13.31
N LEU C 39 -0.37 -25.74 -12.01
CA LEU C 39 -1.28 -24.70 -11.47
C LEU C 39 -0.52 -23.41 -11.22
N GLU C 40 0.71 -23.48 -10.71
CA GLU C 40 1.48 -22.25 -10.39
C GLU C 40 2.93 -22.60 -10.69
N VAL C 41 3.62 -21.67 -11.28
CA VAL C 41 5.05 -21.81 -11.59
C VAL C 41 5.66 -20.49 -11.18
N ASN C 42 6.74 -20.51 -10.42
CA ASN C 42 7.43 -19.28 -9.99
C ASN C 42 8.88 -19.41 -10.45
N GLU C 43 9.24 -18.64 -11.49
CA GLU C 43 10.58 -18.68 -12.12
C GLU C 43 11.62 -18.05 -11.18
N ILE C 44 11.19 -17.12 -10.33
CA ILE C 44 12.10 -16.50 -9.32
C ILE C 44 12.46 -17.51 -8.22
N THR C 45 11.49 -18.22 -7.64
CA THR C 45 11.74 -19.13 -6.49
C THR C 45 12.01 -20.57 -6.97
N ASN C 46 11.86 -20.86 -8.26
CA ASN C 46 12.04 -22.23 -8.81
C ASN C 46 11.08 -23.20 -8.11
N GLU C 47 9.80 -22.89 -8.08
CA GLU C 47 8.76 -23.72 -7.42
C GLU C 47 7.60 -23.93 -8.39
N VAL C 48 7.06 -25.14 -8.39
CA VAL C 48 5.88 -25.49 -9.24
C VAL C 48 4.87 -26.23 -8.36
N ASP C 49 3.60 -26.01 -8.65
CA ASP C 49 2.45 -26.65 -7.98
C ASP C 49 1.78 -27.47 -9.09
N VAL C 50 1.74 -28.79 -8.94
CA VAL C 50 1.18 -29.69 -9.97
C VAL C 50 0.14 -30.64 -9.37
N VAL C 51 -0.72 -31.16 -10.24
CA VAL C 51 -1.66 -32.25 -9.93
C VAL C 51 -1.29 -33.41 -10.85
N PHE C 52 -1.11 -34.59 -10.28
CA PHE C 52 -0.71 -35.77 -11.07
C PHE C 52 -1.38 -37.00 -10.47
N TRP C 53 -1.64 -38.00 -11.32
CA TRP C 53 -2.12 -39.33 -10.90
C TRP C 53 -0.84 -40.16 -10.69
N GLN C 54 -0.59 -40.62 -9.47
CA GLN C 54 0.61 -41.41 -9.16
C GLN C 54 0.27 -42.91 -9.30
N ARG C 55 0.38 -43.43 -10.49
CA ARG C 55 -0.01 -44.81 -10.80
C ARG C 55 1.04 -45.73 -10.16
N THR C 56 0.64 -46.54 -9.19
CA THR C 56 1.54 -47.38 -8.36
C THR C 56 1.07 -48.82 -8.39
N THR C 57 1.92 -49.78 -8.75
CA THR C 57 1.57 -51.21 -8.79
C THR C 57 2.65 -52.01 -8.09
N TRP C 58 2.24 -53.10 -7.44
CA TRP C 58 3.13 -54.07 -6.79
C TRP C 58 2.33 -55.34 -6.57
N SER C 59 3.02 -56.41 -6.22
CA SER C 59 2.41 -57.71 -5.89
C SER C 59 2.54 -57.97 -4.38
N ASP C 60 1.49 -58.51 -3.79
CA ASP C 60 1.48 -59.00 -2.40
C ASP C 60 0.75 -60.34 -2.43
N ARG C 61 1.50 -61.44 -2.55
CA ARG C 61 0.95 -62.79 -2.76
C ARG C 61 0.17 -63.26 -1.54
N THR C 62 0.39 -62.66 -0.37
CA THR C 62 -0.40 -62.95 0.86
C THR C 62 -1.88 -62.65 0.59
N LEU C 63 -2.22 -61.72 -0.32
CA LEU C 63 -3.60 -61.30 -0.64
C LEU C 63 -4.33 -62.29 -1.56
N ALA C 64 -3.63 -63.17 -2.28
CA ALA C 64 -4.21 -63.97 -3.37
C ALA C 64 -5.40 -64.80 -2.85
N TRP C 65 -6.40 -65.03 -3.72
CA TRP C 65 -7.54 -65.89 -3.40
C TRP C 65 -7.95 -66.65 -4.65
N ASP C 66 -8.66 -67.74 -4.47
CA ASP C 66 -9.21 -68.54 -5.59
C ASP C 66 -10.44 -67.81 -6.14
N SER C 67 -10.36 -67.25 -7.34
CA SER C 67 -11.44 -66.51 -8.00
C SER C 67 -12.07 -67.33 -9.13
N SER C 68 -11.98 -68.65 -9.10
CA SER C 68 -12.59 -69.47 -10.18
C SER C 68 -14.12 -69.30 -10.17
N HIS C 69 -14.73 -69.02 -9.02
CA HIS C 69 -16.20 -68.89 -8.88
C HIS C 69 -16.54 -67.64 -8.08
N SER C 70 -15.76 -66.59 -8.20
CA SER C 70 -15.93 -65.39 -7.39
C SER C 70 -15.27 -64.21 -8.11
N PRO C 71 -15.60 -62.97 -7.76
CA PRO C 71 -14.98 -61.80 -8.39
C PRO C 71 -13.46 -61.90 -8.25
N ASP C 72 -12.73 -61.49 -9.30
CA ASP C 72 -11.26 -61.60 -9.32
C ASP C 72 -10.62 -60.26 -8.94
N GLN C 73 -11.38 -59.22 -8.63
CA GLN C 73 -10.87 -57.90 -8.23
C GLN C 73 -11.79 -57.27 -7.20
N VAL C 74 -11.24 -56.52 -6.26
CA VAL C 74 -12.05 -55.68 -5.32
C VAL C 74 -11.29 -54.38 -5.07
N SER C 75 -12.02 -53.31 -4.75
CA SER C 75 -11.51 -52.05 -4.19
C SER C 75 -11.37 -52.25 -2.69
N VAL C 76 -10.23 -51.89 -2.12
CA VAL C 76 -9.93 -52.07 -0.68
C VAL C 76 -9.38 -50.77 -0.16
N PRO C 77 -9.80 -50.29 1.04
CA PRO C 77 -9.17 -49.11 1.63
C PRO C 77 -7.69 -49.37 1.86
N ILE C 78 -6.82 -48.41 1.55
CA ILE C 78 -5.34 -48.63 1.59
C ILE C 78 -4.92 -48.86 3.04
N SER C 79 -5.69 -48.44 4.03
CA SER C 79 -5.35 -48.71 5.45
C SER C 79 -5.40 -50.22 5.72
N SER C 80 -6.07 -51.03 4.88
CA SER C 80 -6.08 -52.49 5.05
C SER C 80 -4.87 -53.16 4.38
N LEU C 81 -4.06 -52.43 3.62
CA LEU C 81 -2.98 -52.98 2.76
C LEU C 81 -1.62 -52.44 3.19
N TRP C 82 -0.57 -53.19 2.91
CA TRP C 82 0.79 -52.59 2.82
C TRP C 82 0.84 -51.74 1.57
N VAL C 83 1.34 -50.52 1.70
CA VAL C 83 1.54 -49.60 0.55
C VAL C 83 3.00 -49.18 0.61
N PRO C 84 3.70 -49.09 -0.54
CA PRO C 84 5.08 -48.59 -0.52
C PRO C 84 5.16 -47.16 0.03
N ASP C 85 6.15 -46.89 0.88
CA ASP C 85 6.44 -45.59 1.54
C ASP C 85 7.15 -44.64 0.56
N LEU C 86 6.55 -44.37 -0.60
CA LEU C 86 7.17 -43.51 -1.63
C LEU C 86 7.14 -42.05 -1.19
N ALA C 87 8.18 -41.29 -1.46
CA ALA C 87 8.25 -39.85 -1.18
C ALA C 87 8.95 -39.17 -2.35
N ALA C 88 8.53 -37.94 -2.61
CA ALA C 88 9.20 -37.05 -3.56
C ALA C 88 10.28 -36.30 -2.83
N TYR C 89 11.54 -36.56 -3.15
CA TYR C 89 12.71 -36.02 -2.44
C TYR C 89 12.73 -34.49 -2.52
N ASN C 90 12.24 -33.90 -3.61
CA ASN C 90 12.31 -32.43 -3.83
C ASN C 90 10.95 -31.77 -3.64
N ALA C 91 10.00 -32.44 -3.00
CA ALA C 91 8.71 -31.82 -2.60
C ALA C 91 8.96 -30.82 -1.47
N ILE C 92 8.23 -29.71 -1.50
CA ILE C 92 8.26 -28.66 -0.46
C ILE C 92 6.87 -28.52 0.13
N SER C 93 5.94 -29.42 -0.18
CA SER C 93 4.67 -29.60 0.56
C SER C 93 4.36 -31.06 0.68
N LYS C 94 3.52 -31.39 1.65
CA LYS C 94 2.91 -32.73 1.86
C LYS C 94 2.15 -33.09 0.59
N PRO C 95 2.10 -34.36 0.20
CA PRO C 95 1.24 -34.77 -0.88
C PRO C 95 -0.23 -34.58 -0.44
N GLU C 96 -1.02 -33.78 -1.14
CA GLU C 96 -2.46 -33.62 -0.84
C GLU C 96 -3.16 -34.66 -1.72
N VAL C 97 -3.68 -35.75 -1.13
CA VAL C 97 -4.42 -36.75 -1.91
C VAL C 97 -5.86 -36.28 -2.12
N LEU C 98 -6.26 -36.09 -3.37
CA LEU C 98 -7.56 -35.44 -3.71
C LEU C 98 -8.68 -36.47 -3.75
N THR C 99 -8.35 -37.75 -3.82
CA THR C 99 -9.29 -38.83 -4.25
C THR C 99 -9.48 -39.83 -3.13
N PRO C 100 -10.55 -40.63 -3.18
CA PRO C 100 -10.75 -41.70 -2.20
C PRO C 100 -9.53 -42.64 -2.15
N GLN C 101 -9.10 -42.99 -0.95
CA GLN C 101 -7.88 -43.78 -0.74
C GLN C 101 -8.24 -45.27 -0.77
N LEU C 102 -8.58 -45.74 -1.98
CA LEU C 102 -8.90 -47.15 -2.27
C LEU C 102 -7.94 -47.63 -3.34
N ALA C 103 -7.46 -48.85 -3.19
CA ALA C 103 -6.64 -49.56 -4.19
C ALA C 103 -7.45 -50.73 -4.74
N ARG C 104 -7.13 -51.19 -5.96
CA ARG C 104 -7.71 -52.42 -6.53
C ARG C 104 -6.76 -53.58 -6.27
N VAL C 105 -7.28 -54.66 -5.73
CA VAL C 105 -6.52 -55.91 -5.49
C VAL C 105 -7.08 -56.92 -6.48
N VAL C 106 -6.21 -57.52 -7.30
CA VAL C 106 -6.55 -58.67 -8.18
C VAL C 106 -6.30 -59.97 -7.40
N SER C 107 -7.00 -61.05 -7.75
CA SER C 107 -7.01 -62.36 -7.01
C SER C 107 -5.63 -63.03 -7.02
N ASP C 108 -4.73 -62.66 -7.94
CA ASP C 108 -3.33 -63.17 -7.95
C ASP C 108 -2.44 -62.36 -6.99
N GLY C 109 -2.98 -61.36 -6.29
CA GLY C 109 -2.16 -60.48 -5.41
C GLY C 109 -1.64 -59.19 -6.03
N GLU C 110 -1.87 -58.91 -7.30
CA GLU C 110 -1.49 -57.59 -7.91
C GLU C 110 -2.33 -56.46 -7.30
N VAL C 111 -1.67 -55.37 -6.93
CA VAL C 111 -2.33 -54.17 -6.36
C VAL C 111 -2.10 -53.00 -7.30
N LEU C 112 -3.15 -52.22 -7.54
CA LEU C 112 -3.07 -50.97 -8.30
C LEU C 112 -3.63 -49.86 -7.42
N TYR C 113 -2.86 -48.81 -7.19
CA TYR C 113 -3.25 -47.63 -6.40
C TYR C 113 -2.95 -46.41 -7.28
N VAL C 114 -3.96 -45.58 -7.54
CA VAL C 114 -3.79 -44.37 -8.39
C VAL C 114 -4.38 -43.15 -7.68
N PRO C 115 -3.69 -42.64 -6.65
CA PRO C 115 -4.13 -41.39 -6.02
C PRO C 115 -3.88 -40.19 -6.95
N SER C 116 -4.84 -39.28 -7.00
CA SER C 116 -4.63 -37.90 -7.54
C SER C 116 -4.02 -37.04 -6.45
N ILE C 117 -2.86 -36.48 -6.73
CA ILE C 117 -2.04 -35.75 -5.74
C ILE C 117 -1.79 -34.34 -6.26
N ARG C 118 -2.02 -33.36 -5.38
CA ARG C 118 -1.52 -32.00 -5.54
C ARG C 118 -0.32 -31.80 -4.61
N GLN C 119 0.79 -31.29 -5.15
CA GLN C 119 2.06 -31.17 -4.42
C GLN C 119 2.89 -30.05 -5.08
N ARG C 120 3.66 -29.38 -4.26
CA ARG C 120 4.61 -28.31 -4.63
C ARG C 120 6.03 -28.89 -4.63
N PHE C 121 6.83 -28.54 -5.63
CA PHE C 121 8.21 -29.01 -5.82
C PHE C 121 9.15 -27.83 -6.02
N SER C 122 10.38 -28.04 -5.54
CA SER C 122 11.55 -27.22 -5.84
C SER C 122 12.21 -27.85 -7.06
N CYS C 123 12.21 -27.16 -8.19
CA CYS C 123 12.84 -27.69 -9.42
C CYS C 123 13.16 -26.57 -10.39
N ASP C 124 13.84 -26.91 -11.48
CA ASP C 124 14.37 -25.93 -12.43
C ASP C 124 13.21 -25.40 -13.28
N VAL C 125 12.86 -24.14 -13.07
CA VAL C 125 11.77 -23.48 -13.81
C VAL C 125 12.36 -22.55 -14.88
N SER C 126 13.68 -22.44 -14.97
CA SER C 126 14.30 -21.56 -16.00
C SER C 126 13.90 -22.05 -17.39
N GLY C 127 13.53 -21.10 -18.27
CA GLY C 127 13.17 -21.41 -19.66
C GLY C 127 11.70 -21.65 -19.85
N VAL C 128 10.90 -21.54 -18.79
CA VAL C 128 9.45 -21.86 -18.87
C VAL C 128 8.76 -20.99 -19.93
N ASP C 129 9.21 -19.75 -20.14
CA ASP C 129 8.54 -18.79 -21.08
C ASP C 129 9.24 -18.80 -22.44
N THR C 130 10.09 -19.79 -22.72
CA THR C 130 10.80 -19.94 -24.01
C THR C 130 10.23 -21.14 -24.78
N GLU C 131 10.65 -21.30 -26.03
CA GLU C 131 10.17 -22.34 -26.96
C GLU C 131 10.56 -23.74 -26.46
N SER C 132 11.74 -23.91 -25.85
CA SER C 132 12.22 -25.27 -25.45
C SER C 132 11.73 -25.58 -24.03
N GLY C 133 11.28 -24.57 -23.29
CA GLY C 133 10.56 -24.77 -22.01
C GLY C 133 11.49 -25.03 -20.85
N ALA C 134 10.91 -25.25 -19.69
CA ALA C 134 11.60 -25.70 -18.46
C ALA C 134 11.61 -27.23 -18.43
N THR C 135 12.58 -27.79 -17.75
CA THR C 135 12.61 -29.23 -17.36
C THR C 135 12.68 -29.31 -15.84
N CYS C 136 11.56 -29.66 -15.24
CA CYS C 136 11.38 -29.84 -13.79
C CYS C 136 11.53 -31.32 -13.47
N ARG C 137 12.54 -31.68 -12.69
CA ARG C 137 12.83 -33.09 -12.33
C ARG C 137 12.21 -33.38 -10.98
N ILE C 138 11.40 -34.41 -10.91
CA ILE C 138 10.78 -34.89 -9.65
C ILE C 138 11.35 -36.27 -9.34
N LYS C 139 11.91 -36.42 -8.14
CA LYS C 139 12.62 -37.63 -7.70
C LYS C 139 11.74 -38.39 -6.70
N ILE C 140 11.29 -39.58 -7.03
CA ILE C 140 10.37 -40.38 -6.14
C ILE C 140 11.01 -41.75 -5.85
N GLY C 141 11.05 -42.12 -4.57
CA GLY C 141 11.56 -43.45 -4.15
C GLY C 141 11.03 -43.84 -2.82
N SER C 142 11.32 -45.07 -2.38
CA SER C 142 11.04 -45.48 -0.98
C SER C 142 11.83 -44.57 -0.04
N TRP C 143 11.18 -44.07 0.99
CA TRP C 143 11.86 -43.25 2.03
C TRP C 143 12.73 -44.13 2.92
N THR C 144 12.28 -45.33 3.27
CA THR C 144 12.95 -46.12 4.36
C THR C 144 13.35 -47.56 3.92
N HIS C 145 13.04 -47.98 2.69
CA HIS C 145 13.43 -49.32 2.19
C HIS C 145 14.51 -49.17 1.12
N HIS C 146 15.68 -49.73 1.39
CA HIS C 146 16.83 -49.78 0.45
C HIS C 146 16.58 -50.81 -0.69
N SER C 147 17.51 -50.90 -1.62
CA SER C 147 17.35 -51.59 -2.93
C SER C 147 17.15 -53.09 -2.73
N ARG C 148 17.55 -53.67 -1.60
CA ARG C 148 17.29 -55.11 -1.36
C ARG C 148 15.90 -55.35 -0.80
N GLU C 149 15.14 -54.32 -0.45
CA GLU C 149 13.77 -54.46 0.10
C GLU C 149 12.75 -53.92 -0.91
N ILE C 150 13.01 -52.79 -1.56
CA ILE C 150 12.12 -52.21 -2.59
C ILE C 150 12.96 -51.84 -3.82
N SER C 151 12.53 -52.26 -4.98
CA SER C 151 13.01 -51.74 -6.29
C SER C 151 11.89 -50.88 -6.87
N VAL C 152 12.24 -49.76 -7.48
CA VAL C 152 11.24 -48.87 -8.10
C VAL C 152 11.62 -48.71 -9.57
N ASP C 153 10.64 -48.95 -10.45
CA ASP C 153 10.83 -48.93 -11.93
C ASP C 153 9.73 -48.05 -12.50
N PRO C 154 10.03 -47.25 -13.55
CA PRO C 154 8.99 -46.60 -14.36
C PRO C 154 8.20 -47.62 -15.22
N THR C 155 7.03 -47.26 -15.76
CA THR C 155 6.15 -48.21 -16.55
C THR C 155 6.41 -48.13 -18.05
N SER C 159 6.87 -40.52 -23.05
CA SER C 159 5.45 -40.06 -23.14
C SER C 159 5.34 -38.52 -23.19
N ASP C 160 4.27 -38.02 -23.77
CA ASP C 160 3.95 -36.56 -23.84
C ASP C 160 2.69 -36.27 -23.01
N ASP C 161 1.99 -37.32 -22.50
CA ASP C 161 0.97 -37.20 -21.44
C ASP C 161 -0.28 -36.47 -21.97
N SER C 162 -0.51 -36.41 -23.27
CA SER C 162 -1.66 -35.67 -23.86
C SER C 162 -2.99 -36.41 -23.55
N GLU C 163 -2.89 -37.69 -23.21
CA GLU C 163 -4.04 -38.49 -22.73
C GLU C 163 -4.65 -37.83 -21.47
N TYR C 164 -3.82 -37.30 -20.58
CA TYR C 164 -4.24 -36.97 -19.18
C TYR C 164 -4.24 -35.45 -18.95
N PHE C 165 -3.35 -34.71 -19.60
CA PHE C 165 -3.04 -33.32 -19.18
C PHE C 165 -4.19 -32.41 -19.59
N SER C 166 -4.64 -31.55 -18.69
CA SER C 166 -5.78 -30.62 -18.91
C SER C 166 -5.34 -29.58 -19.95
N GLN C 167 -6.10 -29.43 -21.02
CA GLN C 167 -5.84 -28.38 -22.04
C GLN C 167 -6.28 -27.02 -21.46
N TYR C 168 -6.79 -26.93 -20.24
CA TYR C 168 -7.17 -25.64 -19.63
C TYR C 168 -6.03 -25.06 -18.79
N SER C 169 -4.98 -25.80 -18.51
CA SER C 169 -3.73 -25.25 -17.94
C SER C 169 -3.23 -24.07 -18.78
N ARG C 170 -2.55 -23.12 -18.18
CA ARG C 170 -1.76 -22.08 -18.90
C ARG C 170 -0.48 -22.67 -19.50
N PHE C 171 -0.11 -23.90 -19.08
CA PHE C 171 1.12 -24.58 -19.53
C PHE C 171 0.74 -25.70 -20.49
N GLU C 172 1.70 -26.09 -21.32
CA GLU C 172 1.57 -27.30 -22.16
C GLU C 172 2.80 -28.16 -21.90
N ILE C 173 2.61 -29.46 -21.99
CA ILE C 173 3.68 -30.47 -21.79
C ILE C 173 4.30 -30.78 -23.14
N LEU C 174 5.62 -30.64 -23.24
CA LEU C 174 6.43 -30.98 -24.43
C LEU C 174 6.88 -32.43 -24.31
N ASP C 175 7.23 -32.90 -23.11
CA ASP C 175 7.84 -34.24 -22.92
C ASP C 175 7.85 -34.63 -21.43
N VAL C 176 7.60 -35.89 -21.13
CA VAL C 176 7.84 -36.48 -19.79
C VAL C 176 8.72 -37.72 -19.98
N THR C 177 9.91 -37.77 -19.37
CA THR C 177 10.76 -39.00 -19.36
C THR C 177 10.92 -39.43 -17.90
N GLN C 178 10.87 -40.74 -17.67
CA GLN C 178 10.88 -41.40 -16.35
C GLN C 178 12.09 -42.32 -16.39
N LYS C 179 13.11 -42.12 -15.56
CA LYS C 179 14.33 -42.95 -15.61
C LYS C 179 14.70 -43.37 -14.18
N LYS C 180 15.29 -44.55 -14.04
CA LYS C 180 15.55 -45.20 -12.74
C LYS C 180 16.90 -44.66 -12.25
N ASN C 181 17.08 -44.50 -10.94
CA ASN C 181 18.40 -44.23 -10.31
C ASN C 181 18.53 -45.01 -9.02
N SER C 182 19.73 -45.06 -8.46
CA SER C 182 20.05 -45.80 -7.23
C SER C 182 21.14 -45.01 -6.49
N VAL C 183 20.85 -44.46 -5.32
CA VAL C 183 21.70 -43.44 -4.64
C VAL C 183 22.08 -43.99 -3.27
N THR C 184 23.37 -43.86 -2.87
CA THR C 184 23.81 -44.10 -1.47
C THR C 184 23.86 -42.75 -0.74
N TYR C 185 23.20 -42.64 0.40
CA TYR C 185 23.14 -41.41 1.22
C TYR C 185 24.05 -41.59 2.44
N SER C 186 24.58 -40.51 2.99
CA SER C 186 25.62 -40.48 4.05
C SER C 186 25.10 -41.03 5.38
N CYS C 187 23.77 -41.14 5.60
CA CYS C 187 23.19 -41.78 6.82
C CYS C 187 23.52 -43.29 6.88
N CYS C 188 23.62 -43.97 5.73
CA CYS C 188 23.29 -45.42 5.58
C CYS C 188 24.18 -46.09 4.54
N PRO C 189 24.65 -47.34 4.75
CA PRO C 189 25.53 -48.00 3.77
C PRO C 189 24.80 -48.53 2.51
N GLU C 190 23.47 -48.64 2.53
CA GLU C 190 22.71 -49.27 1.41
C GLU C 190 22.26 -48.17 0.44
N ALA C 191 21.89 -48.61 -0.77
CA ALA C 191 21.39 -47.79 -1.88
C ALA C 191 19.87 -47.76 -1.87
N TYR C 192 19.29 -46.59 -2.14
CA TYR C 192 17.84 -46.36 -2.23
C TYR C 192 17.49 -46.07 -3.68
N GLU C 193 16.52 -46.79 -4.22
CA GLU C 193 16.15 -46.62 -5.64
C GLU C 193 15.15 -45.49 -5.76
N ASP C 194 15.23 -44.75 -6.87
CA ASP C 194 14.26 -43.68 -7.21
C ASP C 194 13.95 -43.73 -8.69
N VAL C 195 12.82 -43.16 -9.04
CA VAL C 195 12.47 -42.75 -10.42
C VAL C 195 12.64 -41.24 -10.48
N GLU C 196 13.33 -40.77 -11.48
CA GLU C 196 13.50 -39.33 -11.78
C GLU C 196 12.56 -39.04 -12.95
N VAL C 197 11.54 -38.21 -12.71
CA VAL C 197 10.54 -37.83 -13.71
C VAL C 197 10.90 -36.43 -14.21
N SER C 198 11.23 -36.32 -15.49
CA SER C 198 11.63 -35.05 -16.16
C SER C 198 10.42 -34.51 -16.89
N LEU C 199 9.82 -33.47 -16.35
CA LEU C 199 8.63 -32.78 -16.91
C LEU C 199 9.14 -31.58 -17.71
N ASN C 200 9.11 -31.68 -19.04
CA ASN C 200 9.49 -30.57 -19.96
C ASN C 200 8.18 -29.87 -20.35
N PHE C 201 8.02 -28.63 -19.93
CA PHE C 201 6.78 -27.86 -20.09
C PHE C 201 7.11 -26.40 -20.38
N ARG C 202 6.13 -25.69 -20.92
CA ARG C 202 6.28 -24.25 -21.20
C ARG C 202 4.92 -23.54 -21.12
N LYS C 203 4.96 -22.23 -20.96
CA LYS C 203 3.78 -21.34 -20.99
C LYS C 203 3.23 -21.30 -22.43
N LYS C 204 1.91 -21.41 -22.62
CA LYS C 204 1.25 -21.41 -23.97
C LYS C 204 1.42 -20.08 -24.72
N ASP D 2 10.78 -64.08 10.67
CA ASP D 2 10.64 -63.18 9.47
C ASP D 2 10.27 -61.76 9.94
N ARG D 3 10.05 -60.84 8.99
CA ARG D 3 9.75 -59.43 9.29
C ARG D 3 8.43 -59.31 10.07
N ALA D 4 7.43 -60.14 9.79
CA ALA D 4 6.13 -60.10 10.48
C ALA D 4 6.32 -60.45 11.96
N ASP D 5 7.14 -61.46 12.26
CA ASP D 5 7.43 -61.89 13.65
C ASP D 5 8.13 -60.75 14.38
N ILE D 6 9.08 -60.10 13.72
CA ILE D 6 9.85 -58.98 14.35
C ILE D 6 8.85 -57.86 14.66
N LEU D 7 7.97 -57.51 13.72
CA LEU D 7 6.98 -56.43 13.98
C LEU D 7 6.05 -56.87 15.11
N TYR D 8 5.57 -58.10 15.09
CA TYR D 8 4.68 -58.65 16.14
C TYR D 8 5.36 -58.49 17.52
N ASN D 9 6.64 -58.87 17.65
CA ASN D 9 7.38 -58.86 18.95
C ASN D 9 7.60 -57.39 19.38
N ILE D 10 7.93 -56.51 18.42
CA ILE D 10 8.05 -55.06 18.70
C ILE D 10 6.72 -54.55 19.29
N ARG D 11 5.58 -54.98 18.77
CA ARG D 11 4.27 -54.54 19.32
C ARG D 11 4.02 -55.14 20.70
N GLN D 12 4.50 -56.33 21.03
CA GLN D 12 4.36 -56.90 22.40
C GLN D 12 5.11 -56.03 23.43
N THR D 13 6.31 -55.52 23.13
CA THR D 13 7.22 -54.94 24.17
C THR D 13 7.30 -53.41 24.04
N SER D 14 7.03 -52.84 22.87
CA SER D 14 7.12 -51.38 22.62
C SER D 14 6.07 -50.65 23.47
N ARG D 15 6.47 -49.60 24.15
CA ARG D 15 5.55 -48.72 24.92
C ARG D 15 5.69 -47.30 24.36
N PRO D 16 4.89 -46.95 23.33
CA PRO D 16 5.06 -45.66 22.65
C PRO D 16 5.01 -44.43 23.59
N ASP D 17 4.35 -44.55 24.74
CA ASP D 17 4.13 -43.40 25.64
C ASP D 17 5.10 -43.43 26.82
N VAL D 18 6.09 -44.33 26.84
CA VAL D 18 7.01 -44.50 28.00
C VAL D 18 8.45 -44.35 27.51
N ILE D 19 9.19 -43.42 28.09
CA ILE D 19 10.60 -43.19 27.72
C ILE D 19 11.36 -44.48 28.06
N PRO D 20 12.13 -45.08 27.13
CA PRO D 20 12.82 -46.34 27.39
C PRO D 20 14.18 -46.12 28.07
N THR D 21 14.19 -45.50 29.25
CA THR D 21 15.42 -45.34 30.03
C THR D 21 15.79 -46.71 30.57
N GLN D 22 17.09 -47.02 30.59
CA GLN D 22 17.62 -48.28 31.15
C GLN D 22 18.33 -47.86 32.43
N ARG D 23 17.90 -48.44 33.56
CA ARG D 23 18.28 -48.02 34.94
C ARG D 23 18.07 -46.51 35.07
N ASP D 24 19.04 -45.81 35.65
CA ASP D 24 18.87 -44.34 35.90
C ASP D 24 19.22 -43.53 34.65
N ARG D 25 19.58 -44.14 33.50
CA ARG D 25 20.44 -43.43 32.52
C ARG D 25 19.54 -42.64 31.59
N PRO D 26 19.97 -41.43 31.16
CA PRO D 26 19.20 -40.71 30.15
C PRO D 26 19.18 -41.52 28.84
N VAL D 27 18.12 -41.37 28.05
CA VAL D 27 18.13 -41.82 26.64
C VAL D 27 18.97 -40.78 25.88
N ALA D 28 20.03 -41.25 25.24
CA ALA D 28 20.98 -40.42 24.46
C ALA D 28 20.34 -40.23 23.09
N VAL D 29 19.84 -39.04 22.80
CA VAL D 29 19.24 -38.73 21.48
C VAL D 29 20.26 -37.94 20.68
N SER D 30 20.52 -38.35 19.44
CA SER D 30 21.37 -37.60 18.50
C SER D 30 20.46 -36.93 17.49
N VAL D 31 20.70 -35.66 17.21
CA VAL D 31 19.92 -34.87 16.24
C VAL D 31 20.91 -34.16 15.34
N SER D 32 20.71 -34.27 14.04
CA SER D 32 21.53 -33.54 13.05
C SER D 32 20.64 -33.16 11.86
N LEU D 33 20.59 -31.87 11.53
CA LEU D 33 19.76 -31.32 10.42
C LEU D 33 20.62 -31.32 9.15
N LYS D 34 20.11 -31.89 8.05
CA LYS D 34 20.61 -31.66 6.69
C LYS D 34 19.63 -30.72 5.99
N PHE D 35 20.09 -29.50 5.68
CA PHE D 35 19.26 -28.47 5.04
C PHE D 35 19.08 -28.88 3.57
N ILE D 36 17.82 -28.87 3.14
CA ILE D 36 17.44 -29.21 1.76
C ILE D 36 17.07 -27.93 1.00
N ASN D 37 16.38 -26.99 1.67
CA ASN D 37 15.88 -25.80 0.95
C ASN D 37 15.67 -24.67 1.95
N ILE D 38 15.87 -23.46 1.47
CA ILE D 38 15.50 -22.21 2.17
C ILE D 38 14.54 -21.53 1.22
N LEU D 39 13.28 -21.41 1.61
CA LEU D 39 12.19 -21.15 0.64
C LEU D 39 11.79 -19.69 0.70
N GLU D 40 11.63 -19.16 1.90
CA GLU D 40 11.14 -17.77 2.03
C GLU D 40 11.91 -17.18 3.19
N VAL D 41 12.40 -16.01 2.96
CA VAL D 41 13.21 -15.30 3.97
C VAL D 41 12.61 -13.91 3.99
N ASN D 42 12.30 -13.42 5.17
CA ASN D 42 11.78 -12.06 5.33
C ASN D 42 12.72 -11.33 6.30
N GLU D 43 13.53 -10.42 5.75
CA GLU D 43 14.55 -9.66 6.52
C GLU D 43 13.85 -8.64 7.43
N ILE D 44 12.65 -8.18 7.06
CA ILE D 44 11.85 -7.24 7.89
C ILE D 44 11.30 -7.97 9.13
N THR D 45 10.69 -9.15 8.98
CA THR D 45 10.04 -9.88 10.10
C THR D 45 11.01 -10.85 10.77
N ASN D 46 12.21 -11.07 10.23
CA ASN D 46 13.19 -12.05 10.75
C ASN D 46 12.55 -13.46 10.81
N GLU D 47 12.01 -13.91 9.68
CA GLU D 47 11.35 -15.22 9.58
C GLU D 47 11.91 -15.95 8.35
N VAL D 48 12.12 -17.25 8.50
CA VAL D 48 12.64 -18.11 7.41
C VAL D 48 11.77 -19.37 7.39
N ASP D 49 11.59 -19.87 6.18
CA ASP D 49 10.87 -21.11 5.90
C ASP D 49 11.92 -22.04 5.32
N VAL D 50 12.18 -23.15 6.01
CA VAL D 50 13.24 -24.10 5.59
C VAL D 50 12.68 -25.52 5.50
N VAL D 51 13.36 -26.32 4.69
CA VAL D 51 13.13 -27.78 4.56
C VAL D 51 14.41 -28.46 4.99
N PHE D 52 14.34 -29.39 5.90
CA PHE D 52 15.53 -30.11 6.40
C PHE D 52 15.15 -31.56 6.71
N TRP D 53 16.10 -32.45 6.57
CA TRP D 53 16.00 -33.86 7.01
C TRP D 53 16.54 -33.87 8.44
N GLN D 54 15.69 -34.20 9.40
CA GLN D 54 16.06 -34.21 10.82
C GLN D 54 16.50 -35.61 11.20
N ARG D 55 17.78 -35.89 11.05
CA ARG D 55 18.36 -37.21 11.38
C ARG D 55 18.32 -37.36 12.89
N THR D 56 17.54 -38.30 13.39
CA THR D 56 17.28 -38.54 14.83
C THR D 56 17.61 -39.99 15.14
N THR D 57 18.51 -40.24 16.10
CA THR D 57 18.87 -41.62 16.51
C THR D 57 18.77 -41.72 18.02
N TRP D 58 18.39 -42.89 18.49
CA TRP D 58 18.35 -43.25 19.93
C TRP D 58 18.29 -44.74 20.04
N SER D 59 18.47 -45.24 21.24
CA SER D 59 18.35 -46.67 21.56
C SER D 59 17.08 -46.92 22.36
N ASP D 60 16.36 -47.97 22.03
CA ASP D 60 15.23 -48.50 22.81
C ASP D 60 15.43 -50.02 22.88
N ARG D 61 16.07 -50.49 23.95
CA ARG D 61 16.49 -51.89 24.08
C ARG D 61 15.27 -52.78 24.31
N THR D 62 14.11 -52.25 24.64
CA THR D 62 12.85 -53.02 24.71
C THR D 62 12.52 -53.61 23.32
N LEU D 63 12.95 -52.97 22.23
CA LEU D 63 12.71 -53.41 20.82
C LEU D 63 13.70 -54.54 20.39
N ALA D 64 14.84 -54.70 21.05
CA ALA D 64 15.99 -55.51 20.54
C ALA D 64 15.53 -56.97 20.38
N TRP D 65 16.09 -57.69 19.41
CA TRP D 65 15.73 -59.10 19.14
C TRP D 65 16.99 -59.85 18.65
N ASP D 66 16.96 -61.15 18.76
CA ASP D 66 18.01 -62.04 18.26
C ASP D 66 17.90 -62.12 16.73
N SER D 67 18.87 -61.57 15.99
CA SER D 67 18.87 -61.59 14.51
C SER D 67 19.89 -62.60 13.95
N SER D 68 20.29 -63.62 14.71
CA SER D 68 21.19 -64.67 14.18
C SER D 68 20.51 -65.42 13.01
N HIS D 69 19.18 -65.52 12.98
CA HIS D 69 18.44 -66.28 11.94
C HIS D 69 17.32 -65.44 11.35
N SER D 70 17.48 -64.12 11.31
CA SER D 70 16.35 -63.24 10.94
C SER D 70 16.91 -61.89 10.50
N PRO D 71 16.13 -61.07 9.75
CA PRO D 71 16.60 -59.76 9.32
C PRO D 71 16.99 -58.96 10.57
N ASP D 72 18.03 -58.14 10.45
CA ASP D 72 18.56 -57.37 11.59
C ASP D 72 17.99 -55.92 11.59
N GLN D 73 17.14 -55.55 10.61
CA GLN D 73 16.53 -54.20 10.55
C GLN D 73 15.13 -54.31 9.98
N VAL D 74 14.22 -53.46 10.44
CA VAL D 74 12.88 -53.31 9.82
C VAL D 74 12.49 -51.83 9.84
N SER D 75 11.64 -51.43 8.91
CA SER D 75 10.90 -50.14 8.91
C SER D 75 9.65 -50.34 9.73
N VAL D 76 9.39 -49.43 10.66
CA VAL D 76 8.26 -49.52 11.62
C VAL D 76 7.56 -48.17 11.61
N PRO D 77 6.21 -48.12 11.58
CA PRO D 77 5.52 -46.82 11.72
C PRO D 77 5.85 -46.23 13.09
N ILE D 78 6.14 -44.94 13.17
CA ILE D 78 6.57 -44.30 14.45
C ILE D 78 5.42 -44.36 15.45
N SER D 79 4.16 -44.52 15.02
CA SER D 79 3.04 -44.67 15.99
C SER D 79 3.22 -45.96 16.80
N SER D 80 4.00 -46.94 16.34
CA SER D 80 4.26 -48.17 17.13
C SER D 80 5.41 -47.99 18.12
N LEU D 81 6.15 -46.88 18.08
CA LEU D 81 7.43 -46.69 18.82
C LEU D 81 7.34 -45.49 19.76
N TRP D 82 8.13 -45.47 20.80
CA TRP D 82 8.43 -44.21 21.51
C TRP D 82 9.35 -43.40 20.60
N VAL D 83 9.05 -42.12 20.45
CA VAL D 83 9.90 -41.14 19.69
C VAL D 83 10.17 -40.00 20.65
N PRO D 84 11.40 -39.44 20.68
CA PRO D 84 11.65 -38.27 21.52
C PRO D 84 10.71 -37.11 21.14
N ASP D 85 10.19 -36.40 22.15
CA ASP D 85 9.28 -35.25 22.08
C ASP D 85 10.08 -33.98 21.76
N LEU D 86 10.80 -33.98 20.65
CA LEU D 86 11.66 -32.84 20.27
C LEU D 86 10.78 -31.69 19.79
N ALA D 87 11.14 -30.46 20.14
CA ALA D 87 10.46 -29.25 19.66
C ALA D 87 11.54 -28.24 19.29
N ALA D 88 11.25 -27.46 18.26
CA ALA D 88 12.10 -26.31 17.88
C ALA D 88 11.56 -25.12 18.68
N TYR D 89 12.35 -24.62 19.62
CA TYR D 89 11.90 -23.58 20.58
C TYR D 89 11.52 -22.29 19.82
N ASN D 90 12.18 -21.99 18.71
CA ASN D 90 11.96 -20.72 17.97
C ASN D 90 11.14 -20.96 16.68
N ALA D 91 10.47 -22.10 16.56
CA ALA D 91 9.50 -22.36 15.47
C ALA D 91 8.27 -21.49 15.70
N ILE D 92 7.72 -20.98 14.63
CA ILE D 92 6.46 -20.17 14.65
C ILE D 92 5.41 -20.88 13.79
N SER D 93 5.68 -22.11 13.35
CA SER D 93 4.66 -22.98 12.72
C SER D 93 4.93 -24.41 13.20
N LYS D 94 3.90 -25.24 13.12
CA LYS D 94 3.97 -26.70 13.36
C LYS D 94 4.91 -27.29 12.32
N PRO D 95 5.68 -28.33 12.69
CA PRO D 95 6.51 -29.01 11.70
C PRO D 95 5.58 -29.66 10.67
N GLU D 96 5.72 -29.35 9.38
CA GLU D 96 5.01 -30.07 8.29
C GLU D 96 5.92 -31.24 7.89
N VAL D 97 5.55 -32.47 8.24
CA VAL D 97 6.36 -33.67 7.91
C VAL D 97 6.00 -34.10 6.48
N LEU D 98 6.96 -34.06 5.58
CA LEU D 98 6.72 -34.23 4.12
C LEU D 98 6.79 -35.69 3.72
N THR D 99 7.30 -36.57 4.60
CA THR D 99 7.70 -37.94 4.24
C THR D 99 6.89 -38.93 5.05
N PRO D 100 6.84 -40.21 4.59
CA PRO D 100 6.21 -41.28 5.36
C PRO D 100 6.82 -41.36 6.78
N GLN D 101 5.98 -41.51 7.79
CA GLN D 101 6.42 -41.47 9.20
C GLN D 101 6.81 -42.89 9.64
N LEU D 102 7.92 -43.37 9.08
CA LEU D 102 8.50 -44.70 9.38
C LEU D 102 9.92 -44.49 9.86
N ALA D 103 10.32 -45.26 10.87
CA ALA D 103 11.68 -45.31 11.40
C ALA D 103 12.29 -46.68 11.07
N ARG D 104 13.62 -46.78 11.02
CA ARG D 104 14.31 -48.07 10.95
C ARG D 104 14.71 -48.47 12.37
N VAL D 105 14.37 -49.70 12.76
CA VAL D 105 14.79 -50.29 14.05
C VAL D 105 15.81 -51.37 13.70
N VAL D 106 17.01 -51.29 14.28
CA VAL D 106 18.07 -52.34 14.18
C VAL D 106 17.87 -53.31 15.36
N SER D 107 18.31 -54.57 15.21
CA SER D 107 18.08 -55.69 16.16
C SER D 107 18.72 -55.43 17.54
N ASP D 108 19.75 -54.57 17.61
CA ASP D 108 20.40 -54.16 18.88
C ASP D 108 19.59 -53.06 19.58
N GLY D 109 18.46 -52.60 19.02
CA GLY D 109 17.63 -51.55 19.66
C GLY D 109 17.87 -50.15 19.13
N GLU D 110 18.85 -49.91 18.26
CA GLU D 110 19.10 -48.56 17.68
C GLU D 110 17.95 -48.22 16.72
N VAL D 111 17.45 -46.99 16.82
CA VAL D 111 16.36 -46.45 15.98
C VAL D 111 16.93 -45.29 15.20
N LEU D 112 16.61 -45.25 13.90
CA LEU D 112 16.95 -44.08 13.05
C LEU D 112 15.63 -43.58 12.46
N TYR D 113 15.33 -42.31 12.68
CA TYR D 113 14.13 -41.64 12.13
C TYR D 113 14.62 -40.37 11.42
N VAL D 114 14.26 -40.21 10.15
CA VAL D 114 14.69 -39.06 9.33
C VAL D 114 13.49 -38.45 8.63
N PRO D 115 12.63 -37.72 9.37
CA PRO D 115 11.56 -36.97 8.73
C PRO D 115 12.14 -35.78 7.95
N SER D 116 11.61 -35.55 6.75
CA SER D 116 11.76 -34.29 5.99
C SER D 116 10.70 -33.33 6.52
N ILE D 117 11.15 -32.19 7.01
CA ILE D 117 10.27 -31.20 7.70
C ILE D 117 10.40 -29.88 6.97
N ARG D 118 9.23 -29.28 6.71
CA ARG D 118 9.12 -27.85 6.37
C ARG D 118 8.58 -27.10 7.59
N GLN D 119 9.26 -26.05 8.02
CA GLN D 119 8.88 -25.30 9.26
C GLN D 119 9.39 -23.86 9.12
N ARG D 120 8.66 -22.95 9.72
CA ARG D 120 8.96 -21.51 9.77
C ARG D 120 9.56 -21.20 11.15
N PHE D 121 10.63 -20.41 11.14
CA PHE D 121 11.37 -20.00 12.35
C PHE D 121 11.45 -18.49 12.43
N SER D 122 11.51 -18.03 13.68
CA SER D 122 11.92 -16.67 14.07
C SER D 122 13.43 -16.75 14.32
N CYS D 123 14.23 -16.10 13.50
CA CYS D 123 15.70 -16.09 13.68
C CYS D 123 16.30 -14.91 12.95
N ASP D 124 17.59 -14.70 13.17
CA ASP D 124 18.31 -13.51 12.67
C ASP D 124 18.53 -13.66 11.17
N VAL D 125 17.86 -12.85 10.39
CA VAL D 125 17.98 -12.87 8.91
C VAL D 125 18.84 -11.67 8.47
N SER D 126 19.29 -10.82 9.39
CA SER D 126 20.11 -9.64 9.02
C SER D 126 21.39 -10.16 8.32
N GLY D 127 21.78 -9.49 7.22
CA GLY D 127 23.02 -9.84 6.52
C GLY D 127 22.80 -10.83 5.39
N VAL D 128 21.57 -11.27 5.17
CA VAL D 128 21.29 -12.34 4.17
C VAL D 128 21.74 -11.87 2.78
N ASP D 129 21.68 -10.56 2.48
CA ASP D 129 22.00 -10.04 1.13
C ASP D 129 23.43 -9.52 1.08
N THR D 130 24.27 -9.85 2.06
CA THR D 130 25.69 -9.46 2.14
C THR D 130 26.57 -10.68 1.92
N GLU D 131 27.89 -10.45 1.82
CA GLU D 131 28.90 -11.50 1.55
C GLU D 131 29.01 -12.46 2.72
N SER D 132 28.83 -12.02 3.96
CA SER D 132 29.00 -12.87 5.17
C SER D 132 27.72 -13.64 5.48
N GLY D 133 26.60 -13.16 4.94
CA GLY D 133 25.31 -13.84 5.02
C GLY D 133 24.65 -13.67 6.37
N ALA D 134 23.49 -14.27 6.53
CA ALA D 134 22.75 -14.35 7.81
C ALA D 134 23.16 -15.62 8.55
N THR D 135 23.06 -15.60 9.87
CA THR D 135 23.17 -16.80 10.73
C THR D 135 21.85 -16.99 11.49
N CYS D 136 21.08 -17.96 11.05
CA CYS D 136 19.78 -18.33 11.64
C CYS D 136 20.02 -19.49 12.60
N ARG D 137 19.74 -19.29 13.89
CA ARG D 137 19.95 -20.33 14.91
C ARG D 137 18.63 -21.04 15.15
N ILE D 138 18.63 -22.36 15.05
CA ILE D 138 17.43 -23.19 15.33
C ILE D 138 17.74 -24.03 16.56
N LYS D 139 16.89 -23.94 17.57
CA LYS D 139 17.10 -24.55 18.89
C LYS D 139 16.13 -25.72 19.01
N ILE D 140 16.65 -26.95 19.09
CA ILE D 140 15.81 -28.17 19.20
C ILE D 140 16.18 -28.95 20.47
N GLY D 141 15.19 -29.38 21.24
CA GLY D 141 15.41 -30.28 22.39
C GLY D 141 14.12 -30.89 22.86
N SER D 142 14.20 -31.77 23.85
CA SER D 142 13.01 -32.41 24.46
C SER D 142 12.16 -31.31 25.08
N TRP D 143 10.86 -31.34 24.83
CA TRP D 143 9.91 -30.38 25.42
C TRP D 143 9.68 -30.74 26.89
N THR D 144 9.60 -32.02 27.26
CA THR D 144 9.11 -32.41 28.61
C THR D 144 10.06 -33.36 29.35
N HIS D 145 11.19 -33.75 28.78
CA HIS D 145 12.19 -34.62 29.48
C HIS D 145 13.45 -33.80 29.77
N HIS D 146 13.75 -33.62 31.05
CA HIS D 146 14.99 -32.95 31.54
C HIS D 146 16.23 -33.82 31.31
N SER D 147 17.40 -33.29 31.64
CA SER D 147 18.74 -33.84 31.30
C SER D 147 18.96 -35.22 31.91
N ARG D 148 18.25 -35.60 32.95
CA ARG D 148 18.41 -36.96 33.55
C ARG D 148 17.54 -37.99 32.80
N GLU D 149 16.65 -37.57 31.90
CA GLU D 149 15.78 -38.49 31.16
C GLU D 149 16.16 -38.51 29.68
N ILE D 150 16.47 -37.36 29.08
CA ILE D 150 16.94 -37.26 27.67
C ILE D 150 18.17 -36.36 27.65
N SER D 151 19.22 -36.84 27.01
CA SER D 151 20.40 -36.03 26.63
C SER D 151 20.38 -35.90 25.12
N VAL D 152 20.78 -34.74 24.61
CA VAL D 152 20.76 -34.45 23.16
C VAL D 152 22.17 -34.06 22.76
N ASP D 153 22.73 -34.74 21.75
CA ASP D 153 24.07 -34.44 21.20
C ASP D 153 23.95 -34.20 19.70
N PRO D 154 24.72 -33.23 19.16
CA PRO D 154 24.87 -33.12 17.70
C PRO D 154 25.77 -34.22 17.12
N THR D 155 25.75 -34.45 15.80
CA THR D 155 26.70 -35.33 15.06
C THR D 155 27.59 -34.44 14.18
N SER D 162 25.26 -29.27 3.48
CA SER D 162 25.23 -28.64 2.15
C SER D 162 25.16 -29.73 1.05
N GLU D 163 25.49 -30.97 1.41
CA GLU D 163 25.57 -32.10 0.47
C GLU D 163 24.21 -32.30 -0.24
N TYR D 164 23.09 -32.13 0.46
CA TYR D 164 21.75 -32.41 -0.10
C TYR D 164 20.96 -31.10 -0.30
N PHE D 165 21.63 -29.95 -0.24
CA PHE D 165 20.98 -28.63 -0.39
C PHE D 165 20.60 -28.43 -1.86
N SER D 166 19.38 -27.97 -2.13
CA SER D 166 18.86 -27.76 -3.49
C SER D 166 19.68 -26.67 -4.19
N GLN D 167 20.19 -26.99 -5.39
CA GLN D 167 20.87 -26.02 -6.28
C GLN D 167 19.86 -25.00 -6.80
N TYR D 168 18.55 -25.21 -6.61
CA TYR D 168 17.52 -24.35 -7.21
C TYR D 168 17.03 -23.33 -6.18
N SER D 169 17.39 -23.44 -4.90
CA SER D 169 17.13 -22.38 -3.90
C SER D 169 17.70 -21.06 -4.42
N ARG D 170 17.10 -19.94 -4.04
CA ARG D 170 17.69 -18.59 -4.25
C ARG D 170 18.85 -18.35 -3.27
N PHE D 171 19.02 -19.20 -2.26
CA PHE D 171 20.03 -19.07 -1.19
C PHE D 171 21.10 -20.13 -1.42
N GLU D 172 22.27 -19.89 -0.85
CA GLU D 172 23.35 -20.91 -0.76
C GLU D 172 23.77 -20.97 0.71
N ILE D 173 24.25 -22.15 1.11
CA ILE D 173 24.75 -22.40 2.49
C ILE D 173 26.25 -22.13 2.52
N LEU D 174 26.68 -21.28 3.45
CA LEU D 174 28.11 -20.97 3.72
C LEU D 174 28.62 -21.95 4.79
N ASP D 175 27.82 -22.26 5.80
CA ASP D 175 28.31 -23.01 7.00
C ASP D 175 27.12 -23.44 7.86
N VAL D 176 27.20 -24.62 8.44
CA VAL D 176 26.26 -25.15 9.47
C VAL D 176 27.10 -25.60 10.65
N THR D 177 26.89 -25.07 11.86
CA THR D 177 27.53 -25.56 13.10
C THR D 177 26.42 -26.00 14.06
N GLN D 178 26.65 -27.07 14.81
CA GLN D 178 25.71 -27.65 15.81
C GLN D 178 26.43 -27.58 17.14
N LYS D 179 25.88 -26.92 18.16
CA LYS D 179 26.46 -26.99 19.53
C LYS D 179 25.37 -27.36 20.55
N LYS D 180 25.79 -28.03 21.61
CA LYS D 180 24.89 -28.54 22.67
C LYS D 180 24.69 -27.39 23.66
N ASN D 181 23.52 -27.29 24.28
CA ASN D 181 23.28 -26.36 25.41
C ASN D 181 22.41 -27.06 26.45
N SER D 182 22.40 -26.51 27.66
CA SER D 182 21.65 -27.06 28.81
C SER D 182 21.10 -25.90 29.64
N VAL D 183 19.78 -25.73 29.69
CA VAL D 183 19.12 -24.47 30.14
C VAL D 183 18.18 -24.85 31.28
N THR D 184 18.17 -24.05 32.37
CA THR D 184 17.12 -24.14 33.44
C THR D 184 16.08 -23.07 33.14
N TYR D 185 14.81 -23.46 33.05
CA TYR D 185 13.68 -22.55 32.77
C TYR D 185 12.92 -22.37 34.09
N SER D 186 12.28 -21.21 34.25
CA SER D 186 11.71 -20.73 35.53
C SER D 186 10.50 -21.57 35.96
N CYS D 187 9.90 -22.40 35.09
CA CYS D 187 8.84 -23.39 35.42
C CYS D 187 9.33 -24.45 36.43
N CYS D 188 10.61 -24.85 36.38
CA CYS D 188 11.10 -26.21 36.74
C CYS D 188 12.53 -26.13 37.29
N PRO D 189 12.89 -26.92 38.33
CA PRO D 189 14.26 -26.89 38.87
C PRO D 189 15.31 -27.62 37.98
N GLU D 190 14.90 -28.46 37.04
CA GLU D 190 15.84 -29.31 36.25
C GLU D 190 16.21 -28.58 34.96
N ALA D 191 17.32 -29.03 34.37
CA ALA D 191 17.90 -28.51 33.12
C ALA D 191 17.39 -29.33 31.93
N TYR D 192 17.10 -28.66 30.83
CA TYR D 192 16.62 -29.24 29.55
C TYR D 192 17.73 -29.07 28.52
N GLU D 193 18.08 -30.14 27.84
CA GLU D 193 19.18 -30.08 26.84
C GLU D 193 18.57 -29.65 25.51
N ASP D 194 19.36 -28.91 24.73
CA ASP D 194 19.02 -28.60 23.32
C ASP D 194 20.28 -28.67 22.46
N VAL D 195 20.07 -28.83 21.18
CA VAL D 195 21.10 -28.56 20.14
C VAL D 195 20.72 -27.24 19.48
N GLU D 196 21.69 -26.36 19.35
CA GLU D 196 21.55 -25.09 18.61
C GLU D 196 22.22 -25.29 17.27
N VAL D 197 21.45 -25.24 16.19
CA VAL D 197 21.97 -25.38 14.82
C VAL D 197 22.08 -23.99 14.20
N SER D 198 23.28 -23.57 13.86
CA SER D 198 23.57 -22.24 13.25
C SER D 198 23.69 -22.44 11.73
N LEU D 199 22.68 -21.99 11.01
CA LEU D 199 22.64 -22.00 9.52
C LEU D 199 23.14 -20.65 9.01
N ASN D 200 24.36 -20.61 8.47
CA ASN D 200 24.93 -19.41 7.82
C ASN D 200 24.64 -19.53 6.32
N PHE D 201 23.82 -18.62 5.80
CA PHE D 201 23.34 -18.67 4.40
C PHE D 201 23.26 -17.26 3.83
N ARG D 202 23.24 -17.17 2.50
CA ARG D 202 23.14 -15.88 1.82
C ARG D 202 22.42 -16.01 0.49
N LYS D 203 21.86 -14.89 -0.01
CA LYS D 203 21.18 -14.81 -1.32
C LYS D 203 22.25 -14.94 -2.41
N LYS D 204 22.00 -15.75 -3.44
CA LYS D 204 22.88 -15.90 -4.62
C LYS D 204 22.86 -14.64 -5.49
N GLY D 205 21.74 -13.93 -5.67
CA GLY D 205 21.70 -12.79 -6.62
C GLY D 205 22.47 -11.55 -6.15
N ARG D 206 22.29 -10.44 -6.88
CA ARG D 206 22.52 -9.06 -6.39
C ARG D 206 21.26 -8.55 -5.67
N SER D 207 21.30 -7.31 -5.10
CA SER D 207 20.26 -6.67 -4.20
C SER D 207 20.08 -5.18 -4.52
N ALA E 1 8.03 -50.44 40.97
CA ALA E 1 7.28 -49.92 39.86
C ALA E 1 8.19 -49.05 38.94
N ASP E 2 8.18 -49.27 37.64
CA ASP E 2 8.91 -48.47 36.62
C ASP E 2 7.94 -47.49 35.94
N ARG E 3 8.41 -46.73 34.94
CA ARG E 3 7.61 -45.70 34.24
C ARG E 3 6.42 -46.33 33.52
N ALA E 4 6.55 -47.55 32.97
CA ALA E 4 5.43 -48.23 32.28
C ALA E 4 4.32 -48.53 33.29
N ASP E 5 4.67 -48.99 34.49
CA ASP E 5 3.70 -49.31 35.57
C ASP E 5 3.01 -48.02 35.99
N ILE E 6 3.74 -46.92 36.13
CA ILE E 6 3.16 -45.62 36.53
C ILE E 6 2.16 -45.19 35.46
N LEU E 7 2.51 -45.28 34.18
CA LEU E 7 1.56 -44.88 33.11
C LEU E 7 0.35 -45.82 33.15
N TYR E 8 0.57 -47.12 33.29
CA TYR E 8 -0.51 -48.14 33.35
C TYR E 8 -1.48 -47.76 34.49
N ASN E 9 -0.98 -47.44 35.69
CA ASN E 9 -1.83 -47.15 36.89
C ASN E 9 -2.55 -45.82 36.69
N ILE E 10 -1.89 -44.83 36.10
CA ILE E 10 -2.54 -43.54 35.71
C ILE E 10 -3.74 -43.87 34.79
N ARG E 11 -3.60 -44.76 33.83
CA ARG E 11 -4.73 -45.12 32.95
C ARG E 11 -5.83 -45.89 33.70
N GLN E 12 -5.52 -46.68 34.72
CA GLN E 12 -6.56 -47.35 35.55
C GLN E 12 -7.43 -46.32 36.29
N THR E 13 -6.88 -45.24 36.83
CA THR E 13 -7.60 -44.36 37.80
C THR E 13 -7.96 -43.02 37.14
N SER E 14 -7.22 -42.56 36.12
CA SER E 14 -7.47 -41.27 35.42
C SER E 14 -8.82 -41.34 34.72
N ARG E 15 -9.63 -40.30 34.86
CA ARG E 15 -10.90 -40.12 34.14
C ARG E 15 -10.79 -38.83 33.34
N PRO E 16 -10.32 -38.91 32.08
CA PRO E 16 -9.99 -37.69 31.33
C PRO E 16 -11.18 -36.74 31.16
N ASP E 17 -12.41 -37.25 31.26
CA ASP E 17 -13.62 -36.46 30.97
C ASP E 17 -14.30 -36.05 32.29
N VAL E 18 -13.68 -36.26 33.45
CA VAL E 18 -14.31 -35.95 34.78
C VAL E 18 -13.40 -35.00 35.55
N ILE E 19 -13.94 -33.86 35.92
CA ILE E 19 -13.18 -32.84 36.69
C ILE E 19 -12.81 -33.49 38.03
N PRO E 20 -11.53 -33.46 38.45
CA PRO E 20 -11.12 -34.10 39.71
C PRO E 20 -11.33 -33.19 40.93
N THR E 21 -12.55 -32.74 41.17
CA THR E 21 -12.85 -31.91 42.37
C THR E 21 -12.76 -32.84 43.57
N GLN E 22 -12.26 -32.33 44.68
CA GLN E 22 -12.22 -33.06 45.98
C GLN E 22 -13.26 -32.38 46.86
N ARG E 23 -14.29 -33.11 47.29
CA ARG E 23 -15.30 -32.67 48.31
C ARG E 23 -15.88 -31.29 47.96
N ASP E 24 -16.29 -31.06 46.71
CA ASP E 24 -17.06 -29.84 46.31
C ASP E 24 -16.17 -28.59 46.33
N ARG E 25 -14.85 -28.71 46.47
CA ARG E 25 -13.91 -27.59 46.27
C ARG E 25 -13.68 -27.44 44.79
N PRO E 26 -13.51 -26.21 44.29
CA PRO E 26 -13.11 -26.03 42.89
C PRO E 26 -11.71 -26.64 42.67
N VAL E 27 -11.43 -27.07 41.44
CA VAL E 27 -10.06 -27.35 41.00
C VAL E 27 -9.38 -26.01 40.79
N ALA E 28 -8.30 -25.76 41.52
CA ALA E 28 -7.51 -24.51 41.46
C ALA E 28 -6.58 -24.64 40.27
N VAL E 29 -6.84 -23.93 39.19
CA VAL E 29 -5.97 -23.98 37.99
C VAL E 29 -5.13 -22.71 38.00
N SER E 30 -3.82 -22.84 37.83
CA SER E 30 -2.91 -21.69 37.72
C SER E 30 -2.48 -21.56 36.27
N VAL E 31 -2.56 -20.35 35.74
CA VAL E 31 -2.29 -20.05 34.31
C VAL E 31 -1.37 -18.85 34.28
N SER E 32 -0.28 -18.93 33.53
CA SER E 32 0.61 -17.77 33.31
C SER E 32 1.17 -17.86 31.89
N LEU E 33 1.01 -16.78 31.11
CA LEU E 33 1.51 -16.70 29.72
C LEU E 33 2.93 -16.15 29.72
N LYS E 34 3.87 -16.84 29.06
CA LYS E 34 5.18 -16.27 28.67
C LYS E 34 5.13 -15.97 27.18
N PHE E 35 5.18 -14.71 26.81
CA PHE E 35 5.16 -14.26 25.41
C PHE E 35 6.49 -14.61 24.75
N ILE E 36 6.41 -15.26 23.60
CA ILE E 36 7.59 -15.68 22.80
C ILE E 36 7.70 -14.79 21.56
N ASN E 37 6.59 -14.44 20.91
CA ASN E 37 6.67 -13.70 19.62
C ASN E 37 5.37 -12.96 19.38
N ILE E 38 5.48 -11.83 18.73
CA ILE E 38 4.36 -11.07 18.14
C ILE E 38 4.66 -11.01 16.66
N LEU E 39 3.82 -11.66 15.85
CA LEU E 39 4.20 -12.06 14.48
C LEU E 39 3.58 -11.12 13.48
N GLU E 40 2.32 -10.83 13.65
CA GLU E 40 1.61 -10.03 12.61
C GLU E 40 0.64 -9.17 13.37
N VAL E 41 0.65 -7.92 13.01
CA VAL E 41 -0.17 -6.90 13.70
C VAL E 41 -0.85 -6.18 12.57
N ASN E 42 -2.16 -6.06 12.65
CA ASN E 42 -2.93 -5.26 11.66
C ASN E 42 -3.64 -4.15 12.42
N GLU E 43 -3.17 -2.92 12.26
CA GLU E 43 -3.67 -1.71 12.97
C GLU E 43 -5.04 -1.34 12.40
N ILE E 44 -5.32 -1.67 11.14
CA ILE E 44 -6.64 -1.41 10.51
C ILE E 44 -7.69 -2.37 11.12
N THR E 45 -7.42 -3.68 11.21
CA THR E 45 -8.42 -4.68 11.65
C THR E 45 -8.34 -4.92 13.15
N ASN E 46 -7.32 -4.39 13.84
CA ASN E 46 -7.13 -4.62 15.30
C ASN E 46 -7.00 -6.12 15.55
N GLU E 47 -6.06 -6.76 14.86
CA GLU E 47 -5.81 -8.21 15.01
C GLU E 47 -4.30 -8.41 15.19
N VAL E 48 -3.95 -9.33 16.08
CA VAL E 48 -2.52 -9.65 16.36
CA VAL E 48 -2.53 -9.65 16.35
C VAL E 48 -2.39 -11.17 16.39
N ASP E 49 -1.26 -11.65 15.94
CA ASP E 49 -0.88 -13.06 15.92
C ASP E 49 0.28 -13.18 16.91
N VAL E 50 0.11 -13.96 17.96
CA VAL E 50 1.14 -14.10 19.03
C VAL E 50 1.47 -15.58 19.26
N VAL E 51 2.67 -15.80 19.79
CA VAL E 51 3.16 -17.11 20.26
C VAL E 51 3.45 -16.96 21.74
N PHE E 52 2.90 -17.84 22.57
CA PHE E 52 3.12 -17.79 24.02
C PHE E 52 3.16 -19.22 24.57
N TRP E 53 3.90 -19.41 25.64
CA TRP E 53 3.91 -20.68 26.41
C TRP E 53 2.84 -20.49 27.48
N GLN E 54 1.82 -21.33 27.48
CA GLN E 54 0.73 -21.23 28.47
C GLN E 54 1.02 -22.16 29.64
N ARG E 55 1.73 -21.67 30.62
CA ARG E 55 2.10 -22.49 31.79
C ARG E 55 0.86 -22.75 32.63
N THR E 56 0.43 -24.00 32.74
CA THR E 56 -0.85 -24.42 33.35
C THR E 56 -0.58 -25.49 34.41
N THR E 57 -1.01 -25.30 35.65
CA THR E 57 -0.80 -26.29 36.74
C THR E 57 -2.12 -26.52 37.47
N TRP E 58 -2.32 -27.73 37.97
CA TRP E 58 -3.48 -28.11 38.80
C TRP E 58 -3.13 -29.42 39.49
N SER E 59 -3.95 -29.82 40.43
CA SER E 59 -3.81 -31.12 41.15
CA SER E 59 -3.81 -31.12 41.14
C SER E 59 -4.94 -32.06 40.73
N ASP E 60 -4.62 -33.32 40.52
CA ASP E 60 -5.60 -34.41 40.29
C ASP E 60 -5.17 -35.59 41.15
N ARG E 61 -5.73 -35.70 42.35
CA ARG E 61 -5.24 -36.68 43.36
C ARG E 61 -5.59 -38.11 42.93
N THR E 62 -6.50 -38.30 41.98
CA THR E 62 -6.80 -39.62 41.39
C THR E 62 -5.53 -40.19 40.71
N LEU E 63 -4.60 -39.33 40.25
CA LEU E 63 -3.34 -39.74 39.56
C LEU E 63 -2.24 -40.14 40.54
N ALA E 64 -2.33 -39.79 41.82
CA ALA E 64 -1.22 -39.93 42.79
C ALA E 64 -0.79 -41.40 42.85
N TRP E 65 0.50 -41.64 43.10
CA TRP E 65 1.01 -43.02 43.26
C TRP E 65 2.10 -42.98 44.33
N ASP E 66 2.36 -44.14 44.90
CA ASP E 66 3.45 -44.34 45.87
C ASP E 66 4.78 -44.34 45.11
N SER E 67 5.62 -43.31 45.29
CA SER E 67 6.95 -43.20 44.62
C SER E 67 8.09 -43.49 45.59
N SER E 68 7.86 -44.21 46.69
CA SER E 68 8.97 -44.59 47.61
C SER E 68 10.00 -45.45 46.87
N HIS E 69 9.61 -46.23 45.86
CA HIS E 69 10.50 -47.19 45.15
C HIS E 69 10.41 -46.99 43.64
N SER E 70 10.14 -45.77 43.18
CA SER E 70 9.86 -45.54 41.76
C SER E 70 10.01 -44.06 41.46
N PRO E 71 10.17 -43.69 40.18
CA PRO E 71 10.30 -42.28 39.81
C PRO E 71 9.08 -41.51 40.33
N ASP E 72 9.29 -40.26 40.76
CA ASP E 72 8.19 -39.46 41.34
C ASP E 72 7.59 -38.50 40.29
N GLN E 73 8.03 -38.53 39.04
CA GLN E 73 7.45 -37.71 37.93
C GLN E 73 7.50 -38.47 36.62
N VAL E 74 6.51 -38.30 35.76
CA VAL E 74 6.57 -38.83 34.38
C VAL E 74 5.94 -37.81 33.42
N SER E 75 6.36 -37.84 32.17
CA SER E 75 5.67 -37.18 31.03
CA SER E 75 5.67 -37.18 31.03
C SER E 75 4.57 -38.11 30.55
N VAL E 76 3.36 -37.58 30.37
CA VAL E 76 2.15 -38.36 30.01
C VAL E 76 1.46 -37.62 28.87
N PRO E 77 0.94 -38.31 27.83
CA PRO E 77 0.14 -37.63 26.81
C PRO E 77 -1.10 -37.04 27.50
N ILE E 78 -1.48 -35.82 27.12
CA ILE E 78 -2.63 -35.14 27.79
C ILE E 78 -3.93 -35.90 27.51
N SER E 79 -3.99 -36.73 26.47
CA SER E 79 -5.21 -37.52 26.20
C SER E 79 -5.41 -38.56 27.31
N SER E 80 -4.39 -38.88 28.10
CA SER E 80 -4.56 -39.79 29.27
C SER E 80 -5.08 -39.08 30.52
N LEU E 81 -5.14 -37.75 30.52
CA LEU E 81 -5.39 -36.92 31.74
C LEU E 81 -6.64 -36.08 31.56
N TRP E 82 -7.29 -35.70 32.66
CA TRP E 82 -8.19 -34.54 32.65
C TRP E 82 -7.32 -33.28 32.49
N VAL E 83 -7.71 -32.41 31.58
CA VAL E 83 -7.05 -31.09 31.36
C VAL E 83 -8.13 -30.03 31.48
N PRO E 84 -7.87 -28.88 32.13
CA PRO E 84 -8.87 -27.81 32.17
C PRO E 84 -9.21 -27.34 30.73
N ASP E 85 -10.50 -27.12 30.46
CA ASP E 85 -11.10 -26.67 29.18
C ASP E 85 -10.92 -25.16 29.03
N LEU E 86 -9.68 -24.69 29.02
CA LEU E 86 -9.39 -23.23 28.92
C LEU E 86 -9.66 -22.76 27.50
N ALA E 87 -10.21 -21.55 27.33
CA ALA E 87 -10.43 -20.90 26.04
C ALA E 87 -10.06 -19.44 26.17
N ALA E 88 -9.50 -18.90 25.10
CA ALA E 88 -9.23 -17.45 24.99
C ALA E 88 -10.47 -16.82 24.40
N TYR E 89 -11.19 -16.01 25.19
CA TYR E 89 -12.51 -15.47 24.81
C TYR E 89 -12.41 -14.58 23.57
N ASN E 90 -11.31 -13.88 23.36
CA ASN E 90 -11.19 -12.90 22.24
C ASN E 90 -10.28 -13.48 21.13
N ALA E 91 -10.02 -14.80 21.13
CA ALA E 91 -9.34 -15.46 20.00
C ALA E 91 -10.26 -15.46 18.78
N ILE E 92 -9.67 -15.26 17.61
CA ILE E 92 -10.38 -15.32 16.30
C ILE E 92 -9.77 -16.44 15.44
N SER E 93 -8.89 -17.26 16.01
CA SER E 93 -8.43 -18.52 15.40
C SER E 93 -8.31 -19.56 16.52
N LYS E 94 -8.37 -20.82 16.12
CA LYS E 94 -8.08 -21.99 16.98
C LYS E 94 -6.66 -21.87 17.47
N PRO E 95 -6.40 -22.34 18.71
CA PRO E 95 -5.02 -22.38 19.21
C PRO E 95 -4.25 -23.38 18.33
N GLU E 96 -3.16 -22.97 17.69
CA GLU E 96 -2.22 -23.88 16.98
C GLU E 96 -1.18 -24.30 18.05
N VAL E 97 -1.23 -25.54 18.52
CA VAL E 97 -0.29 -26.04 19.53
C VAL E 97 0.99 -26.48 18.82
N LEU E 98 2.11 -25.82 19.12
CA LEU E 98 3.34 -26.00 18.32
C LEU E 98 4.20 -27.13 18.87
N THR E 99 3.88 -27.62 20.07
CA THR E 99 4.78 -28.51 20.85
C THR E 99 4.07 -29.85 21.09
N PRO E 100 4.85 -30.90 21.41
CA PRO E 100 4.26 -32.18 21.81
C PRO E 100 3.27 -31.99 22.97
N GLN E 101 2.12 -32.65 22.88
CA GLN E 101 1.03 -32.52 23.86
C GLN E 101 1.25 -33.53 24.98
N LEU E 102 2.31 -33.28 25.76
CA LEU E 102 2.69 -34.09 26.95
C LEU E 102 2.68 -33.15 28.14
N ALA E 103 2.19 -33.63 29.26
CA ALA E 103 2.20 -32.95 30.57
C ALA E 103 3.09 -33.73 31.52
N ARG E 104 3.66 -33.08 32.53
CA ARG E 104 4.39 -33.76 33.62
C ARG E 104 3.45 -33.99 34.79
N VAL E 105 3.38 -35.22 35.28
CA VAL E 105 2.57 -35.60 36.45
C VAL E 105 3.56 -35.94 37.55
N VAL E 106 3.45 -35.27 38.71
CA VAL E 106 4.23 -35.62 39.94
C VAL E 106 3.41 -36.64 40.75
N SER E 107 4.07 -37.48 41.57
CA SER E 107 3.45 -38.64 42.28
C SER E 107 2.38 -38.19 43.29
N ASP E 108 2.41 -36.94 43.75
CA ASP E 108 1.38 -36.35 44.66
C ASP E 108 0.14 -35.91 43.86
N GLY E 109 0.12 -36.06 42.53
CA GLY E 109 -1.02 -35.61 41.71
C GLY E 109 -0.87 -34.23 41.08
N GLU E 110 0.20 -33.47 41.34
CA GLU E 110 0.43 -32.16 40.66
C GLU E 110 0.70 -32.38 39.17
N VAL E 111 0.06 -31.59 38.32
CA VAL E 111 0.24 -31.66 36.86
C VAL E 111 0.78 -30.32 36.38
N LEU E 112 1.77 -30.36 35.50
CA LEU E 112 2.26 -29.17 34.78
C LEU E 112 2.12 -29.43 33.27
N TYR E 113 1.46 -28.52 32.56
CA TYR E 113 1.27 -28.58 31.08
C TYR E 113 1.67 -27.21 30.53
N VAL E 114 2.60 -27.18 29.59
CA VAL E 114 3.10 -25.91 28.99
C VAL E 114 3.08 -26.02 27.49
N PRO E 115 1.89 -25.94 26.85
CA PRO E 115 1.84 -25.89 25.40
C PRO E 115 2.37 -24.53 24.89
N SER E 116 3.14 -24.56 23.82
CA SER E 116 3.46 -23.38 23.00
C SER E 116 2.32 -23.19 22.00
N ILE E 117 1.69 -22.03 22.04
CA ILE E 117 0.46 -21.76 21.25
C ILE E 117 0.72 -20.55 20.37
N ARG E 118 0.36 -20.70 19.10
CA ARG E 118 0.20 -19.58 18.18
C ARG E 118 -1.29 -19.36 17.95
N GLN E 119 -1.75 -18.13 18.12
CA GLN E 119 -3.19 -17.80 18.07
C GLN E 119 -3.36 -16.33 17.68
N ARG E 120 -4.43 -16.03 16.98
CA ARG E 120 -4.80 -14.68 16.50
C ARG E 120 -5.90 -14.16 17.44
N PHE E 121 -5.77 -12.89 17.83
CA PHE E 121 -6.68 -12.21 18.76
C PHE E 121 -7.21 -10.93 18.13
N SER E 122 -8.43 -10.62 18.54
CA SER E 122 -9.08 -9.30 18.33
C SER E 122 -8.74 -8.49 19.59
N CYS E 123 -7.95 -7.44 19.44
CA CYS E 123 -7.58 -6.61 20.61
C CYS E 123 -7.06 -5.26 20.07
N ASP E 124 -6.82 -4.35 21.01
CA ASP E 124 -6.51 -2.96 20.69
C ASP E 124 -5.07 -2.88 20.22
N VAL E 125 -4.87 -2.56 18.96
CA VAL E 125 -3.51 -2.44 18.37
C VAL E 125 -3.17 -0.96 18.24
N SER E 126 -4.08 -0.04 18.57
CA SER E 126 -3.79 1.40 18.38
C SER E 126 -2.64 1.75 19.33
N GLY E 127 -1.71 2.58 18.83
CA GLY E 127 -0.56 3.05 19.62
C GLY E 127 0.66 2.17 19.46
N VAL E 128 0.57 1.11 18.66
CA VAL E 128 1.67 0.13 18.52
C VAL E 128 2.91 0.86 17.99
N ASP E 129 2.78 1.90 17.17
CA ASP E 129 3.95 2.59 16.56
C ASP E 129 4.32 3.83 17.34
N THR E 130 3.82 3.99 18.58
CA THR E 130 4.14 5.13 19.48
C THR E 130 5.02 4.64 20.65
N GLU E 131 5.51 5.57 21.46
CA GLU E 131 6.44 5.27 22.56
C GLU E 131 5.72 4.47 23.67
N SER E 132 4.44 4.71 23.92
CA SER E 132 3.72 4.05 25.06
C SER E 132 3.10 2.74 24.57
N GLY E 133 3.02 2.53 23.27
CA GLY E 133 2.71 1.20 22.69
C GLY E 133 1.23 0.89 22.70
N ALA E 134 0.87 -0.27 22.20
CA ALA E 134 -0.50 -0.85 22.26
C ALA E 134 -0.63 -1.69 23.54
N THR E 135 -1.84 -1.83 24.04
CA THR E 135 -2.22 -2.80 25.10
C THR E 135 -3.26 -3.78 24.54
N CYS E 136 -2.81 -4.99 24.25
CA CYS E 136 -3.64 -6.10 23.76
C CYS E 136 -4.03 -6.97 24.96
N ARG E 137 -5.31 -7.07 25.28
CA ARG E 137 -5.80 -7.83 26.46
C ARG E 137 -6.26 -9.19 25.96
N ILE E 138 -5.74 -10.25 26.56
CA ILE E 138 -6.16 -11.63 26.22
C ILE E 138 -6.86 -12.21 27.45
N LYS E 139 -8.07 -12.69 27.26
CA LYS E 139 -8.96 -13.19 28.34
C LYS E 139 -8.99 -14.72 28.24
N ILE E 140 -8.50 -15.43 29.27
CA ILE E 140 -8.53 -16.91 29.29
C ILE E 140 -9.28 -17.43 30.51
N GLY E 141 -10.18 -18.38 30.34
CA GLY E 141 -10.79 -19.13 31.46
C GLY E 141 -11.44 -20.41 31.02
N SER E 142 -12.00 -21.16 31.97
CA SER E 142 -12.78 -22.38 31.70
C SER E 142 -13.97 -22.01 30.82
N TRP E 143 -14.17 -22.75 29.73
CA TRP E 143 -15.33 -22.54 28.84
C TRP E 143 -16.61 -23.05 29.50
N THR E 144 -16.58 -24.17 30.23
CA THR E 144 -17.81 -24.86 30.67
C THR E 144 -17.87 -25.13 32.17
N HIS E 145 -16.83 -24.79 32.94
CA HIS E 145 -16.84 -24.98 34.42
C HIS E 145 -16.92 -23.62 35.11
N HIS E 146 -17.99 -23.40 35.85
CA HIS E 146 -18.20 -22.17 36.67
C HIS E 146 -17.28 -22.16 37.92
N SER E 147 -17.33 -21.08 38.69
CA SER E 147 -16.33 -20.74 39.74
C SER E 147 -16.35 -21.77 40.87
N ARG E 148 -17.44 -22.52 41.05
CA ARG E 148 -17.48 -23.59 42.10
C ARG E 148 -16.87 -24.89 41.59
N GLU E 149 -16.51 -25.02 40.31
CA GLU E 149 -15.88 -26.22 39.75
C GLU E 149 -14.42 -25.94 39.36
N ILE E 150 -14.14 -24.80 38.76
CA ILE E 150 -12.75 -24.37 38.41
C ILE E 150 -12.54 -22.94 38.86
N SER E 151 -11.48 -22.70 39.58
CA SER E 151 -10.96 -21.33 39.86
C SER E 151 -9.68 -21.16 39.07
N VAL E 152 -9.44 -19.96 38.56
CA VAL E 152 -8.24 -19.65 37.74
C VAL E 152 -7.49 -18.51 38.42
N ASP E 153 -6.19 -18.71 38.67
CA ASP E 153 -5.32 -17.70 39.33
C ASP E 153 -4.09 -17.49 38.47
N PRO E 154 -3.59 -16.24 38.33
CA PRO E 154 -2.26 -16.00 37.79
C PRO E 154 -1.12 -16.39 38.75
N ASP E 160 8.72 -12.21 35.22
CA ASP E 160 9.69 -11.51 34.33
C ASP E 160 9.33 -11.68 32.82
N ASP E 161 8.89 -10.57 32.20
CA ASP E 161 7.87 -10.61 31.11
C ASP E 161 8.55 -11.01 29.80
N SER E 162 9.71 -10.41 29.57
CA SER E 162 10.42 -10.47 28.26
C SER E 162 11.40 -11.63 28.28
N GLU E 163 11.39 -12.48 29.31
CA GLU E 163 12.51 -13.42 29.58
C GLU E 163 12.71 -14.38 28.40
N TYR E 164 11.64 -14.87 27.80
CA TYR E 164 11.71 -15.83 26.67
C TYR E 164 11.23 -15.16 25.38
N PHE E 165 11.03 -13.84 25.36
CA PHE E 165 10.54 -13.11 24.17
C PHE E 165 11.64 -13.06 23.13
N SER E 166 11.32 -13.38 21.87
CA SER E 166 12.29 -13.42 20.76
C SER E 166 12.86 -12.02 20.53
N GLN E 167 14.17 -11.91 20.52
CA GLN E 167 14.91 -10.64 20.20
C GLN E 167 14.75 -10.32 18.73
N TYR E 168 14.22 -11.24 17.92
CA TYR E 168 14.14 -11.08 16.44
C TYR E 168 12.75 -10.61 16.05
N SER E 169 11.77 -10.58 16.96
CA SER E 169 10.45 -9.95 16.71
C SER E 169 10.68 -8.51 16.22
N ARG E 170 9.78 -7.98 15.42
CA ARG E 170 9.77 -6.52 15.09
C ARG E 170 9.23 -5.72 16.29
N PHE E 171 8.63 -6.39 17.27
CA PHE E 171 8.00 -5.76 18.46
C PHE E 171 8.88 -6.02 19.68
N GLU E 172 8.72 -5.20 20.71
CA GLU E 172 9.32 -5.41 22.04
C GLU E 172 8.20 -5.26 23.07
N ILE E 173 8.34 -5.95 24.20
CA ILE E 173 7.34 -5.94 25.30
C ILE E 173 7.76 -4.87 26.32
N LEU E 174 6.85 -3.96 26.63
CA LEU E 174 7.01 -2.90 27.65
C LEU E 174 6.52 -3.42 29.00
N ASP E 175 5.44 -4.19 29.03
CA ASP E 175 4.83 -4.62 30.32
C ASP E 175 3.80 -5.72 30.05
N VAL E 176 3.71 -6.70 30.96
CA VAL E 176 2.62 -7.70 31.02
C VAL E 176 2.02 -7.65 32.42
N THR E 177 0.71 -7.41 32.54
CA THR E 177 -0.02 -7.54 33.83
C THR E 177 -1.07 -8.64 33.65
N GLN E 178 -1.27 -9.45 34.68
CA GLN E 178 -2.25 -10.56 34.73
C GLN E 178 -3.19 -10.21 35.87
N LYS E 179 -4.50 -10.05 35.63
CA LYS E 179 -5.45 -9.94 36.76
C LYS E 179 -6.61 -10.93 36.61
N LYS E 180 -7.15 -11.35 37.75
CA LYS E 180 -8.24 -12.34 37.85
C LYS E 180 -9.56 -11.59 37.63
N ASN E 181 -10.54 -12.20 37.00
CA ASN E 181 -11.93 -11.65 36.90
C ASN E 181 -12.93 -12.78 37.04
N SER E 182 -14.18 -12.44 37.27
CA SER E 182 -15.28 -13.40 37.51
C SER E 182 -16.55 -12.82 36.89
N VAL E 183 -17.08 -13.44 35.84
CA VAL E 183 -18.14 -12.83 34.97
C VAL E 183 -19.35 -13.76 35.00
N THR E 184 -20.56 -13.22 35.12
CA THR E 184 -21.84 -13.94 34.91
C THR E 184 -22.30 -13.63 33.49
N TYR E 185 -22.56 -14.67 32.70
CA TYR E 185 -22.99 -14.54 31.28
C TYR E 185 -24.49 -14.85 31.23
N SER E 186 -25.20 -14.29 30.25
CA SER E 186 -26.67 -14.30 30.15
C SER E 186 -27.23 -15.69 29.90
N CYS E 187 -26.42 -16.68 29.46
CA CYS E 187 -26.86 -18.11 29.32
C CYS E 187 -27.22 -18.73 30.69
N CYS E 188 -26.55 -18.34 31.77
CA CYS E 188 -26.26 -19.20 32.96
C CYS E 188 -26.25 -18.38 34.25
N PRO E 189 -26.79 -18.89 35.38
CA PRO E 189 -26.78 -18.16 36.64
C PRO E 189 -25.41 -18.08 37.36
N GLU E 190 -24.45 -18.94 37.02
CA GLU E 190 -23.17 -19.04 37.77
C GLU E 190 -22.12 -18.18 37.09
N ALA E 191 -21.05 -17.89 37.83
CA ALA E 191 -19.92 -17.02 37.43
C ALA E 191 -18.78 -17.88 36.90
N TYR E 192 -18.12 -17.44 35.85
CA TYR E 192 -16.97 -18.10 35.18
C TYR E 192 -15.73 -17.26 35.44
N GLU E 193 -14.67 -17.88 35.92
CA GLU E 193 -13.43 -17.16 36.25
C GLU E 193 -12.59 -17.03 34.98
N ASP E 194 -11.87 -15.92 34.87
CA ASP E 194 -10.85 -15.74 33.80
C ASP E 194 -9.64 -15.02 34.37
N VAL E 195 -8.53 -15.16 33.67
CA VAL E 195 -7.35 -14.28 33.80
C VAL E 195 -7.36 -13.35 32.60
N GLU E 196 -7.18 -12.07 32.84
CA GLU E 196 -7.01 -11.06 31.78
C GLU E 196 -5.54 -10.69 31.71
N VAL E 197 -4.89 -11.03 30.62
CA VAL E 197 -3.44 -10.76 30.42
C VAL E 197 -3.28 -9.54 29.53
N SER E 198 -2.72 -8.47 30.05
CA SER E 198 -2.53 -7.19 29.32
C SER E 198 -1.09 -7.14 28.80
N LEU E 199 -0.96 -7.28 27.48
CA LEU E 199 0.35 -7.25 26.79
C LEU E 199 0.55 -5.84 26.25
N ASN E 200 1.43 -5.07 26.88
CA ASN E 200 1.80 -3.70 26.41
C ASN E 200 3.06 -3.86 25.56
N PHE E 201 2.96 -3.56 24.27
CA PHE E 201 4.05 -3.81 23.30
C PHE E 201 4.11 -2.69 22.30
N ARG E 202 5.24 -2.56 21.63
CA ARG E 202 5.39 -1.54 20.57
C ARG E 202 6.39 -2.03 19.51
N LYS E 203 6.33 -1.42 18.33
CA LYS E 203 7.27 -1.64 17.20
C LYS E 203 8.64 -1.07 17.60
N LYS E 204 9.74 -1.79 17.37
CA LYS E 204 11.13 -1.38 17.71
C LYS E 204 11.59 -0.16 16.90
N ALA F 1 27.34 39.43 -42.65
CA ALA F 1 26.79 39.46 -41.21
C ALA F 1 25.46 38.68 -41.11
N ASP F 2 25.39 37.68 -40.23
CA ASP F 2 24.21 36.79 -40.05
C ASP F 2 23.43 37.22 -38.79
N ARG F 3 22.38 36.47 -38.43
CA ARG F 3 21.49 36.80 -37.28
C ARG F 3 22.26 36.79 -35.97
N ALA F 4 23.23 35.89 -35.80
CA ALA F 4 24.03 35.81 -34.55
C ALA F 4 24.86 37.09 -34.40
N ASP F 5 25.46 37.58 -35.49
CA ASP F 5 26.28 38.81 -35.47
C ASP F 5 25.39 39.99 -35.10
N ILE F 6 24.19 40.05 -35.67
CA ILE F 6 23.25 41.16 -35.40
C ILE F 6 22.89 41.12 -33.91
N LEU F 7 22.56 39.96 -33.36
CA LEU F 7 22.22 39.87 -31.91
C LEU F 7 23.45 40.25 -31.08
N TYR F 8 24.63 39.76 -31.44
CA TYR F 8 25.89 40.09 -30.72
C TYR F 8 26.07 41.62 -30.68
N ASN F 9 25.90 42.32 -31.81
CA ASN F 9 26.14 43.78 -31.93
C ASN F 9 25.06 44.53 -31.14
N ILE F 10 23.81 44.05 -31.19
CA ILE F 10 22.70 44.60 -30.37
C ILE F 10 23.12 44.53 -28.89
N ARG F 11 23.72 43.44 -28.43
CA ARG F 11 24.14 43.31 -27.01
C ARG F 11 25.33 44.23 -26.71
N GLN F 12 26.21 44.52 -27.66
CA GLN F 12 27.31 45.52 -27.42
C GLN F 12 26.73 46.91 -27.15
N THR F 13 25.71 47.37 -27.86
CA THR F 13 25.29 48.80 -27.86
C THR F 13 23.98 49.00 -27.05
N SER F 14 23.14 47.96 -26.92
CA SER F 14 21.85 48.03 -26.19
C SER F 14 22.14 48.24 -24.70
N ARG F 15 21.43 49.17 -24.09
CA ARG F 15 21.47 49.42 -22.64
C ARG F 15 20.07 49.22 -22.10
N PRO F 16 19.71 47.97 -21.68
CA PRO F 16 18.34 47.65 -21.31
C PRO F 16 17.77 48.55 -20.21
N ASP F 17 18.62 49.15 -19.36
CA ASP F 17 18.13 49.93 -18.20
C ASP F 17 18.26 51.42 -18.47
N VAL F 18 18.55 51.85 -19.70
CA VAL F 18 18.74 53.31 -20.04
C VAL F 18 17.77 53.69 -21.16
N ILE F 19 16.93 54.66 -20.91
CA ILE F 19 15.95 55.14 -21.91
C ILE F 19 16.74 55.67 -23.10
N PRO F 20 16.47 55.23 -24.34
CA PRO F 20 17.26 55.68 -25.50
C PRO F 20 16.73 57.00 -26.08
N THR F 21 16.71 58.07 -25.30
CA THR F 21 16.26 59.37 -25.85
C THR F 21 17.47 60.29 -25.97
N GLN F 22 17.31 61.30 -26.78
CA GLN F 22 18.28 62.40 -26.99
C GLN F 22 17.83 63.63 -26.19
N ARG F 23 18.65 64.69 -26.26
CA ARG F 23 18.36 66.02 -25.66
C ARG F 23 16.96 66.47 -26.03
N ASP F 24 16.08 66.82 -25.09
CA ASP F 24 14.91 67.71 -25.39
C ASP F 24 13.85 66.93 -26.18
N ARG F 25 13.94 65.59 -26.33
CA ARG F 25 12.79 64.87 -26.90
C ARG F 25 12.52 63.54 -26.24
N PRO F 26 11.22 63.31 -25.92
CA PRO F 26 10.81 62.05 -25.33
C PRO F 26 11.09 60.89 -26.30
N VAL F 27 11.16 59.67 -25.79
CA VAL F 27 10.97 58.45 -26.59
C VAL F 27 9.48 58.33 -26.91
N ALA F 28 9.16 58.32 -28.20
CA ALA F 28 7.77 58.28 -28.70
C ALA F 28 7.35 56.83 -28.71
N VAL F 29 6.50 56.42 -27.78
CA VAL F 29 6.02 55.01 -27.71
C VAL F 29 4.62 54.98 -28.29
N SER F 30 4.35 54.06 -29.21
CA SER F 30 2.99 53.83 -29.75
C SER F 30 2.43 52.57 -29.12
N VAL F 31 1.20 52.63 -28.66
CA VAL F 31 0.48 51.53 -28.00
C VAL F 31 -0.88 51.40 -28.64
N SER F 32 -1.26 50.20 -29.03
CA SER F 32 -2.59 49.92 -29.57
C SER F 32 -3.05 48.50 -29.19
N LEU F 33 -4.23 48.39 -28.54
CA LEU F 33 -4.78 47.13 -28.01
C LEU F 33 -5.65 46.50 -29.09
N LYS F 34 -5.42 45.22 -29.40
CA LYS F 34 -6.42 44.34 -30.04
C LYS F 34 -7.06 43.44 -28.99
N PHE F 35 -8.34 43.58 -28.76
CA PHE F 35 -9.08 42.70 -27.82
C PHE F 35 -9.27 41.31 -28.41
N ILE F 36 -8.90 40.30 -27.64
CA ILE F 36 -9.02 38.88 -28.01
C ILE F 36 -10.18 38.23 -27.24
N ASN F 37 -10.37 38.56 -25.97
CA ASN F 37 -11.41 37.85 -25.17
C ASN F 37 -11.83 38.75 -24.00
N ILE F 38 -13.08 38.62 -23.61
CA ILE F 38 -13.62 39.15 -22.35
C ILE F 38 -14.13 37.93 -21.62
N LEU F 39 -13.53 37.59 -20.50
CA LEU F 39 -13.66 36.25 -19.86
C LEU F 39 -14.65 36.37 -18.71
N GLU F 40 -14.56 37.41 -17.90
CA GLU F 40 -15.42 37.51 -16.70
C GLU F 40 -15.76 38.97 -16.55
N VAL F 41 -16.98 39.26 -16.17
CA VAL F 41 -17.42 40.64 -15.94
C VAL F 41 -18.20 40.59 -14.64
N ASN F 42 -17.94 41.50 -13.72
CA ASN F 42 -18.67 41.55 -12.43
C ASN F 42 -19.25 42.96 -12.30
N GLU F 43 -20.56 43.11 -12.45
CA GLU F 43 -21.28 44.41 -12.39
C GLU F 43 -21.33 44.92 -10.95
N ILE F 44 -21.25 44.03 -9.96
CA ILE F 44 -21.25 44.41 -8.52
C ILE F 44 -19.90 45.08 -8.18
N THR F 45 -18.77 44.46 -8.57
CA THR F 45 -17.43 44.95 -8.20
C THR F 45 -16.85 45.88 -9.27
N ASN F 46 -17.49 46.01 -10.42
CA ASN F 46 -16.92 46.79 -11.57
C ASN F 46 -15.52 46.26 -11.94
N GLU F 47 -15.43 44.97 -12.23
CA GLU F 47 -14.17 44.30 -12.64
C GLU F 47 -14.41 43.50 -13.92
N VAL F 48 -13.41 43.47 -14.78
CA VAL F 48 -13.43 42.67 -16.03
C VAL F 48 -12.10 41.96 -16.14
N ASP F 49 -12.13 40.75 -16.70
CA ASP F 49 -10.94 39.94 -17.03
C ASP F 49 -10.89 39.90 -18.56
N VAL F 50 -9.82 40.45 -19.14
CA VAL F 50 -9.70 40.56 -20.61
C VAL F 50 -8.37 39.99 -21.09
N VAL F 51 -8.35 39.58 -22.36
CA VAL F 51 -7.13 39.19 -23.09
C VAL F 51 -6.97 40.16 -24.24
N PHE F 52 -5.79 40.75 -24.39
CA PHE F 52 -5.55 41.69 -25.52
C PHE F 52 -4.10 41.52 -26.00
N TRP F 53 -3.87 41.82 -27.25
CA TRP F 53 -2.53 41.96 -27.85
C TRP F 53 -2.14 43.41 -27.71
N GLN F 54 -1.08 43.69 -26.98
CA GLN F 54 -0.64 45.09 -26.77
C GLN F 54 0.46 45.42 -27.78
N ARG F 55 0.06 45.92 -28.94
CA ARG F 55 1.03 46.31 -30.00
CA ARG F 55 1.02 46.32 -30.00
C ARG F 55 1.79 47.55 -29.52
N THR F 56 3.10 47.41 -29.32
CA THR F 56 3.99 48.44 -28.74
C THR F 56 5.16 48.69 -29.69
N THR F 57 5.37 49.93 -30.13
CA THR F 57 6.49 50.28 -31.04
C THR F 57 7.21 51.49 -30.49
N TRP F 58 8.50 51.54 -30.74
CA TRP F 58 9.37 52.69 -30.41
C TRP F 58 10.63 52.52 -31.24
N SER F 59 11.44 53.56 -31.26
CA SER F 59 12.74 53.59 -31.95
C SER F 59 13.85 53.62 -30.91
N ASP F 60 14.90 52.87 -31.15
CA ASP F 60 16.16 52.93 -30.35
C ASP F 60 17.29 52.91 -31.37
N ARG F 61 17.78 54.08 -31.78
CA ARG F 61 18.73 54.17 -32.91
C ARG F 61 20.10 53.61 -32.51
N THR F 62 20.37 53.41 -31.23
CA THR F 62 21.58 52.69 -30.77
C THR F 62 21.62 51.27 -31.33
N LEU F 63 20.46 50.64 -31.63
CA LEU F 63 20.36 49.26 -32.16
C LEU F 63 20.60 49.21 -33.68
N ALA F 64 20.53 50.31 -34.42
CA ALA F 64 20.54 50.29 -35.90
C ALA F 64 21.78 49.60 -36.44
N TRP F 65 21.69 48.93 -37.59
CA TRP F 65 22.86 48.29 -38.24
C TRP F 65 22.70 48.41 -39.75
N ASP F 66 23.80 48.28 -40.46
CA ASP F 66 23.85 48.27 -41.94
C ASP F 66 23.30 46.91 -42.41
N SER F 67 22.13 46.88 -43.04
CA SER F 67 21.50 45.63 -43.55
C SER F 67 21.60 45.55 -45.07
N SER F 68 22.54 46.22 -45.71
CA SER F 68 22.66 46.14 -47.20
C SER F 68 23.04 44.70 -47.59
N HIS F 69 23.74 43.94 -46.74
CA HIS F 69 24.22 42.56 -47.04
C HIS F 69 23.86 41.62 -45.91
N SER F 70 22.76 41.84 -45.22
CA SER F 70 22.40 41.03 -44.04
C SER F 70 20.91 41.19 -43.76
N PRO F 71 20.29 40.30 -42.96
CA PRO F 71 18.86 40.40 -42.67
C PRO F 71 18.57 41.78 -42.07
N ASP F 72 17.43 42.36 -42.40
CA ASP F 72 17.07 43.72 -41.90
C ASP F 72 16.16 43.66 -40.67
N GLN F 73 15.81 42.46 -40.17
CA GLN F 73 14.97 42.30 -38.96
C GLN F 73 15.42 41.06 -38.21
N VAL F 74 15.33 41.07 -36.89
CA VAL F 74 15.52 39.86 -36.05
C VAL F 74 14.54 39.89 -34.90
N SER F 75 14.17 38.72 -34.42
CA SER F 75 13.47 38.51 -33.11
C SER F 75 14.54 38.45 -32.03
N VAL F 76 14.33 39.19 -30.95
CA VAL F 76 15.31 39.37 -29.84
C VAL F 76 14.56 39.20 -28.54
N PRO F 77 15.11 38.48 -27.53
CA PRO F 77 14.45 38.42 -26.22
C PRO F 77 14.42 39.86 -25.64
N ILE F 78 13.33 40.24 -25.01
CA ILE F 78 13.16 41.63 -24.52
C ILE F 78 14.17 41.93 -23.40
N SER F 79 14.73 40.92 -22.75
CA SER F 79 15.78 41.15 -21.73
C SER F 79 17.03 41.76 -22.39
N SER F 80 17.22 41.65 -23.71
CA SER F 80 18.39 42.26 -24.39
C SER F 80 18.15 43.73 -24.76
N LEU F 81 16.90 44.22 -24.60
CA LEU F 81 16.47 45.54 -25.12
C LEU F 81 16.02 46.43 -23.96
N TRP F 82 16.09 47.74 -24.13
CA TRP F 82 15.26 48.67 -23.34
C TRP F 82 13.83 48.50 -23.82
N VAL F 83 12.91 48.34 -22.88
CA VAL F 83 11.45 48.24 -23.17
C VAL F 83 10.79 49.33 -22.34
N PRO F 84 9.79 50.05 -22.87
CA PRO F 84 9.09 51.02 -22.05
C PRO F 84 8.44 50.35 -20.82
N ASP F 85 8.55 51.00 -19.66
CA ASP F 85 7.99 50.50 -18.36
C ASP F 85 6.46 50.79 -18.30
N LEU F 86 5.72 50.28 -19.26
CA LEU F 86 4.27 50.50 -19.39
C LEU F 86 3.55 49.71 -18.30
N ALA F 87 2.51 50.29 -17.73
CA ALA F 87 1.61 49.65 -16.76
C ALA F 87 0.20 50.09 -17.09
N ALA F 88 -0.74 49.23 -16.78
CA ALA F 88 -2.17 49.57 -16.80
C ALA F 88 -2.50 50.16 -15.45
N TYR F 89 -2.86 51.44 -15.43
CA TYR F 89 -3.01 52.22 -14.17
C TYR F 89 -4.21 51.68 -13.40
N ASN F 90 -5.21 51.11 -14.04
CA ASN F 90 -6.42 50.59 -13.38
C ASN F 90 -6.43 49.05 -13.35
N ALA F 91 -5.29 48.40 -13.54
CA ALA F 91 -5.14 46.93 -13.36
C ALA F 91 -5.24 46.58 -11.88
N ILE F 92 -5.91 45.47 -11.57
CA ILE F 92 -6.02 44.95 -10.19
C ILE F 92 -5.43 43.54 -10.13
N SER F 93 -4.76 43.10 -11.18
CA SER F 93 -3.97 41.83 -11.16
C SER F 93 -2.69 42.04 -11.94
N LYS F 94 -1.68 41.23 -11.68
CA LYS F 94 -0.42 41.18 -12.47
C LYS F 94 -0.77 40.82 -13.91
N PRO F 95 -0.07 41.40 -14.90
CA PRO F 95 -0.26 41.01 -16.28
C PRO F 95 0.20 39.54 -16.39
N GLU F 96 -0.65 38.63 -16.87
CA GLU F 96 -0.24 37.28 -17.30
C GLU F 96 0.18 37.39 -18.78
N VAL F 97 1.48 37.35 -19.09
CA VAL F 97 1.93 37.39 -20.49
C VAL F 97 1.86 35.97 -21.07
N LEU F 98 1.04 35.78 -22.09
CA LEU F 98 0.66 34.43 -22.60
C LEU F 98 1.65 33.98 -23.68
N THR F 99 2.48 34.88 -24.18
CA THR F 99 3.27 34.67 -25.42
C THR F 99 4.76 34.77 -25.11
N PRO F 100 5.60 34.18 -25.96
CA PRO F 100 7.06 34.35 -25.81
C PRO F 100 7.45 35.83 -25.77
N GLN F 101 8.34 36.20 -24.86
CA GLN F 101 8.73 37.60 -24.62
C GLN F 101 9.88 37.97 -25.55
N LEU F 102 9.54 38.05 -26.84
CA LEU F 102 10.45 38.38 -27.95
C LEU F 102 9.87 39.60 -28.66
N ALA F 103 10.75 40.50 -29.07
CA ALA F 103 10.44 41.69 -29.87
C ALA F 103 11.14 41.57 -31.21
N ARG F 104 10.61 42.21 -32.26
CA ARG F 104 11.27 42.33 -33.56
C ARG F 104 12.02 43.67 -33.59
N VAL F 105 13.29 43.64 -33.95
CA VAL F 105 14.12 44.84 -34.14
C VAL F 105 14.39 44.95 -35.63
N VAL F 106 14.04 46.08 -36.23
CA VAL F 106 14.38 46.41 -37.66
C VAL F 106 15.73 47.13 -37.68
N SER F 107 16.47 47.05 -38.78
CA SER F 107 17.86 47.55 -38.93
C SER F 107 17.95 49.08 -38.78
N ASP F 108 16.86 49.82 -38.94
CA ASP F 108 16.79 51.29 -38.70
C ASP F 108 16.59 51.59 -37.20
N GLY F 109 16.49 50.58 -36.33
CA GLY F 109 16.27 50.80 -34.88
C GLY F 109 14.81 50.74 -34.43
N GLU F 110 13.83 50.55 -35.34
CA GLU F 110 12.41 50.41 -34.92
C GLU F 110 12.23 49.05 -34.21
N VAL F 111 11.50 49.07 -33.10
CA VAL F 111 11.19 47.85 -32.31
C VAL F 111 9.68 47.67 -32.32
N LEU F 112 9.25 46.43 -32.52
CA LEU F 112 7.84 46.03 -32.34
C LEU F 112 7.81 44.91 -31.29
N TYR F 113 7.00 45.08 -30.25
CA TYR F 113 6.74 44.08 -29.20
C TYR F 113 5.22 43.92 -29.08
N VAL F 114 4.73 42.70 -29.17
CA VAL F 114 3.27 42.40 -29.10
C VAL F 114 3.02 41.29 -28.11
N PRO F 115 3.09 41.57 -26.80
CA PRO F 115 2.68 40.58 -25.81
C PRO F 115 1.16 40.40 -25.83
N SER F 116 0.71 39.17 -25.73
CA SER F 116 -0.67 38.77 -25.42
C SER F 116 -0.78 38.75 -23.90
N ILE F 117 -1.68 39.57 -23.37
CA ILE F 117 -1.80 39.75 -21.91
C ILE F 117 -3.22 39.40 -21.49
N ARG F 118 -3.32 38.61 -20.44
CA ARG F 118 -4.56 38.46 -19.67
C ARG F 118 -4.40 39.22 -18.36
N GLN F 119 -5.35 40.12 -18.06
CA GLN F 119 -5.28 40.97 -16.84
C GLN F 119 -6.69 41.35 -16.44
N ARG F 120 -6.89 41.59 -15.15
CA ARG F 120 -8.15 42.06 -14.54
C ARG F 120 -8.04 43.59 -14.31
N PHE F 121 -9.12 44.28 -14.63
CA PHE F 121 -9.23 45.75 -14.54
C PHE F 121 -10.42 46.14 -13.69
N SER F 122 -10.25 47.28 -13.04
CA SER F 122 -11.31 48.08 -12.38
C SER F 122 -11.82 49.06 -13.40
N CYS F 123 -13.05 48.92 -13.85
CA CYS F 123 -13.62 49.83 -14.87
C CYS F 123 -15.14 49.72 -14.85
N ASP F 124 -15.78 50.65 -15.53
CA ASP F 124 -17.25 50.83 -15.48
C ASP F 124 -17.89 49.71 -16.32
N VAL F 125 -18.58 48.79 -15.64
CA VAL F 125 -19.24 47.67 -16.35
C VAL F 125 -20.76 47.94 -16.40
N SER F 126 -21.24 49.06 -15.90
CA SER F 126 -22.68 49.41 -16.02
C SER F 126 -23.08 49.46 -17.51
N GLY F 127 -24.23 48.88 -17.83
CA GLY F 127 -24.86 48.84 -19.15
C GLY F 127 -24.45 47.62 -19.95
N VAL F 128 -23.65 46.73 -19.38
CA VAL F 128 -23.10 45.56 -20.12
C VAL F 128 -24.26 44.69 -20.63
N ASP F 129 -25.40 44.65 -19.93
CA ASP F 129 -26.56 43.79 -20.26
C ASP F 129 -27.59 44.56 -21.09
N THR F 130 -27.26 45.74 -21.61
CA THR F 130 -28.14 46.58 -22.47
C THR F 130 -27.62 46.59 -23.90
N GLU F 131 -28.40 47.14 -24.81
CA GLU F 131 -28.13 47.23 -26.26
C GLU F 131 -26.90 48.12 -26.52
N SER F 132 -26.68 49.21 -25.75
CA SER F 132 -25.59 50.17 -26.03
C SER F 132 -24.34 49.76 -25.25
N GLY F 133 -24.45 48.84 -24.31
CA GLY F 133 -23.28 48.18 -23.69
C GLY F 133 -22.60 49.01 -22.62
N ALA F 134 -21.55 48.44 -22.03
CA ALA F 134 -20.66 49.10 -21.07
C ALA F 134 -19.50 49.73 -21.85
N THR F 135 -18.88 50.76 -21.27
CA THR F 135 -17.61 51.34 -21.73
C THR F 135 -16.56 51.21 -20.60
N CYS F 136 -15.66 50.27 -20.78
CA CYS F 136 -14.57 49.96 -19.86
C CYS F 136 -13.31 50.69 -20.36
N ARG F 137 -12.77 51.61 -19.56
CA ARG F 137 -11.56 52.36 -19.95
C ARG F 137 -10.34 51.69 -19.36
N ILE F 138 -9.36 51.40 -20.20
CA ILE F 138 -8.04 50.88 -19.75
C ILE F 138 -6.99 51.94 -20.05
N LYS F 139 -6.24 52.32 -19.00
CA LYS F 139 -5.24 53.40 -19.06
C LYS F 139 -3.86 52.77 -19.05
N ILE F 140 -3.10 52.91 -20.14
CA ILE F 140 -1.72 52.37 -20.21
C ILE F 140 -0.70 53.47 -20.47
N GLY F 141 0.34 53.53 -19.65
CA GLY F 141 1.38 54.55 -19.71
C GLY F 141 2.62 54.16 -18.94
N SER F 142 3.70 54.92 -19.09
CA SER F 142 4.95 54.74 -18.35
C SER F 142 4.66 54.85 -16.84
N TRP F 143 5.16 53.92 -16.05
CA TRP F 143 5.04 53.96 -14.59
C TRP F 143 5.98 55.03 -14.01
N THR F 144 7.19 55.22 -14.55
CA THR F 144 8.21 56.05 -13.89
C THR F 144 8.85 57.10 -14.80
N HIS F 145 8.48 57.20 -16.06
CA HIS F 145 9.01 58.24 -16.99
C HIS F 145 7.91 59.25 -17.31
N HIS F 146 8.12 60.52 -16.92
CA HIS F 146 7.20 61.64 -17.18
C HIS F 146 7.23 62.03 -18.67
N SER F 147 6.36 62.97 -19.05
CA SER F 147 6.01 63.31 -20.45
C SER F 147 7.24 63.86 -21.20
N ARG F 148 8.27 64.36 -20.53
CA ARG F 148 9.51 64.80 -21.24
C ARG F 148 10.46 63.63 -21.52
N GLU F 149 10.21 62.44 -20.99
CA GLU F 149 11.10 61.24 -21.19
C GLU F 149 10.38 60.20 -22.06
N ILE F 150 9.10 59.95 -21.82
CA ILE F 150 8.28 59.04 -22.66
C ILE F 150 6.97 59.72 -22.99
N SER F 151 6.64 59.71 -24.28
CA SER F 151 5.32 60.13 -24.79
C SER F 151 4.64 58.87 -25.30
N VAL F 152 3.33 58.81 -25.12
CA VAL F 152 2.52 57.63 -25.55
C VAL F 152 1.44 58.11 -26.51
N ASP F 153 1.36 57.50 -27.68
CA ASP F 153 0.43 57.86 -28.78
C ASP F 153 -0.32 56.61 -29.21
N PRO F 154 -1.64 56.71 -29.50
CA PRO F 154 -2.37 55.60 -30.12
C PRO F 154 -2.02 55.44 -31.61
N THR F 155 -2.34 54.28 -32.23
CA THR F 155 -2.26 54.03 -33.70
C THR F 155 -3.69 53.94 -34.25
N ASP F 160 -10.29 46.80 -38.03
CA ASP F 160 -11.59 46.77 -37.30
C ASP F 160 -11.44 46.04 -35.96
N ASP F 161 -12.34 46.36 -35.05
CA ASP F 161 -12.14 46.17 -33.58
C ASP F 161 -12.30 44.69 -33.22
N SER F 162 -13.21 44.02 -33.92
CA SER F 162 -13.62 42.64 -33.62
C SER F 162 -12.76 41.65 -34.39
N GLU F 163 -11.74 42.11 -35.08
CA GLU F 163 -11.03 41.31 -36.12
C GLU F 163 -10.40 40.07 -35.48
N TYR F 164 -9.80 40.17 -34.29
CA TYR F 164 -9.14 39.02 -33.64
C TYR F 164 -9.94 38.60 -32.40
N PHE F 165 -11.13 39.16 -32.18
CA PHE F 165 -11.93 38.91 -30.98
C PHE F 165 -12.53 37.50 -31.09
N SER F 166 -12.46 36.72 -30.02
CA SER F 166 -13.01 35.33 -30.00
C SER F 166 -14.53 35.35 -30.20
N GLN F 167 -15.02 34.60 -31.17
CA GLN F 167 -16.46 34.39 -31.43
C GLN F 167 -17.09 33.57 -30.31
N TYR F 168 -16.28 33.00 -29.41
CA TYR F 168 -16.78 32.07 -28.36
C TYR F 168 -16.93 32.83 -27.03
N SER F 169 -16.47 34.07 -26.92
CA SER F 169 -16.77 34.94 -25.76
C SER F 169 -18.28 35.00 -25.56
N ARG F 170 -18.73 35.19 -24.32
CA ARG F 170 -20.13 35.54 -24.04
C ARG F 170 -20.44 37.00 -24.41
N PHE F 171 -19.40 37.80 -24.67
CA PHE F 171 -19.52 39.25 -24.95
C PHE F 171 -19.21 39.49 -26.42
N GLU F 172 -19.62 40.66 -26.92
CA GLU F 172 -19.22 41.12 -28.27
C GLU F 172 -18.80 42.58 -28.13
N ILE F 173 -17.91 43.01 -29.01
CA ILE F 173 -17.34 44.38 -29.04
C ILE F 173 -18.19 45.24 -29.99
N LEU F 174 -18.68 46.36 -29.50
CA LEU F 174 -19.42 47.38 -30.27
C LEU F 174 -18.45 48.40 -30.83
N ASP F 175 -17.42 48.77 -30.08
CA ASP F 175 -16.49 49.87 -30.47
C ASP F 175 -15.26 49.88 -29.55
N VAL F 176 -14.10 50.22 -30.10
CA VAL F 176 -12.86 50.51 -29.35
C VAL F 176 -12.35 51.88 -29.81
N THR F 177 -12.20 52.85 -28.92
CA THR F 177 -11.55 54.15 -29.24
C THR F 177 -10.34 54.30 -28.31
N GLN F 178 -9.25 54.84 -28.83
CA GLN F 178 -7.91 54.95 -28.17
C GLN F 178 -7.61 56.45 -28.22
N LYS F 179 -7.45 57.13 -27.09
CA LYS F 179 -7.05 58.56 -27.09
C LYS F 179 -5.89 58.78 -26.11
N LYS F 180 -5.08 59.81 -26.33
CA LYS F 180 -3.93 60.16 -25.48
C LYS F 180 -4.42 60.98 -24.29
N ASN F 181 -3.86 60.80 -23.10
CA ASN F 181 -4.25 61.51 -21.85
C ASN F 181 -2.97 61.80 -21.05
N SER F 182 -3.16 62.36 -19.86
CA SER F 182 -2.09 62.88 -18.99
CA SER F 182 -2.09 62.88 -18.99
C SER F 182 -2.57 62.77 -17.55
N VAL F 183 -1.83 62.09 -16.64
CA VAL F 183 -2.06 62.20 -15.17
C VAL F 183 -0.92 62.93 -14.45
N THR F 184 -1.24 63.90 -13.61
CA THR F 184 -0.40 64.38 -12.48
C THR F 184 -1.05 63.83 -11.21
N TYR F 185 -0.35 63.09 -10.35
CA TYR F 185 -0.71 62.94 -8.91
C TYR F 185 0.31 63.74 -8.09
N SER F 186 -0.08 64.23 -6.92
CA SER F 186 0.78 64.99 -5.98
C SER F 186 1.86 64.09 -5.36
N CYS F 187 1.75 62.75 -5.42
CA CYS F 187 2.80 61.79 -4.97
C CYS F 187 4.08 61.93 -5.81
N CYS F 188 3.98 62.28 -7.10
CA CYS F 188 4.94 61.87 -8.17
C CYS F 188 5.11 62.99 -9.21
N GLU F 190 5.58 65.76 -11.91
CA GLU F 190 5.48 65.91 -13.40
C GLU F 190 4.25 65.17 -13.91
N ALA F 191 3.96 65.28 -15.19
CA ALA F 191 2.80 64.64 -15.86
C ALA F 191 3.29 63.39 -16.58
N TYR F 192 2.47 62.33 -16.51
CA TYR F 192 2.76 61.01 -17.11
C TYR F 192 1.74 60.81 -18.22
N GLU F 193 2.19 60.51 -19.42
CA GLU F 193 1.25 60.33 -20.55
C GLU F 193 0.75 58.89 -20.56
N ASP F 194 -0.49 58.71 -20.99
CA ASP F 194 -1.12 57.39 -21.17
C ASP F 194 -1.96 57.40 -22.43
N VAL F 195 -2.28 56.18 -22.89
CA VAL F 195 -3.38 55.93 -23.85
C VAL F 195 -4.55 55.38 -23.05
N GLU F 196 -5.71 55.97 -23.29
CA GLU F 196 -6.97 55.57 -22.64
C GLU F 196 -7.75 54.83 -23.71
N VAL F 197 -7.94 53.53 -23.49
CA VAL F 197 -8.63 52.65 -24.47
C VAL F 197 -10.02 52.40 -23.94
N SER F 198 -11.03 52.87 -24.70
CA SER F 198 -12.46 52.73 -24.35
C SER F 198 -12.99 51.50 -25.09
N LEU F 199 -13.23 50.44 -24.34
CA LEU F 199 -13.78 49.17 -24.84
C LEU F 199 -15.30 49.21 -24.60
N ASN F 200 -16.06 49.40 -25.67
CA ASN F 200 -17.54 49.39 -25.61
C ASN F 200 -17.99 47.98 -25.97
N PHE F 201 -18.60 47.27 -25.02
CA PHE F 201 -18.90 45.83 -25.19
C PHE F 201 -20.23 45.55 -24.50
N ARG F 202 -20.86 44.45 -24.92
CA ARG F 202 -22.11 44.00 -24.26
C ARG F 202 -22.21 42.47 -24.29
N LYS F 203 -23.08 41.94 -23.46
CA LYS F 203 -23.43 40.48 -23.42
C LYS F 203 -24.17 40.13 -24.71
N LYS F 204 -23.85 39.02 -25.37
CA LYS F 204 -24.57 38.50 -26.57
C LYS F 204 -26.01 38.10 -26.26
N ASP G 2 25.74 61.56 -19.52
CA ASP G 2 24.36 61.17 -20.02
C ASP G 2 23.76 60.14 -19.06
N ARG G 3 22.56 59.65 -19.37
CA ARG G 3 21.82 58.70 -18.51
C ARG G 3 22.60 57.38 -18.34
N ALA G 4 23.31 56.92 -19.36
CA ALA G 4 24.07 55.66 -19.32
C ALA G 4 25.20 55.81 -18.28
N ASP G 5 25.88 56.96 -18.28
CA ASP G 5 26.99 57.23 -17.34
C ASP G 5 26.44 57.25 -15.93
N ILE G 6 25.28 57.90 -15.74
CA ILE G 6 24.64 58.00 -14.40
C ILE G 6 24.33 56.58 -13.91
N LEU G 7 23.73 55.74 -14.76
CA LEU G 7 23.38 54.37 -14.33
C LEU G 7 24.69 53.60 -14.03
N TYR G 8 25.69 53.72 -14.90
CA TYR G 8 26.99 53.03 -14.72
C TYR G 8 27.57 53.41 -13.33
N ASN G 9 27.58 54.70 -12.98
CA ASN G 9 28.22 55.21 -11.71
C ASN G 9 27.39 54.73 -10.51
N ILE G 10 26.06 54.75 -10.64
CA ILE G 10 25.15 54.18 -9.60
C ILE G 10 25.54 52.70 -9.35
N ARG G 11 25.80 51.93 -10.40
CA ARG G 11 26.20 50.51 -10.20
C ARG G 11 27.60 50.40 -9.58
N GLN G 12 28.53 51.31 -9.82
CA GLN G 12 29.86 51.28 -9.15
C GLN G 12 29.72 51.47 -7.64
N THR G 13 28.85 52.36 -7.15
CA THR G 13 28.88 52.81 -5.72
C THR G 13 27.69 52.23 -4.95
N SER G 14 26.58 51.86 -5.61
CA SER G 14 25.37 51.28 -4.97
C SER G 14 25.73 49.92 -4.37
N ARG G 15 25.32 49.69 -3.13
CA ARG G 15 25.46 48.40 -2.43
C ARG G 15 24.08 47.91 -2.05
N PRO G 16 23.41 47.14 -2.93
CA PRO G 16 22.03 46.75 -2.70
C PRO G 16 21.77 46.05 -1.35
N ASP G 17 22.77 45.40 -0.77
CA ASP G 17 22.58 44.59 0.45
C ASP G 17 23.10 45.33 1.68
N VAL G 18 23.47 46.60 1.57
CA VAL G 18 24.06 47.38 2.71
C VAL G 18 23.21 48.63 2.95
N ILE G 19 22.70 48.76 4.16
CA ILE G 19 21.88 49.93 4.55
C ILE G 19 22.77 51.16 4.42
N PRO G 20 22.37 52.22 3.69
CA PRO G 20 23.23 53.38 3.46
C PRO G 20 23.11 54.41 4.60
N THR G 21 23.46 54.02 5.81
CA THR G 21 23.44 54.94 6.96
C THR G 21 24.57 55.95 6.78
N GLN G 22 24.34 57.19 7.15
CA GLN G 22 25.35 58.28 7.09
C GLN G 22 25.75 58.58 8.53
N ARG G 23 27.01 58.37 8.91
CA ARG G 23 27.55 58.71 10.25
C ARG G 23 26.65 58.16 11.38
N ASP G 24 26.25 56.89 11.31
CA ASP G 24 25.55 56.16 12.41
C ASP G 24 24.12 56.68 12.61
N ARG G 25 23.57 57.50 11.72
CA ARG G 25 22.17 57.97 11.79
C ARG G 25 21.28 56.87 11.21
N PRO G 26 20.05 56.72 11.68
CA PRO G 26 19.10 55.84 11.01
C PRO G 26 18.81 56.36 9.59
N VAL G 27 18.52 55.45 8.66
CA VAL G 27 17.95 55.83 7.34
C VAL G 27 16.49 56.19 7.58
N ALA G 28 16.11 57.43 7.28
CA ALA G 28 14.76 57.97 7.49
C ALA G 28 13.93 57.52 6.29
N VAL G 29 13.04 56.55 6.50
CA VAL G 29 12.19 56.03 5.40
C VAL G 29 10.80 56.64 5.58
N SER G 30 10.26 57.20 4.51
CA SER G 30 8.89 57.73 4.49
C SER G 30 8.00 56.78 3.72
N VAL G 31 6.86 56.44 4.28
CA VAL G 31 5.91 55.46 3.70
C VAL G 31 4.54 56.10 3.76
N SER G 32 3.83 56.10 2.63
CA SER G 32 2.43 56.54 2.57
C SER G 32 1.69 55.59 1.61
N LEU G 33 0.62 54.95 2.09
CA LEU G 33 -0.25 54.09 1.23
C LEU G 33 -1.37 54.95 0.64
N LYS G 34 -1.53 54.91 -0.68
CA LYS G 34 -2.67 55.50 -1.41
C LYS G 34 -3.50 54.33 -1.87
N PHE G 35 -4.69 54.16 -1.29
CA PHE G 35 -5.61 53.05 -1.60
C PHE G 35 -6.20 53.31 -2.96
N ILE G 36 -6.15 52.32 -3.83
CA ILE G 36 -6.71 52.43 -5.20
C ILE G 36 -8.01 51.60 -5.29
N ASN G 37 -8.06 50.44 -4.64
CA ASN G 37 -9.23 49.57 -4.74
C ASN G 37 -9.27 48.64 -3.52
N ILE G 38 -10.49 48.33 -3.11
CA ILE G 38 -10.77 47.26 -2.10
C ILE G 38 -11.53 46.18 -2.85
N LEU G 39 -10.98 44.99 -2.96
CA LEU G 39 -11.41 44.01 -4.01
C LEU G 39 -12.31 42.95 -3.36
N GLU G 40 -11.97 42.49 -2.17
CA GLU G 40 -12.74 41.43 -1.50
C GLU G 40 -12.64 41.76 -0.03
N VAL G 41 -13.74 41.61 0.66
CA VAL G 41 -13.83 41.90 2.09
C VAL G 41 -14.66 40.73 2.62
N ASN G 42 -14.19 40.09 3.67
CA ASN G 42 -14.91 38.93 4.26
C ASN G 42 -15.10 39.26 5.73
N GLU G 43 -16.34 39.58 6.12
CA GLU G 43 -16.69 40.00 7.51
C GLU G 43 -16.63 38.79 8.45
N ILE G 44 -16.83 37.58 7.91
CA ILE G 44 -16.73 36.32 8.71
C ILE G 44 -15.27 36.04 9.06
N THR G 45 -14.34 36.10 8.10
CA THR G 45 -12.91 35.72 8.32
C THR G 45 -12.07 36.95 8.70
N ASN G 46 -12.63 38.17 8.63
CA ASN G 46 -11.87 39.41 8.92
C ASN G 46 -10.65 39.51 7.99
N GLU G 47 -10.89 39.41 6.69
CA GLU G 47 -9.81 39.49 5.67
C GLU G 47 -10.23 40.49 4.58
N VAL G 48 -9.27 41.27 4.12
CA VAL G 48 -9.49 42.24 3.01
C VAL G 48 -8.37 42.07 2.01
N ASP G 49 -8.70 42.23 0.75
CA ASP G 49 -7.77 42.19 -0.40
C ASP G 49 -7.81 43.61 -0.97
N VAL G 50 -6.68 44.29 -0.96
CA VAL G 50 -6.60 45.72 -1.38
C VAL G 50 -5.48 45.90 -2.40
N VAL G 51 -5.64 46.92 -3.22
CA VAL G 51 -4.58 47.43 -4.14
C VAL G 51 -4.25 48.84 -3.66
N PHE G 52 -2.98 49.11 -3.45
CA PHE G 52 -2.52 50.43 -3.00
C PHE G 52 -1.18 50.75 -3.64
N TRP G 53 -0.92 52.03 -3.83
CA TRP G 53 0.40 52.56 -4.24
C TRP G 53 1.16 52.83 -2.94
N GLN G 54 2.27 52.13 -2.74
CA GLN G 54 3.09 52.29 -1.52
C GLN G 54 4.21 53.31 -1.81
N ARG G 55 3.92 54.56 -1.59
CA ARG G 55 4.88 55.66 -1.83
C ARG G 55 5.99 55.56 -0.76
N THR G 56 7.21 55.28 -1.19
CA THR G 56 8.37 54.99 -0.32
C THR G 56 9.53 55.92 -0.72
N THR G 57 10.07 56.71 0.21
CA THR G 57 11.22 57.61 -0.07
C THR G 57 12.27 57.42 0.99
N TRP G 58 13.53 57.60 0.59
CA TRP G 58 14.70 57.59 1.50
C TRP G 58 15.85 58.24 0.75
N SER G 59 16.94 58.51 1.45
CA SER G 59 18.18 59.05 0.87
C SER G 59 19.27 57.97 0.88
N ASP G 60 20.05 57.91 -0.18
CA ASP G 60 21.28 57.09 -0.27
C ASP G 60 22.34 57.97 -0.93
N ARG G 61 23.16 58.63 -0.14
CA ARG G 61 24.10 59.66 -0.64
C ARG G 61 25.23 59.00 -1.43
N THR G 62 25.43 57.69 -1.32
CA THR G 62 26.38 56.93 -2.16
C THR G 62 25.98 57.06 -3.64
N LEU G 63 24.69 57.26 -3.96
CA LEU G 63 24.16 57.37 -5.34
C LEU G 63 24.39 58.78 -5.94
N ALA G 64 24.63 59.81 -5.13
CA ALA G 64 24.59 61.22 -5.58
C ALA G 64 25.58 61.44 -6.73
N TRP G 65 25.28 62.36 -7.63
CA TRP G 65 26.19 62.72 -8.75
C TRP G 65 26.06 64.21 -9.04
N ASP G 66 27.06 64.76 -9.69
CA ASP G 66 27.07 66.17 -10.14
C ASP G 66 26.16 66.28 -11.36
N SER G 67 25.01 66.96 -11.24
CA SER G 67 24.03 67.12 -12.35
C SER G 67 24.06 68.54 -12.89
N SER G 68 25.16 69.30 -12.71
CA SER G 68 25.21 70.67 -13.27
C SER G 68 25.18 70.59 -14.80
N HIS G 69 25.63 69.49 -15.43
CA HIS G 69 25.74 69.37 -16.91
C HIS G 69 25.07 68.07 -17.37
N SER G 70 24.08 67.56 -16.66
CA SER G 70 23.52 66.23 -16.94
C SER G 70 22.14 66.11 -16.29
N PRO G 71 21.32 65.11 -16.70
CA PRO G 71 20.00 64.93 -16.10
C PRO G 71 20.13 64.78 -14.58
N ASP G 72 19.20 65.32 -13.83
CA ASP G 72 19.26 65.29 -12.34
C ASP G 72 18.39 64.15 -11.78
N GLN G 73 17.72 63.36 -12.62
CA GLN G 73 16.91 62.20 -12.17
C GLN G 73 16.99 61.08 -13.19
N VAL G 74 16.99 59.83 -12.74
CA VAL G 74 16.86 58.67 -13.65
C VAL G 74 15.97 57.63 -12.97
N SER G 75 15.33 56.80 -13.81
CA SER G 75 14.65 55.54 -13.40
C SER G 75 15.70 54.46 -13.33
N VAL G 76 15.71 53.70 -12.24
CA VAL G 76 16.72 52.65 -11.98
C VAL G 76 15.97 51.41 -11.55
N PRO G 77 16.32 50.19 -12.05
CA PRO G 77 15.71 48.98 -11.53
C PRO G 77 16.07 48.86 -10.04
N ILE G 78 15.13 48.47 -9.19
CA ILE G 78 15.36 48.43 -7.73
C ILE G 78 16.38 47.34 -7.42
N SER G 79 16.60 46.35 -8.31
CA SER G 79 17.65 45.34 -8.05
C SER G 79 19.04 46.01 -8.05
N SER G 80 19.20 47.20 -8.61
CA SER G 80 20.50 47.94 -8.56
C SER G 80 20.64 48.76 -7.28
N LEU G 81 19.61 48.86 -6.44
CA LEU G 81 19.57 49.81 -5.27
C LEU G 81 19.39 49.03 -3.98
N TRP G 82 19.84 49.61 -2.87
CA TRP G 82 19.30 49.21 -1.54
C TRP G 82 17.86 49.72 -1.45
N VAL G 83 16.95 48.87 -1.00
CA VAL G 83 15.53 49.19 -0.76
C VAL G 83 15.24 48.79 0.67
N PRO G 84 14.48 49.61 1.44
CA PRO G 84 14.11 49.20 2.79
C PRO G 84 13.31 47.89 2.78
N ASP G 85 13.59 47.00 3.72
CA ASP G 85 12.96 45.65 3.91
C ASP G 85 11.61 45.82 4.63
N LEU G 86 10.69 46.59 4.05
CA LEU G 86 9.37 46.85 4.69
C LEU G 86 8.50 45.59 4.62
N ALA G 87 7.75 45.31 5.66
CA ALA G 87 6.77 44.20 5.67
C ALA G 87 5.52 44.72 6.38
N ALA G 88 4.38 44.25 5.94
CA ALA G 88 3.10 44.46 6.61
C ALA G 88 2.93 43.34 7.62
N TYR G 89 2.96 43.67 8.90
CA TYR G 89 2.94 42.69 10.00
C TYR G 89 1.68 41.82 9.96
N ASN G 90 0.55 42.37 9.52
CA ASN G 90 -0.75 41.64 9.55
C ASN G 90 -1.15 41.20 8.11
N ALA G 91 -0.21 41.16 7.18
CA ALA G 91 -0.43 40.57 5.84
C ALA G 91 -0.55 39.06 5.97
N ILE G 92 -1.43 38.47 5.18
CA ILE G 92 -1.64 37.00 5.11
C ILE G 92 -1.35 36.52 3.69
N SER G 93 -0.83 37.39 2.83
CA SER G 93 -0.27 36.99 1.51
C SER G 93 0.97 37.84 1.26
N LYS G 94 1.84 37.35 0.37
CA LYS G 94 3.01 38.08 -0.14
C LYS G 94 2.52 39.33 -0.83
N PRO G 95 3.27 40.45 -0.77
CA PRO G 95 2.90 41.61 -1.57
C PRO G 95 3.03 41.22 -3.07
N GLU G 96 1.97 41.34 -3.85
CA GLU G 96 2.03 41.14 -5.31
C GLU G 96 2.28 42.52 -5.94
N VAL G 97 3.48 42.77 -6.43
CA VAL G 97 3.85 44.04 -7.09
C VAL G 97 3.34 44.00 -8.54
N LEU G 98 2.43 44.90 -8.89
CA LEU G 98 1.70 44.84 -10.17
C LEU G 98 2.44 45.61 -11.25
N THR G 99 3.44 46.41 -10.89
CA THR G 99 4.01 47.47 -11.77
C THR G 99 5.49 47.23 -11.98
N PRO G 100 6.11 47.87 -13.01
CA PRO G 100 7.54 47.77 -13.22
C PRO G 100 8.31 48.13 -11.95
N GLN G 101 9.32 47.34 -11.60
CA GLN G 101 10.08 47.55 -10.35
C GLN G 101 11.22 48.52 -10.62
N LEU G 102 10.87 49.78 -10.87
CA LEU G 102 11.80 50.88 -11.14
C LEU G 102 11.54 51.97 -10.10
N ALA G 103 12.60 52.55 -9.57
CA ALA G 103 12.57 53.69 -8.65
C ALA G 103 13.17 54.90 -9.38
N ARG G 104 12.83 56.10 -8.96
CA ARG G 104 13.50 57.34 -9.42
C ARG G 104 14.59 57.70 -8.42
N VAL G 105 15.79 57.95 -8.91
CA VAL G 105 16.93 58.42 -8.11
C VAL G 105 17.18 59.86 -8.56
N VAL G 106 17.16 60.80 -7.61
CA VAL G 106 17.53 62.22 -7.85
C VAL G 106 19.03 62.38 -7.58
N SER G 107 19.69 63.35 -8.21
CA SER G 107 21.18 63.54 -8.19
C SER G 107 21.72 63.81 -6.77
N ASP G 108 20.89 64.28 -5.85
CA ASP G 108 21.26 64.47 -4.42
C ASP G 108 21.18 63.15 -3.65
N GLY G 109 20.79 62.04 -4.26
CA GLY G 109 20.65 60.73 -3.58
C GLY G 109 19.25 60.41 -3.07
N GLU G 110 18.25 61.28 -3.23
CA GLU G 110 16.85 60.96 -2.85
CA GLU G 110 16.84 60.95 -2.85
C GLU G 110 16.30 59.87 -3.79
N VAL G 111 15.64 58.87 -3.22
CA VAL G 111 15.01 57.77 -3.98
C VAL G 111 13.52 57.81 -3.72
N LEU G 112 12.75 57.65 -4.79
CA LEU G 112 11.27 57.49 -4.71
C LEU G 112 10.92 56.18 -5.41
N TYR G 113 10.24 55.30 -4.70
CA TYR G 113 9.76 54.00 -5.21
C TYR G 113 8.26 53.93 -4.89
N VAL G 114 7.45 53.72 -5.93
CA VAL G 114 5.97 53.68 -5.76
C VAL G 114 5.43 52.44 -6.46
N PRO G 115 5.62 51.26 -5.86
CA PRO G 115 5.00 50.06 -6.41
C PRO G 115 3.47 50.08 -6.16
N SER G 116 2.73 49.62 -7.15
CA SER G 116 1.32 49.18 -6.95
C SER G 116 1.30 47.76 -6.44
N ILE G 117 0.69 47.56 -5.29
CA ILE G 117 0.72 46.29 -4.54
C ILE G 117 -0.71 45.80 -4.32
N ARG G 118 -0.93 44.55 -4.61
CA ARG G 118 -2.11 43.79 -4.18
C ARG G 118 -1.72 42.84 -3.05
N GLN G 119 -2.42 42.93 -1.93
CA GLN G 119 -2.07 42.16 -0.71
C GLN G 119 -3.34 41.93 0.11
N ARG G 120 -3.38 40.78 0.77
CA ARG G 120 -4.47 40.35 1.66
C ARG G 120 -4.02 40.60 3.11
N PHE G 121 -4.91 41.13 3.92
CA PHE G 121 -4.65 41.47 5.35
C PHE G 121 -5.71 40.81 6.23
N SER G 122 -5.27 40.50 7.44
CA SER G 122 -6.11 40.15 8.58
C SER G 122 -6.36 41.46 9.32
N CYS G 123 -7.59 41.93 9.34
CA CYS G 123 -7.93 43.19 10.03
C CYS G 123 -9.43 43.24 10.30
N ASP G 124 -9.83 44.26 11.06
CA ASP G 124 -11.20 44.37 11.59
C ASP G 124 -12.13 44.81 10.45
N VAL G 125 -13.00 43.92 10.02
CA VAL G 125 -13.97 44.21 8.93
C VAL G 125 -15.36 44.45 9.54
N SER G 126 -15.52 44.36 10.86
CA SER G 126 -16.83 44.59 11.48
C SER G 126 -17.28 46.04 11.18
N GLY G 127 -18.55 46.21 10.83
CA GLY G 127 -19.16 47.52 10.57
C GLY G 127 -19.08 47.94 9.12
N VAL G 128 -18.54 47.10 8.26
CA VAL G 128 -18.32 47.46 6.83
C VAL G 128 -19.66 47.81 6.17
N ASP G 129 -20.78 47.21 6.58
CA ASP G 129 -22.11 47.42 5.94
C ASP G 129 -22.91 48.47 6.71
N THR G 130 -22.31 49.23 7.61
CA THR G 130 -22.97 50.30 8.42
C THR G 130 -22.46 51.67 7.95
N GLU G 131 -23.08 52.73 8.45
CA GLU G 131 -22.78 54.13 8.02
C GLU G 131 -21.37 54.53 8.50
N SER G 132 -20.89 54.04 9.66
CA SER G 132 -19.58 54.48 10.21
C SER G 132 -18.45 53.59 9.66
N GLY G 133 -18.81 52.44 9.09
CA GLY G 133 -17.87 51.62 8.30
C GLY G 133 -16.96 50.77 9.15
N ALA G 134 -16.09 50.00 8.52
CA ALA G 134 -15.02 49.23 9.16
C ALA G 134 -13.76 50.09 9.26
N THR G 135 -12.91 49.82 10.24
CA THR G 135 -11.54 50.38 10.33
C THR G 135 -10.53 49.23 10.30
N CYS G 136 -9.88 49.06 9.17
CA CYS G 136 -8.85 48.03 8.92
C CYS G 136 -7.47 48.65 9.15
N ARG G 137 -6.73 48.18 10.14
CA ARG G 137 -5.40 48.75 10.49
C ARG G 137 -4.32 47.91 9.81
N ILE G 138 -3.46 48.55 9.05
CA ILE G 138 -2.31 47.89 8.37
C ILE G 138 -1.03 48.43 9.00
N LYS G 139 -0.19 47.53 9.50
CA LYS G 139 1.04 47.86 10.25
C LYS G 139 2.25 47.58 9.34
N ILE G 140 3.00 48.60 8.94
CA ILE G 140 4.19 48.44 8.05
C ILE G 140 5.45 48.97 8.72
N GLY G 141 6.53 48.19 8.68
CA GLY G 141 7.85 48.69 9.12
C GLY G 141 8.96 47.77 8.63
N SER G 142 10.20 48.12 8.95
CA SER G 142 11.38 47.29 8.60
C SER G 142 11.24 45.94 9.33
N TRP G 143 11.44 44.86 8.61
CA TRP G 143 11.40 43.51 9.21
C TRP G 143 12.65 43.26 10.05
N THR G 144 13.83 43.73 9.63
CA THR G 144 15.10 43.31 10.27
C THR G 144 15.97 44.49 10.73
N HIS G 145 15.57 45.74 10.51
CA HIS G 145 16.34 46.92 10.97
C HIS G 145 15.57 47.61 12.11
N HIS G 146 16.17 47.66 13.27
CA HIS G 146 15.64 48.36 14.49
C HIS G 146 15.77 49.88 14.33
N SER G 147 15.27 50.62 15.31
CA SER G 147 15.02 52.08 15.22
C SER G 147 16.35 52.85 15.05
N ARG G 148 17.49 52.28 15.41
CA ARG G 148 18.79 52.98 15.22
C ARG G 148 19.33 52.78 13.80
N GLU G 149 18.71 51.92 12.98
CA GLU G 149 19.15 51.67 11.59
C GLU G 149 18.12 52.20 10.60
N ILE G 150 16.83 52.00 10.85
CA ILE G 150 15.73 52.55 10.00
C ILE G 150 14.70 53.18 10.91
N SER G 151 14.33 54.41 10.58
CA SER G 151 13.15 55.09 11.17
C SER G 151 12.10 55.19 10.08
N VAL G 152 10.83 55.06 10.45
CA VAL G 152 9.70 55.09 9.48
C VAL G 152 8.76 56.21 9.92
N ASP G 153 8.44 57.12 8.99
CA ASP G 153 7.54 58.27 9.20
C ASP G 153 6.46 58.26 8.13
N PRO G 154 5.22 58.63 8.48
CA PRO G 154 4.19 58.92 7.45
C PRO G 154 4.46 60.25 6.70
N THR G 155 3.79 60.47 5.57
CA THR G 155 3.74 61.74 4.78
C THR G 155 2.36 62.39 4.97
N SER G 159 -6.14 62.41 5.62
CA SER G 159 -6.51 62.24 4.18
C SER G 159 -7.74 61.33 4.03
N ASP G 160 -8.51 61.54 2.95
CA ASP G 160 -9.64 60.64 2.58
C ASP G 160 -9.32 59.92 1.26
N ASP G 161 -8.22 60.28 0.57
CA ASP G 161 -7.60 59.48 -0.51
C ASP G 161 -8.52 59.50 -1.74
N SER G 162 -9.40 60.49 -1.89
CA SER G 162 -10.34 60.57 -3.05
C SER G 162 -9.56 60.89 -4.35
N GLU G 163 -8.35 61.43 -4.18
CA GLU G 163 -7.38 61.64 -5.29
C GLU G 163 -7.09 60.33 -6.02
N TYR G 164 -7.00 59.21 -5.30
CA TYR G 164 -6.42 57.95 -5.82
C TYR G 164 -7.49 56.87 -5.93
N PHE G 165 -8.46 56.85 -5.02
CA PHE G 165 -9.35 55.66 -4.83
C PHE G 165 -10.30 55.58 -6.00
N SER G 166 -10.48 54.40 -6.59
CA SER G 166 -11.36 54.27 -7.78
C SER G 166 -12.82 54.45 -7.35
N GLN G 167 -13.56 55.37 -7.95
CA GLN G 167 -15.01 55.51 -7.66
C GLN G 167 -15.78 54.39 -8.35
N TYR G 168 -15.15 53.41 -8.97
CA TYR G 168 -15.88 52.21 -9.46
C TYR G 168 -15.95 51.08 -8.44
N SER G 169 -15.16 51.12 -7.37
CA SER G 169 -15.27 50.16 -6.25
C SER G 169 -16.71 50.11 -5.73
N ARG G 170 -17.11 49.00 -5.18
CA ARG G 170 -18.38 48.91 -4.39
C ARG G 170 -18.13 49.42 -2.96
N PHE G 171 -16.91 49.75 -2.58
CA PHE G 171 -16.59 50.40 -1.29
C PHE G 171 -16.30 51.89 -1.51
N GLU G 172 -16.49 52.69 -0.48
CA GLU G 172 -15.96 54.07 -0.46
C GLU G 172 -15.11 54.23 0.81
N ILE G 173 -14.09 55.08 0.69
CA ILE G 173 -13.17 55.41 1.80
C ILE G 173 -13.72 56.64 2.53
N LEU G 174 -13.89 56.50 3.84
CA LEU G 174 -14.37 57.57 4.75
C LEU G 174 -13.15 58.31 5.28
N ASP G 175 -12.05 57.61 5.57
CA ASP G 175 -10.88 58.22 6.25
C ASP G 175 -9.67 57.28 6.17
N VAL G 176 -8.48 57.85 5.97
CA VAL G 176 -7.19 57.14 6.14
C VAL G 176 -6.33 57.96 7.10
N THR G 177 -5.92 57.40 8.24
CA THR G 177 -4.94 58.07 9.15
C THR G 177 -3.70 57.17 9.25
N GLN G 178 -2.52 57.79 9.24
CA GLN G 178 -1.20 57.10 9.24
C GLN G 178 -0.51 57.60 10.51
N LYS G 179 -0.24 56.76 11.50
CA LYS G 179 0.50 57.20 12.71
C LYS G 179 1.70 56.28 13.01
N LYS G 180 2.72 56.82 13.65
CA LYS G 180 4.02 56.18 13.90
C LYS G 180 3.87 55.35 15.18
N ASN G 181 4.53 54.21 15.29
CA ASN G 181 4.68 53.44 16.55
C ASN G 181 6.08 52.83 16.62
N SER G 182 6.45 52.31 17.78
CA SER G 182 7.79 51.78 18.07
C SER G 182 7.62 50.62 19.06
N VAL G 183 7.91 49.40 18.66
CA VAL G 183 7.51 48.17 19.41
C VAL G 183 8.79 47.39 19.71
N THR G 184 8.93 46.89 20.96
CA THR G 184 9.95 45.89 21.36
C THR G 184 9.30 44.52 21.33
N TYR G 185 9.89 43.58 20.60
CA TYR G 185 9.39 42.20 20.45
C TYR G 185 10.28 41.29 21.30
N SER G 186 9.75 40.15 21.72
CA SER G 186 10.36 39.23 22.71
C SER G 186 11.60 38.54 22.12
N CYS G 187 11.83 38.54 20.80
CA CYS G 187 13.07 38.02 20.15
C CYS G 187 14.30 38.84 20.56
N CYS G 188 14.17 40.15 20.80
CA CYS G 188 15.23 41.18 20.56
C CYS G 188 15.12 42.32 21.57
N PRO G 189 16.24 42.89 22.06
CA PRO G 189 16.18 44.03 22.98
C PRO G 189 15.83 45.39 22.33
N GLU G 190 15.94 45.52 21.00
CA GLU G 190 15.80 46.84 20.31
C GLU G 190 14.35 47.00 19.87
N ALA G 191 13.99 48.25 19.58
CA ALA G 191 12.65 48.69 19.12
C ALA G 191 12.63 48.76 17.60
N TYR G 192 11.53 48.34 16.99
CA TYR G 192 11.29 48.34 15.53
C TYR G 192 10.18 49.35 15.26
N GLU G 193 10.43 50.27 14.33
CA GLU G 193 9.44 51.33 14.06
C GLU G 193 8.43 50.80 13.05
N ASP G 194 7.19 51.26 13.15
CA ASP G 194 6.16 50.97 12.13
C ASP G 194 5.31 52.21 11.94
N VAL G 195 4.65 52.26 10.80
CA VAL G 195 3.47 53.12 10.54
C VAL G 195 2.23 52.23 10.63
N GLU G 196 1.24 52.68 11.36
CA GLU G 196 -0.08 52.04 11.47
C GLU G 196 -1.03 52.85 10.59
N VAL G 197 -1.53 52.25 9.52
CA VAL G 197 -2.43 52.90 8.55
C VAL G 197 -3.85 52.43 8.86
N SER G 198 -4.73 53.33 9.26
CA SER G 198 -6.15 53.04 9.58
C SER G 198 -7.01 53.39 8.36
N LEU G 199 -7.50 52.35 7.70
CA LEU G 199 -8.39 52.48 6.51
C LEU G 199 -9.84 52.36 6.98
N ASN G 200 -10.55 53.48 7.05
CA ASN G 200 -11.98 53.50 7.43
C ASN G 200 -12.78 53.51 6.12
N PHE G 201 -13.54 52.45 5.87
CA PHE G 201 -14.24 52.25 4.59
C PHE G 201 -15.58 51.58 4.85
N ARG G 202 -16.49 51.70 3.89
CA ARG G 202 -17.81 51.03 3.99
C ARG G 202 -18.33 50.66 2.59
N LYS G 203 -19.28 49.74 2.56
CA LYS G 203 -20.03 49.34 1.34
C LYS G 203 -20.93 50.51 0.92
N LYS G 204 -20.98 50.86 -0.37
CA LYS G 204 -21.76 52.04 -0.88
C LYS G 204 -23.28 51.90 -0.72
N ALA H 1 36.23 49.01 10.21
CA ALA H 1 35.28 48.23 9.36
C ALA H 1 33.86 48.81 9.45
N ASP H 2 33.26 49.15 8.29
CA ASP H 2 31.85 49.60 8.18
C ASP H 2 30.97 48.40 7.78
N ARG H 3 29.66 48.64 7.55
CA ARG H 3 28.70 47.55 7.25
C ARG H 3 29.06 46.86 5.93
N ALA H 4 29.56 47.58 4.94
CA ALA H 4 29.94 47.01 3.62
C ALA H 4 31.10 46.03 3.80
N ASP H 5 32.08 46.38 4.64
CA ASP H 5 33.26 45.51 4.91
C ASP H 5 32.77 44.25 5.60
N ILE H 6 31.86 44.40 6.57
CA ILE H 6 31.33 43.24 7.34
C ILE H 6 30.62 42.31 6.35
N LEU H 7 29.76 42.85 5.47
CA LEU H 7 29.05 42.00 4.50
C LEU H 7 30.07 41.33 3.57
N TYR H 8 31.05 42.10 3.08
CA TYR H 8 32.08 41.57 2.16
C TYR H 8 32.78 40.37 2.83
N ASN H 9 33.20 40.51 4.09
CA ASN H 9 33.99 39.46 4.83
C ASN H 9 33.09 38.25 5.09
N ILE H 10 31.83 38.47 5.44
CA ILE H 10 30.84 37.37 5.59
C ILE H 10 30.77 36.57 4.28
N ARG H 11 30.75 37.25 3.13
CA ARG H 11 30.71 36.52 1.84
C ARG H 11 32.03 35.79 1.55
N GLN H 12 33.17 36.28 2.00
CA GLN H 12 34.47 35.54 1.82
C GLN H 12 34.46 34.22 2.58
N THR H 13 33.91 34.16 3.80
CA THR H 13 34.12 32.97 4.70
C THR H 13 32.84 32.13 4.78
N SER H 14 31.67 32.70 4.51
CA SER H 14 30.39 31.96 4.49
C SER H 14 30.39 30.92 3.39
N ARG H 15 29.95 29.72 3.70
CA ARG H 15 29.76 28.64 2.68
C ARG H 15 28.30 28.23 2.78
N PRO H 16 27.42 28.84 1.96
CA PRO H 16 25.98 28.62 2.09
C PRO H 16 25.56 27.16 2.00
N ASP H 17 26.33 26.30 1.34
CA ASP H 17 25.91 24.90 1.10
C ASP H 17 26.66 23.96 2.05
N VAL H 18 27.41 24.45 3.02
CA VAL H 18 28.24 23.60 3.94
C VAL H 18 27.82 23.87 5.39
N ILE H 19 27.41 22.84 6.06
CA ILE H 19 26.97 22.92 7.47
C ILE H 19 28.17 23.38 8.30
N PRO H 20 28.06 24.45 9.11
CA PRO H 20 29.22 24.97 9.86
C PRO H 20 29.44 24.26 11.20
N THR H 21 29.69 22.96 11.16
CA THR H 21 29.95 22.16 12.39
C THR H 21 31.32 22.57 12.93
N GLN H 22 31.44 22.63 14.23
CA GLN H 22 32.73 22.90 14.95
C GLN H 22 33.15 21.57 15.58
N ARG H 23 34.32 21.06 15.22
CA ARG H 23 34.91 19.80 15.75
C ARG H 23 33.92 18.64 15.71
N ASP H 24 33.17 18.46 14.60
CA ASP H 24 32.06 17.52 14.28
C ASP H 24 31.12 17.23 15.47
N ARG H 25 30.88 18.28 16.24
CA ARG H 25 29.66 18.45 17.08
C ARG H 25 28.54 18.86 16.12
N PRO H 26 27.28 18.46 16.42
CA PRO H 26 26.15 18.93 15.64
C PRO H 26 26.02 20.44 15.73
N VAL H 27 25.47 21.06 14.70
CA VAL H 27 25.05 22.48 14.75
C VAL H 27 23.76 22.50 15.56
N ALA H 28 23.75 23.26 16.64
CA ALA H 28 22.61 23.38 17.56
C ALA H 28 21.69 24.42 16.95
N VAL H 29 20.55 23.98 16.41
CA VAL H 29 19.55 24.92 15.85
C VAL H 29 18.42 25.05 16.87
N SER H 30 18.02 26.27 17.17
CA SER H 30 16.83 26.54 18.02
C SER H 30 15.71 27.00 17.12
N VAL H 31 14.53 26.45 17.34
CA VAL H 31 13.30 26.77 16.58
C VAL H 31 12.19 27.04 17.57
N SER H 32 11.49 28.13 17.40
CA SER H 32 10.32 28.49 18.24
C SER H 32 9.27 29.16 17.35
N LEU H 33 8.05 28.61 17.31
CA LEU H 33 6.94 29.18 16.49
C LEU H 33 6.14 30.15 17.37
N LYS H 34 5.96 31.39 16.90
CA LYS H 34 4.97 32.34 17.45
C LYS H 34 3.79 32.38 16.49
N PHE H 35 2.64 31.91 16.92
CA PHE H 35 1.42 31.88 16.09
C PHE H 35 0.88 33.30 15.94
N ILE H 36 0.62 33.68 14.70
CA ILE H 36 0.06 35.00 14.35
C ILE H 36 -1.40 34.86 13.94
N ASN H 37 -1.75 33.80 13.20
CA ASN H 37 -3.14 33.67 12.69
C ASN H 37 -3.44 32.20 12.41
N ILE H 38 -4.69 31.85 12.59
CA ILE H 38 -5.28 30.57 12.15
C ILE H 38 -6.39 30.99 11.20
N LEU H 39 -6.26 30.68 9.93
CA LEU H 39 -7.05 31.34 8.85
C LEU H 39 -8.18 30.45 8.42
N GLU H 40 -7.91 29.17 8.24
CA GLU H 40 -8.95 28.23 7.77
C GLU H 40 -8.71 26.96 8.54
N VAL H 41 -9.80 26.38 8.95
CA VAL H 41 -9.76 25.09 9.65
C VAL H 41 -10.84 24.26 8.97
N ASN H 42 -10.52 23.05 8.59
CA ASN H 42 -11.51 22.11 8.03
C ASN H 42 -11.51 20.86 8.92
N GLU H 43 -12.55 20.69 9.74
CA GLU H 43 -12.70 19.58 10.69
C GLU H 43 -12.98 18.27 9.94
N ILE H 44 -13.57 18.36 8.74
CA ILE H 44 -13.81 17.16 7.88
C ILE H 44 -12.49 16.63 7.31
N THR H 45 -11.63 17.49 6.75
CA THR H 45 -10.37 17.05 6.07
C THR H 45 -9.19 17.07 7.05
N ASN H 46 -9.35 17.59 8.27
CA ASN H 46 -8.25 17.71 9.26
C ASN H 46 -7.11 18.53 8.66
N GLU H 47 -7.42 19.73 8.17
CA GLU H 47 -6.44 20.64 7.55
C GLU H 47 -6.59 22.03 8.18
N VAL H 48 -5.47 22.69 8.42
CA VAL H 48 -5.46 24.07 9.00
CA VAL H 48 -5.46 24.07 9.00
C VAL H 48 -4.48 24.89 8.17
N ASP H 49 -4.78 26.15 8.02
CA ASP H 49 -3.94 27.15 7.36
C ASP H 49 -3.54 28.13 8.46
N VAL H 50 -2.24 28.23 8.75
CA VAL H 50 -1.73 29.08 9.85
C VAL H 50 -0.63 30.03 9.35
N VAL H 51 -0.47 31.13 10.08
CA VAL H 51 0.64 32.10 9.91
C VAL H 51 1.42 32.08 11.21
N PHE H 52 2.72 31.89 11.15
CA PHE H 52 3.58 31.89 12.35
C PHE H 52 4.92 32.54 12.00
N TRP H 53 5.56 33.14 12.99
CA TRP H 53 6.95 33.61 12.92
C TRP H 53 7.81 32.44 13.38
N GLN H 54 8.67 31.92 12.50
CA GLN H 54 9.54 30.80 12.86
C GLN H 54 10.88 31.34 13.33
N ARG H 55 11.00 31.59 14.62
CA ARG H 55 12.23 32.13 15.22
C ARG H 55 13.30 31.01 15.16
N THR H 56 14.36 31.22 14.40
CA THR H 56 15.41 30.20 14.11
C THR H 56 16.77 30.82 14.46
N THR H 57 17.55 30.18 15.34
CA THR H 57 18.88 30.68 15.73
C THR H 57 19.87 29.54 15.65
N TRP H 58 21.12 29.90 15.30
CA TRP H 58 22.27 28.97 15.28
C TRP H 58 23.51 29.82 15.27
N SER H 59 24.65 29.17 15.47
CA SER H 59 25.98 29.80 15.42
CA SER H 59 25.98 29.80 15.43
C SER H 59 26.72 29.34 14.18
N ASP H 60 27.42 30.24 13.52
CA ASP H 60 28.40 29.92 12.46
C ASP H 60 29.64 30.77 12.74
N ARG H 61 30.61 30.23 13.46
CA ARG H 61 31.75 31.01 13.98
C ARG H 61 32.68 31.44 12.84
N THR H 62 32.55 30.84 11.65
CA THR H 62 33.27 31.28 10.43
C THR H 62 32.89 32.75 10.11
N LEU H 63 31.69 33.20 10.49
CA LEU H 63 31.19 34.59 10.23
C LEU H 63 31.78 35.64 11.19
N ALA H 64 32.34 35.25 12.34
CA ALA H 64 32.65 36.18 13.45
C ALA H 64 33.60 37.29 12.97
N TRP H 65 33.50 38.49 13.54
CA TRP H 65 34.45 39.59 13.24
C TRP H 65 34.69 40.40 14.52
N ASP H 66 35.78 41.12 14.54
CA ASP H 66 36.15 42.02 15.67
C ASP H 66 35.25 43.26 15.60
N SER H 67 34.30 43.43 16.53
CA SER H 67 33.38 44.58 16.56
C SER H 67 33.73 45.55 17.67
N SER H 68 35.00 45.60 18.13
CA SER H 68 35.39 46.55 19.18
C SER H 68 35.16 47.99 18.72
N HIS H 69 35.31 48.27 17.41
CA HIS H 69 35.22 49.64 16.84
C HIS H 69 34.36 49.59 15.60
N SER H 70 33.33 48.78 15.57
CA SER H 70 32.48 48.63 14.36
C SER H 70 31.15 48.03 14.78
N PRO H 71 30.09 48.13 13.96
CA PRO H 71 28.79 47.59 14.34
C PRO H 71 28.93 46.10 14.67
N ASP H 72 28.21 45.62 15.67
CA ASP H 72 28.30 44.21 16.12
C ASP H 72 27.19 43.36 15.52
N GLN H 73 26.31 43.91 14.69
CA GLN H 73 25.23 43.15 13.99
C GLN H 73 25.02 43.72 12.60
N VAL H 74 24.65 42.90 11.65
CA VAL H 74 24.14 43.35 10.32
C VAL H 74 23.00 42.44 9.86
N SER H 75 22.11 42.96 9.04
CA SER H 75 21.11 42.21 8.26
C SER H 75 21.78 41.71 6.99
N VAL H 76 21.63 40.44 6.67
CA VAL H 76 22.30 39.77 5.53
C VAL H 76 21.23 38.96 4.79
N PRO H 77 21.18 39.00 3.43
CA PRO H 77 20.27 38.13 2.71
C PRO H 77 20.63 36.67 3.00
N ILE H 78 19.63 35.81 3.21
CA ILE H 78 19.87 34.39 3.61
C ILE H 78 20.59 33.64 2.51
N SER H 79 20.53 34.09 1.27
CA SER H 79 21.27 33.45 0.15
C SER H 79 22.79 33.58 0.40
N SER H 80 23.25 34.51 1.24
CA SER H 80 24.69 34.64 1.56
C SER H 80 25.11 33.70 2.69
N LEU H 81 24.16 33.05 3.36
CA LEU H 81 24.40 32.28 4.62
C LEU H 81 24.06 30.81 4.40
N TRP H 82 24.69 29.93 5.19
CA TRP H 82 24.12 28.60 5.44
C TRP H 82 22.90 28.79 6.32
N VAL H 83 21.80 28.16 5.97
CA VAL H 83 20.54 28.15 6.75
C VAL H 83 20.19 26.69 6.97
N PRO H 84 19.73 26.32 8.18
CA PRO H 84 19.28 24.94 8.37
C PRO H 84 18.12 24.58 7.41
N ASP H 85 18.15 23.38 6.85
CA ASP H 85 17.16 22.83 5.88
C ASP H 85 15.92 22.30 6.63
N LEU H 86 15.28 23.16 7.40
CA LEU H 86 14.10 22.77 8.23
C LEU H 86 12.90 22.51 7.33
N ALA H 87 12.10 21.53 7.66
CA ALA H 87 10.84 21.20 6.94
C ALA H 87 9.81 20.83 7.99
N ALA H 88 8.56 21.16 7.70
CA ALA H 88 7.43 20.69 8.51
C ALA H 88 6.97 19.37 7.92
N TYR H 89 7.13 18.29 8.66
CA TYR H 89 6.87 16.91 8.16
C TYR H 89 5.40 16.75 7.74
N ASN H 90 4.47 17.44 8.39
CA ASN H 90 3.01 17.25 8.15
C ASN H 90 2.45 18.45 7.37
N ALA H 91 3.30 19.25 6.72
CA ALA H 91 2.83 20.33 5.83
C ALA H 91 2.27 19.69 4.54
N ILE H 92 1.21 20.28 4.01
CA ILE H 92 0.58 19.87 2.73
C ILE H 92 0.65 21.03 1.74
N SER H 93 1.37 22.09 2.06
CA SER H 93 1.72 23.16 1.10
C SER H 93 3.16 23.59 1.36
N LYS H 94 3.78 24.20 0.36
CA LYS H 94 5.10 24.87 0.47
C LYS H 94 4.97 25.99 1.48
N PRO H 95 6.02 26.27 2.29
CA PRO H 95 6.00 27.43 3.18
C PRO H 95 5.93 28.69 2.30
N GLU H 96 4.92 29.54 2.45
CA GLU H 96 4.84 30.85 1.78
C GLU H 96 5.52 31.84 2.75
N VAL H 97 6.72 32.31 2.40
CA VAL H 97 7.45 33.27 3.28
C VAL H 97 6.96 34.67 2.97
N LEU H 98 6.34 35.32 3.95
CA LEU H 98 5.61 36.60 3.72
C LEU H 98 6.55 37.80 3.87
N THR H 99 7.76 37.61 4.40
CA THR H 99 8.64 38.70 4.85
C THR H 99 9.94 38.70 4.06
N PRO H 100 10.66 39.82 4.02
CA PRO H 100 11.98 39.88 3.41
C PRO H 100 12.91 38.79 3.98
N GLN H 101 13.63 38.08 3.12
CA GLN H 101 14.45 36.93 3.52
C GLN H 101 15.85 37.42 3.92
N LEU H 102 15.88 38.11 5.06
CA LEU H 102 17.11 38.65 5.68
C LEU H 102 17.21 38.05 7.06
N ALA H 103 18.43 37.71 7.46
CA ALA H 103 18.80 37.25 8.81
C ALA H 103 19.68 38.31 9.45
N ARG H 104 19.75 38.35 10.77
CA ARG H 104 20.71 39.18 11.53
C ARG H 104 21.89 38.29 11.89
N VAL H 105 23.09 38.74 11.59
CA VAL H 105 24.36 38.10 12.01
C VAL H 105 24.99 38.98 13.08
N VAL H 106 25.25 38.43 14.25
CA VAL H 106 25.99 39.10 15.35
C VAL H 106 27.49 38.81 15.18
N SER H 107 28.37 39.68 15.67
CA SER H 107 29.85 39.63 15.45
C SER H 107 30.49 38.38 16.06
N ASP H 108 29.85 37.70 17.00
CA ASP H 108 30.34 36.40 17.57
C ASP H 108 29.91 35.23 16.67
N GLY H 109 29.22 35.45 15.57
CA GLY H 109 28.72 34.36 14.70
C GLY H 109 27.30 33.87 14.97
N GLU H 110 26.58 34.39 15.95
CA GLU H 110 25.14 34.05 16.16
C GLU H 110 24.30 34.59 14.99
N VAL H 111 23.41 33.75 14.48
CA VAL H 111 22.47 34.13 13.40
C VAL H 111 21.05 34.02 13.94
N LEU H 112 20.22 35.01 13.64
CA LEU H 112 18.79 34.98 13.94
C LEU H 112 18.05 35.20 12.64
N TYR H 113 17.13 34.30 12.32
CA TYR H 113 16.27 34.36 11.12
C TYR H 113 14.85 34.13 11.61
N VAL H 114 13.95 35.06 11.29
CA VAL H 114 12.53 35.01 11.70
C VAL H 114 11.65 35.26 10.49
N PRO H 115 11.50 34.25 9.60
CA PRO H 115 10.54 34.37 8.52
C PRO H 115 9.11 34.26 9.08
N SER H 116 8.21 35.09 8.55
CA SER H 116 6.76 34.92 8.74
C SER H 116 6.29 33.98 7.64
N ILE H 117 5.67 32.88 8.04
CA ILE H 117 5.31 31.77 7.13
C ILE H 117 3.81 31.53 7.21
N ARG H 118 3.20 31.44 6.04
CA ARG H 118 1.85 30.87 5.88
C ARG H 118 1.97 29.49 5.27
N GLN H 119 1.34 28.49 5.90
CA GLN H 119 1.49 27.09 5.50
C GLN H 119 0.24 26.32 5.94
N ARG H 120 -0.11 25.31 5.15
CA ARG H 120 -1.25 24.40 5.39
CA ARG H 120 -1.26 24.40 5.40
C ARG H 120 -0.71 23.10 5.97
N PHE H 121 -1.36 22.57 6.99
CA PHE H 121 -0.97 21.33 7.70
C PHE H 121 -2.12 20.34 7.73
N SER H 122 -1.72 19.08 7.73
CA SER H 122 -2.57 17.91 8.07
C SER H 122 -2.36 17.68 9.55
N CYS H 123 -3.38 17.87 10.35
CA CYS H 123 -3.30 17.68 11.81
C CYS H 123 -4.68 17.53 12.40
N ASP H 124 -4.72 17.19 13.68
CA ASP H 124 -5.97 16.82 14.39
C ASP H 124 -6.76 18.09 14.65
N VAL H 125 -7.89 18.23 13.97
CA VAL H 125 -8.78 19.41 14.11
C VAL H 125 -9.99 19.00 14.95
N SER H 126 -10.11 17.75 15.37
CA SER H 126 -11.30 17.33 16.16
C SER H 126 -11.31 18.12 17.47
N GLY H 127 -12.50 18.58 17.87
CA GLY H 127 -12.74 19.33 19.12
C GLY H 127 -12.60 20.83 18.95
N VAL H 128 -12.36 21.30 17.73
CA VAL H 128 -12.09 22.75 17.50
C VAL H 128 -13.30 23.58 17.97
N ASP H 129 -14.54 23.07 17.88
CA ASP H 129 -15.76 23.87 18.23
C ASP H 129 -16.21 23.55 19.64
N THR H 130 -15.38 22.91 20.46
CA THR H 130 -15.67 22.58 21.88
C THR H 130 -14.81 23.44 22.80
N GLU H 131 -15.08 23.38 24.11
CA GLU H 131 -14.39 24.24 25.10
C GLU H 131 -12.92 23.84 25.24
N SER H 132 -12.56 22.57 25.08
CA SER H 132 -11.15 22.12 25.29
CA SER H 132 -11.17 22.05 25.27
C SER H 132 -10.36 22.24 23.99
N GLY H 133 -11.05 22.41 22.86
CA GLY H 133 -10.42 22.79 21.58
C GLY H 133 -9.75 21.63 20.87
N ALA H 134 -9.16 21.90 19.73
CA ALA H 134 -8.31 20.96 18.97
C ALA H 134 -6.85 21.10 19.41
N THR H 135 -6.06 20.05 19.25
CA THR H 135 -4.59 20.07 19.40
C THR H 135 -3.95 19.65 18.07
N CYS H 136 -3.43 20.61 17.35
CA CYS H 136 -2.79 20.45 16.03
C CYS H 136 -1.27 20.39 16.28
N ARG H 137 -0.64 19.26 15.97
CA ARG H 137 0.81 19.08 16.18
C ARG H 137 1.53 19.38 14.88
N ILE H 138 2.51 20.26 14.92
CA ILE H 138 3.38 20.58 13.76
C ILE H 138 4.79 20.09 14.10
N LYS H 139 5.32 19.25 13.21
CA LYS H 139 6.61 18.55 13.40
C LYS H 139 7.65 19.21 12.49
N ILE H 140 8.67 19.85 13.05
CA ILE H 140 9.72 20.55 12.26
C ILE H 140 11.10 20.00 12.61
N GLY H 141 11.88 19.67 11.58
CA GLY H 141 13.28 19.27 11.76
C GLY H 141 14.06 19.40 10.48
N SER H 142 15.36 19.14 10.54
CA SER H 142 16.22 19.04 9.34
C SER H 142 15.67 17.95 8.42
N TRP H 143 15.54 18.25 7.14
CA TRP H 143 15.11 17.24 6.14
C TRP H 143 16.26 16.26 5.85
N THR H 144 17.51 16.72 5.79
CA THR H 144 18.61 15.88 5.27
C THR H 144 19.81 15.77 6.23
N HIS H 145 19.80 16.41 7.38
CA HIS H 145 20.90 16.31 8.38
C HIS H 145 20.41 15.54 9.61
N HIS H 146 21.04 14.39 9.86
CA HIS H 146 20.78 13.53 11.04
C HIS H 146 21.36 14.16 12.31
N SER H 147 21.14 13.52 13.46
CA SER H 147 21.34 14.10 14.82
C SER H 147 22.81 14.39 15.07
N ARG H 148 23.74 13.77 14.36
CA ARG H 148 25.18 14.09 14.53
C ARG H 148 25.59 15.33 13.70
N GLU H 149 24.74 15.86 12.85
CA GLU H 149 25.04 17.05 12.02
C GLU H 149 24.18 18.23 12.48
N ILE H 150 22.89 18.02 12.76
CA ILE H 150 21.98 19.08 13.28
C ILE H 150 21.22 18.53 14.47
N SER H 151 21.23 19.28 15.57
CA SER H 151 20.32 19.07 16.71
C SER H 151 19.33 20.22 16.70
N VAL H 152 18.07 19.93 17.04
CA VAL H 152 16.99 20.94 17.04
C VAL H 152 16.39 20.97 18.44
N ASP H 153 16.33 22.16 19.04
CA ASP H 153 15.82 22.38 20.42
C ASP H 153 14.76 23.47 20.38
N PRO H 154 13.67 23.34 21.16
CA PRO H 154 12.75 24.46 21.41
C PRO H 154 13.37 25.53 22.33
N THR H 155 12.81 26.74 22.39
CA THR H 155 13.17 27.84 23.34
C THR H 155 12.00 28.00 24.32
N SER H 162 0.60 33.24 22.13
CA SER H 162 -0.63 34.07 22.16
C SER H 162 -0.26 35.57 22.11
N GLU H 163 0.99 35.89 22.45
CA GLU H 163 1.46 37.27 22.61
C GLU H 163 1.29 38.07 21.32
N TYR H 164 1.55 37.47 20.15
CA TYR H 164 1.44 38.16 18.85
C TYR H 164 0.28 37.62 18.03
N PHE H 165 -0.62 36.85 18.63
CA PHE H 165 -1.75 36.22 17.90
C PHE H 165 -2.79 37.31 17.55
N SER H 166 -3.28 37.31 16.33
CA SER H 166 -4.27 38.27 15.82
C SER H 166 -5.59 38.15 16.59
N GLN H 167 -6.07 39.28 17.12
CA GLN H 167 -7.40 39.40 17.75
C GLN H 167 -8.51 39.23 16.72
N TYR H 168 -8.19 39.22 15.42
CA TYR H 168 -9.21 39.19 14.35
C TYR H 168 -9.38 37.78 13.83
N SER H 169 -8.55 36.83 14.22
CA SER H 169 -8.79 35.38 13.93
C SER H 169 -10.17 35.00 14.46
N ARG H 170 -10.82 34.04 13.82
CA ARG H 170 -12.04 33.41 14.37
C ARG H 170 -11.68 32.43 15.48
N PHE H 171 -10.40 32.11 15.64
CA PHE H 171 -9.88 31.14 16.64
C PHE H 171 -9.17 31.90 17.74
N GLU H 172 -9.02 31.24 18.88
CA GLU H 172 -8.14 31.73 19.98
C GLU H 172 -7.24 30.57 20.39
N ILE H 173 -6.06 30.89 20.88
CA ILE H 173 -5.05 29.91 21.36
C ILE H 173 -5.24 29.68 22.84
N LEU H 174 -5.41 28.42 23.24
CA LEU H 174 -5.52 27.98 24.64
C LEU H 174 -4.13 27.66 25.17
N ASP H 175 -3.25 27.07 24.35
CA ASP H 175 -1.94 26.55 24.81
C ASP H 175 -1.05 26.20 23.62
N VAL H 176 0.24 26.45 23.74
CA VAL H 176 1.31 25.97 22.81
C VAL H 176 2.37 25.26 23.63
N THR H 177 2.66 23.98 23.37
CA THR H 177 3.82 23.26 23.97
C THR H 177 4.75 22.83 22.83
N GLN H 178 6.05 22.95 23.05
CA GLN H 178 7.13 22.68 22.07
C GLN H 178 7.98 21.58 22.72
N LYS H 179 8.06 20.37 22.19
CA LYS H 179 8.92 19.31 22.78
C LYS H 179 9.81 18.66 21.69
N LYS H 180 10.97 18.18 22.10
CA LYS H 180 12.02 17.64 21.21
C LYS H 180 11.68 16.18 20.93
N ASN H 181 11.99 15.66 19.77
CA ASN H 181 11.92 14.21 19.44
C ASN H 181 13.09 13.82 18.53
N SER H 182 13.33 12.53 18.37
CA SER H 182 14.44 11.98 17.58
C SER H 182 13.97 10.68 16.93
N VAL H 183 13.86 10.61 15.62
CA VAL H 183 13.14 9.51 14.88
C VAL H 183 14.13 8.87 13.91
N THR H 184 14.14 7.52 13.83
CA THR H 184 14.85 6.76 12.76
C THR H 184 13.82 6.39 11.69
N TYR H 185 14.12 6.74 10.43
CA TYR H 185 13.21 6.46 9.29
C TYR H 185 13.78 5.29 8.49
N SER H 186 12.94 4.54 7.78
CA SER H 186 13.28 3.26 7.11
C SER H 186 14.26 3.48 5.94
N CYS H 187 14.43 4.71 5.40
CA CYS H 187 15.45 5.01 4.35
C CYS H 187 16.89 4.83 4.89
N CYS H 188 17.12 5.11 6.18
CA CYS H 188 18.44 5.62 6.70
C CYS H 188 18.70 5.11 8.12
N PRO H 189 19.94 4.68 8.46
CA PRO H 189 20.23 4.15 9.80
C PRO H 189 20.32 5.21 10.92
N GLU H 190 20.45 6.50 10.59
CA GLU H 190 20.69 7.56 11.60
C GLU H 190 19.35 8.17 12.00
N ALA H 191 19.35 8.89 13.14
CA ALA H 191 18.17 9.55 13.74
C ALA H 191 18.12 11.02 13.31
N TYR H 192 16.93 11.53 13.04
CA TYR H 192 16.65 12.92 12.63
C TYR H 192 15.89 13.60 13.77
N GLU H 193 16.38 14.75 14.22
CA GLU H 193 15.76 15.44 15.37
C GLU H 193 14.63 16.33 14.84
N ASP H 194 13.57 16.47 15.64
CA ASP H 194 12.48 17.41 15.34
C ASP H 194 12.02 18.07 16.64
N VAL H 195 11.36 19.21 16.47
CA VAL H 195 10.50 19.84 17.51
C VAL H 195 9.06 19.56 17.10
N GLU H 196 8.27 19.09 18.05
CA GLU H 196 6.82 18.90 17.88
C GLU H 196 6.15 20.06 18.59
N VAL H 197 5.45 20.90 17.84
CA VAL H 197 4.73 22.07 18.39
C VAL H 197 3.26 21.72 18.46
N SER H 198 2.70 21.67 19.67
CA SER H 198 1.27 21.37 19.93
C SER H 198 0.52 22.69 20.09
N LEU H 199 -0.27 23.04 19.09
CA LEU H 199 -1.16 24.21 19.09
C LEU H 199 -2.54 23.78 19.54
N ASN H 200 -2.92 24.12 20.77
CA ASN H 200 -4.27 23.87 21.34
C ASN H 200 -5.08 25.14 21.09
N PHE H 201 -6.10 25.06 20.25
CA PHE H 201 -6.89 26.23 19.81
C PHE H 201 -8.35 25.85 19.70
N ARG H 202 -9.21 26.85 19.71
CA ARG H 202 -10.66 26.62 19.51
C ARG H 202 -11.31 27.81 18.83
N LYS H 203 -12.49 27.60 18.26
CA LYS H 203 -13.34 28.67 17.67
C LYS H 203 -13.84 29.57 18.81
N LYS H 204 -13.78 30.91 18.65
CA LYS H 204 -14.16 31.88 19.71
C LYS H 204 -15.66 31.84 20.07
N ASP I 2 37.58 18.01 4.69
CA ASP I 2 36.33 18.33 5.43
C ASP I 2 35.15 18.43 4.44
N ARG I 3 33.96 18.80 4.93
CA ARG I 3 32.72 18.87 4.12
C ARG I 3 32.87 19.91 3.00
N ALA I 4 33.56 21.02 3.24
CA ALA I 4 33.74 22.08 2.22
C ALA I 4 34.58 21.54 1.06
N ASP I 5 35.63 20.78 1.36
CA ASP I 5 36.53 20.18 0.34
C ASP I 5 35.71 19.18 -0.48
N ILE I 6 34.88 18.39 0.19
CA ILE I 6 34.05 17.37 -0.51
C ILE I 6 33.09 18.09 -1.45
N LEU I 7 32.43 19.15 -1.01
CA LEU I 7 31.50 19.91 -1.87
C LEU I 7 32.29 20.53 -3.02
N TYR I 8 33.46 21.12 -2.74
CA TYR I 8 34.32 21.73 -3.78
C TYR I 8 34.62 20.67 -4.86
N ASN I 9 35.03 19.47 -4.48
CA ASN I 9 35.46 18.40 -5.43
C ASN I 9 34.23 17.89 -6.21
N ILE I 10 33.09 17.76 -5.54
CA ILE I 10 31.80 17.42 -6.20
C ILE I 10 31.53 18.46 -7.31
N ARG I 11 31.74 19.74 -7.05
CA ARG I 11 31.50 20.78 -8.08
C ARG I 11 32.55 20.71 -9.20
N GLN I 12 33.78 20.29 -8.95
CA GLN I 12 34.80 20.11 -10.03
C GLN I 12 34.33 19.03 -11.02
N THR I 13 33.76 17.90 -10.57
CA THR I 13 33.59 16.71 -11.42
C THR I 13 32.12 16.50 -11.78
N SER I 14 31.18 17.01 -10.99
CA SER I 14 29.71 16.89 -11.23
C SER I 14 29.35 17.60 -12.53
N ARG I 15 28.58 16.93 -13.38
CA ARG I 15 28.01 17.53 -14.62
C ARG I 15 26.50 17.40 -14.50
N PRO I 16 25.81 18.41 -13.95
CA PRO I 16 24.37 18.32 -13.71
C PRO I 16 23.54 17.95 -14.95
N ASP I 17 24.03 18.26 -16.15
CA ASP I 17 23.23 18.10 -17.38
C ASP I 17 23.68 16.85 -18.15
N VAL I 18 24.56 16.00 -17.58
CA VAL I 18 25.11 14.81 -18.30
C VAL I 18 24.79 13.56 -17.47
N ILE I 19 24.09 12.63 -18.09
CA ILE I 19 23.72 11.35 -17.43
C ILE I 19 25.03 10.65 -17.10
N PRO I 20 25.27 10.22 -15.83
CA PRO I 20 26.53 9.58 -15.46
C PRO I 20 26.54 8.08 -15.75
N THR I 21 26.34 7.69 -17.01
CA THR I 21 26.43 6.29 -17.44
C THR I 21 27.90 5.92 -17.38
N GLN I 22 28.19 4.70 -16.97
CA GLN I 22 29.57 4.15 -16.91
C GLN I 22 29.63 3.11 -18.03
N ARG I 23 30.55 3.32 -18.99
CA ARG I 23 30.57 2.66 -20.31
C ARG I 23 29.16 2.76 -20.92
N ASP I 24 28.64 1.69 -21.47
CA ASP I 24 27.29 1.84 -22.10
C ASP I 24 26.23 1.26 -21.17
N ARG I 25 26.45 1.27 -19.86
CA ARG I 25 25.45 0.66 -18.93
C ARG I 25 24.39 1.73 -18.64
N PRO I 26 23.13 1.33 -18.45
CA PRO I 26 22.12 2.28 -17.98
C PRO I 26 22.48 2.75 -16.57
N VAL I 27 22.06 3.96 -16.20
CA VAL I 27 22.01 4.37 -14.78
C VAL I 27 20.80 3.65 -14.17
N ALA I 28 21.04 2.83 -13.15
CA ALA I 28 19.99 2.08 -12.43
C ALA I 28 19.37 3.02 -11.43
N VAL I 29 18.15 3.48 -11.66
CA VAL I 29 17.45 4.40 -10.73
C VAL I 29 16.44 3.58 -9.95
N SER I 30 16.45 3.68 -8.63
CA SER I 30 15.46 3.05 -7.76
C SER I 30 14.47 4.13 -7.29
N VAL I 31 13.19 3.85 -7.38
CA VAL I 31 12.11 4.79 -6.99
C VAL I 31 11.15 4.01 -6.11
N SER I 32 10.81 4.60 -4.97
CA SER I 32 9.86 3.99 -4.01
C SER I 32 9.07 5.13 -3.37
N LEU I 33 7.75 5.11 -3.49
CA LEU I 33 6.84 6.14 -2.93
C LEU I 33 6.43 5.70 -1.52
N LYS I 34 6.61 6.57 -0.52
CA LYS I 34 5.95 6.47 0.80
C LYS I 34 4.82 7.48 0.82
N PHE I 35 3.59 6.98 0.86
CA PHE I 35 2.38 7.84 0.86
C PHE I 35 2.25 8.46 2.25
N ILE I 36 2.09 9.78 2.27
CA ILE I 36 1.96 10.56 3.52
C ILE I 36 0.51 11.02 3.68
N ASN I 37 -0.17 11.40 2.60
CA ASN I 37 -1.53 11.95 2.72
C ASN I 37 -2.27 11.75 1.40
N ILE I 38 -3.56 11.54 1.51
CA ILE I 38 -4.51 11.58 0.39
C ILE I 38 -5.49 12.68 0.75
N LEU I 39 -5.48 13.78 -0.02
CA LEU I 39 -6.06 15.07 0.44
C LEU I 39 -7.42 15.25 -0.19
N GLU I 40 -7.54 14.99 -1.48
CA GLU I 40 -8.83 15.29 -2.17
C GLU I 40 -8.99 14.16 -3.18
N VAL I 41 -10.18 13.63 -3.18
CA VAL I 41 -10.50 12.52 -4.08
C VAL I 41 -11.79 12.92 -4.73
N ASN I 42 -11.85 12.85 -6.05
CA ASN I 42 -13.08 13.18 -6.80
C ASN I 42 -13.46 11.95 -7.62
N GLU I 43 -14.49 11.24 -7.19
CA GLU I 43 -14.96 9.97 -7.81
C GLU I 43 -15.65 10.31 -9.13
N ILE I 44 -16.19 11.52 -9.30
CA ILE I 44 -16.80 11.96 -10.59
C ILE I 44 -15.70 12.18 -11.64
N THR I 45 -14.62 12.92 -11.32
CA THR I 45 -13.57 13.28 -12.31
C THR I 45 -12.43 12.24 -12.31
N ASN I 46 -12.42 11.29 -11.39
CA ASN I 46 -11.31 10.31 -11.24
C ASN I 46 -9.97 11.04 -11.04
N GLU I 47 -9.91 11.91 -10.05
CA GLU I 47 -8.70 12.69 -9.72
C GLU I 47 -8.41 12.59 -8.22
N VAL I 48 -7.13 12.48 -7.88
CA VAL I 48 -6.69 12.37 -6.47
C VAL I 48 -5.51 13.33 -6.31
N ASP I 49 -5.44 13.92 -5.14
CA ASP I 49 -4.38 14.85 -4.70
C ASP I 49 -3.68 14.12 -3.57
N VAL I 50 -2.42 13.79 -3.76
CA VAL I 50 -1.65 12.97 -2.79
C VAL I 50 -0.33 13.68 -2.45
N VAL I 51 0.16 13.37 -1.26
CA VAL I 51 1.48 13.76 -0.75
C VAL I 51 2.27 12.48 -0.54
N PHE I 52 3.46 12.40 -1.11
CA PHE I 52 4.31 11.21 -0.97
C PHE I 52 5.77 11.65 -0.89
N TRP I 53 6.60 10.87 -0.22
CA TRP I 53 8.07 11.02 -0.21
C TRP I 53 8.55 10.12 -1.35
N GLN I 54 9.16 10.70 -2.38
CA GLN I 54 9.62 9.92 -3.54
C GLN I 54 11.09 9.54 -3.32
N ARG I 55 11.32 8.41 -2.68
CA ARG I 55 12.67 7.94 -2.36
C ARG I 55 13.33 7.52 -3.67
N THR I 56 14.38 8.23 -4.07
CA THR I 56 15.07 8.09 -5.37
C THR I 56 16.55 7.86 -5.10
N THR I 57 17.10 6.76 -5.61
CA THR I 57 18.54 6.45 -5.42
C THR I 57 19.13 6.11 -6.78
N TRP I 58 20.39 6.47 -6.95
CA TRP I 58 21.19 6.11 -8.15
C TRP I 58 22.63 6.30 -7.81
N SER I 59 23.50 5.82 -8.69
CA SER I 59 24.96 5.97 -8.54
C SER I 59 25.47 6.99 -9.55
N ASP I 60 26.34 7.89 -9.10
CA ASP I 60 27.10 8.81 -9.97
C ASP I 60 28.56 8.74 -9.52
N ARG I 61 29.35 7.86 -10.13
CA ARG I 61 30.72 7.56 -9.68
C ARG I 61 31.63 8.75 -9.95
N THR I 62 31.23 9.72 -10.79
CA THR I 62 31.99 11.00 -10.96
C THR I 62 32.06 11.74 -9.62
N LEU I 63 31.11 11.56 -8.72
CA LEU I 63 31.05 12.24 -7.38
C LEU I 63 31.95 11.54 -6.34
N ALA I 64 32.35 10.28 -6.54
CA ALA I 64 32.93 9.42 -5.48
C ALA I 64 34.22 10.07 -4.98
N TRP I 65 34.55 9.87 -3.71
CA TRP I 65 35.81 10.42 -3.11
C TRP I 65 36.34 9.43 -2.09
N ASP I 66 37.61 9.54 -1.78
CA ASP I 66 38.26 8.71 -0.75
C ASP I 66 37.85 9.24 0.63
N SER I 67 37.06 8.48 1.40
CA SER I 67 36.59 8.89 2.74
C SER I 67 37.33 8.13 3.86
N SER I 68 38.53 7.61 3.60
CA SER I 68 39.29 6.93 4.68
C SER I 68 39.64 7.93 5.80
N HIS I 69 39.79 9.23 5.50
CA HIS I 69 40.17 10.26 6.49
C HIS I 69 39.23 11.45 6.40
N SER I 70 37.96 11.23 6.08
CA SER I 70 37.02 12.35 5.84
C SER I 70 35.60 11.85 5.95
N PRO I 71 34.60 12.73 6.14
CA PRO I 71 33.21 12.30 6.23
C PRO I 71 32.85 11.52 4.95
N ASP I 72 32.02 10.49 5.09
CA ASP I 72 31.67 9.61 3.94
C ASP I 72 30.31 10.02 3.35
N GLN I 73 29.64 11.08 3.85
CA GLN I 73 28.36 11.55 3.29
C GLN I 73 28.26 13.06 3.42
N VAL I 74 27.62 13.74 2.48
CA VAL I 74 27.25 15.17 2.65
C VAL I 74 25.88 15.40 2.01
N SER I 75 25.15 16.40 2.50
CA SER I 75 23.95 16.99 1.87
C SER I 75 24.41 18.01 0.83
N VAL I 76 23.87 17.92 -0.37
CA VAL I 76 24.28 18.75 -1.53
C VAL I 76 23.00 19.30 -2.18
N PRO I 77 22.94 20.58 -2.57
CA PRO I 77 21.77 21.08 -3.32
C PRO I 77 21.69 20.33 -4.66
N ILE I 78 20.49 19.92 -5.07
CA ILE I 78 20.33 19.06 -6.28
C ILE I 78 20.75 19.86 -7.52
N SER I 79 20.76 21.18 -7.47
CA SER I 79 21.24 22.00 -8.62
C SER I 79 22.73 21.75 -8.85
N SER I 80 23.48 21.20 -7.90
CA SER I 80 24.90 20.83 -8.13
C SER I 80 25.05 19.46 -8.77
N LEU I 81 23.99 18.66 -8.87
CA LEU I 81 24.06 17.19 -9.21
C LEU I 81 23.27 16.91 -10.49
N TRP I 82 23.62 15.86 -11.20
CA TRP I 82 22.66 15.24 -12.14
C TRP I 82 21.57 14.54 -11.32
N VAL I 83 20.32 14.75 -11.68
CA VAL I 83 19.15 14.06 -11.07
CA VAL I 83 19.15 14.07 -11.06
C VAL I 83 18.36 13.42 -12.19
N PRO I 84 17.84 12.18 -12.05
CA PRO I 84 17.02 11.61 -13.08
C PRO I 84 15.77 12.50 -13.36
N ASP I 85 15.45 12.64 -14.63
CA ASP I 85 14.30 13.40 -15.20
C ASP I 85 13.02 12.56 -15.06
N LEU I 86 12.67 12.16 -13.85
CA LEU I 86 11.46 11.35 -13.58
C LEU I 86 10.24 12.23 -13.73
N ALA I 87 9.17 11.69 -14.29
CA ALA I 87 7.86 12.34 -14.42
C ALA I 87 6.79 11.29 -14.10
N ALA I 88 5.69 11.75 -13.54
CA ALA I 88 4.50 10.91 -13.36
C ALA I 88 3.67 11.06 -14.61
N TYR I 89 3.55 10.01 -15.41
CA TYR I 89 2.89 10.08 -16.74
CA TYR I 89 2.91 10.09 -16.75
C TYR I 89 1.42 10.49 -16.62
N ASN I 90 0.74 10.12 -15.52
CA ASN I 90 -0.70 10.41 -15.35
C ASN I 90 -0.92 11.56 -14.35
N ALA I 91 0.10 12.37 -14.08
CA ALA I 91 -0.04 13.64 -13.31
C ALA I 91 -0.80 14.64 -14.18
N ILE I 92 -1.65 15.41 -13.53
CA ILE I 92 -2.42 16.52 -14.17
C ILE I 92 -2.08 17.84 -13.46
N SER I 93 -1.07 17.84 -12.59
CA SER I 93 -0.49 19.10 -12.03
C SER I 93 1.02 18.92 -11.94
N LYS I 94 1.75 20.04 -11.89
CA LYS I 94 3.20 20.08 -11.63
C LYS I 94 3.47 19.48 -10.27
N PRO I 95 4.59 18.77 -10.09
CA PRO I 95 4.96 18.29 -8.75
C PRO I 95 5.23 19.52 -7.86
N GLU I 96 4.50 19.70 -6.75
CA GLU I 96 4.80 20.73 -5.73
C GLU I 96 5.78 20.10 -4.74
N VAL I 97 7.05 20.49 -4.78
CA VAL I 97 8.09 19.93 -3.86
C VAL I 97 8.02 20.71 -2.55
N LEU I 98 7.69 20.03 -1.47
CA LEU I 98 7.37 20.68 -0.16
C LEU I 98 8.63 20.89 0.67
N THR I 99 9.73 20.26 0.32
CA THR I 99 10.89 20.09 1.21
C THR I 99 12.12 20.73 0.58
N PRO I 100 13.15 21.05 1.40
CA PRO I 100 14.42 21.56 0.87
C PRO I 100 14.99 20.62 -0.20
N GLN I 101 15.47 21.16 -1.31
CA GLN I 101 15.89 20.34 -2.47
C GLN I 101 17.38 20.02 -2.31
N LEU I 102 17.66 19.16 -1.32
CA LEU I 102 19.00 18.65 -1.00
C LEU I 102 18.96 17.15 -1.12
N ALA I 103 20.02 16.58 -1.66
CA ALA I 103 20.27 15.13 -1.75
C ALA I 103 21.44 14.78 -0.84
N ARG I 104 21.53 13.52 -0.40
CA ARG I 104 22.72 13.00 0.29
C ARG I 104 23.59 12.29 -0.76
N VAL I 105 24.87 12.62 -0.78
CA VAL I 105 25.87 11.92 -1.62
C VAL I 105 26.74 11.13 -0.67
N VAL I 106 26.84 9.82 -0.87
CA VAL I 106 27.79 8.93 -0.14
C VAL I 106 29.09 8.86 -0.94
N SER I 107 30.23 8.61 -0.29
CA SER I 107 31.59 8.69 -0.88
C SER I 107 31.79 7.65 -2.00
N ASP I 108 30.99 6.57 -2.03
CA ASP I 108 31.05 5.55 -3.11
C ASP I 108 30.27 6.04 -4.35
N GLY I 109 29.67 7.22 -4.32
CA GLY I 109 28.90 7.77 -5.46
C GLY I 109 27.39 7.51 -5.38
N GLU I 110 26.88 6.81 -4.38
CA GLU I 110 25.42 6.61 -4.20
C GLU I 110 24.79 7.95 -3.81
N VAL I 111 23.67 8.27 -4.45
CA VAL I 111 22.89 9.49 -4.18
C VAL I 111 21.53 9.06 -3.69
N LEU I 112 21.06 9.70 -2.63
CA LEU I 112 19.70 9.51 -2.12
C LEU I 112 19.02 10.89 -2.13
N TYR I 113 17.88 10.98 -2.81
CA TYR I 113 17.06 12.21 -2.89
C TYR I 113 15.64 11.80 -2.52
N VAL I 114 15.06 12.48 -1.53
CA VAL I 114 13.70 12.14 -1.04
C VAL I 114 12.88 13.43 -0.95
N PRO I 115 12.44 13.97 -2.09
CA PRO I 115 11.51 15.11 -2.05
C PRO I 115 10.15 14.64 -1.55
N SER I 116 9.53 15.45 -0.69
CA SER I 116 8.09 15.36 -0.39
C SER I 116 7.34 16.12 -1.49
N ILE I 117 6.45 15.43 -2.17
CA ILE I 117 5.75 15.97 -3.37
C ILE I 117 4.24 15.90 -3.10
N ARG I 118 3.58 17.01 -3.37
CA ARG I 118 2.13 17.06 -3.55
C ARG I 118 1.82 17.17 -5.05
N GLN I 119 0.97 16.29 -5.55
CA GLN I 119 0.67 16.21 -7.01
C GLN I 119 -0.73 15.61 -7.17
N ARG I 120 -1.42 16.05 -8.20
CA ARG I 120 -2.76 15.59 -8.62
C ARG I 120 -2.59 14.60 -9.78
N PHE I 121 -3.32 13.50 -9.70
CA PHE I 121 -3.29 12.40 -10.69
C PHE I 121 -4.69 12.11 -11.23
N SER I 122 -4.71 11.70 -12.50
CA SER I 122 -5.86 11.07 -13.16
C SER I 122 -5.71 9.56 -12.97
N CYS I 123 -6.61 8.95 -12.23
CA CYS I 123 -6.53 7.48 -11.96
C CYS I 123 -7.86 6.98 -11.45
N ASP I 124 -7.99 5.67 -11.31
CA ASP I 124 -9.26 5.01 -11.02
C ASP I 124 -9.62 5.23 -9.55
N VAL I 125 -10.65 6.01 -9.29
CA VAL I 125 -11.12 6.33 -7.90
C VAL I 125 -12.36 5.51 -7.60
N SER I 126 -12.84 4.69 -8.54
CA SER I 126 -14.08 3.89 -8.28
C SER I 126 -13.81 2.94 -7.11
N GLY I 127 -14.78 2.82 -6.22
CA GLY I 127 -14.75 1.89 -5.08
C GLY I 127 -14.15 2.54 -3.83
N VAL I 128 -13.80 3.81 -3.88
CA VAL I 128 -13.10 4.49 -2.76
C VAL I 128 -13.97 4.41 -1.50
N ASP I 129 -15.29 4.43 -1.60
CA ASP I 129 -16.20 4.47 -0.43
C ASP I 129 -16.69 3.06 -0.08
N THR I 130 -16.08 2.01 -0.63
CA THR I 130 -16.43 0.59 -0.38
C THR I 130 -15.32 -0.08 0.43
N GLU I 131 -15.56 -1.30 0.86
CA GLU I 131 -14.63 -2.06 1.73
C GLU I 131 -13.36 -2.42 0.99
N SER I 132 -13.40 -2.68 -0.33
CA SER I 132 -12.18 -3.10 -1.07
C SER I 132 -11.39 -1.89 -1.55
N GLY I 133 -12.03 -0.72 -1.57
CA GLY I 133 -11.38 0.56 -1.86
C GLY I 133 -11.12 0.79 -3.32
N ALA I 134 -10.51 1.91 -3.64
CA ALA I 134 -10.03 2.24 -4.99
C ALA I 134 -8.58 1.75 -5.14
N THR I 135 -8.19 1.47 -6.38
CA THR I 135 -6.75 1.26 -6.76
C THR I 135 -6.36 2.32 -7.79
N CYS I 136 -5.59 3.30 -7.33
CA CYS I 136 -5.06 4.40 -8.15
C CYS I 136 -3.64 3.99 -8.59
N ARG I 137 -3.41 3.87 -9.89
CA ARG I 137 -2.07 3.53 -10.43
C ARG I 137 -1.35 4.83 -10.79
N ILE I 138 -0.16 4.99 -10.27
CA ILE I 138 0.73 6.14 -10.61
C ILE I 138 1.95 5.59 -11.35
N LYS I 139 2.19 6.12 -12.54
CA LYS I 139 3.24 5.64 -13.47
C LYS I 139 4.39 6.66 -13.45
N ILE I 140 5.56 6.26 -12.98
CA ILE I 140 6.75 7.15 -12.86
C ILE I 140 7.93 6.58 -13.64
N GLY I 141 8.55 7.41 -14.47
CA GLY I 141 9.68 6.99 -15.31
C GLY I 141 10.43 8.17 -15.87
N SER I 142 11.60 7.91 -16.46
CA SER I 142 12.40 8.95 -17.15
C SER I 142 11.56 9.51 -18.29
N TRP I 143 11.51 10.82 -18.41
CA TRP I 143 10.78 11.48 -19.51
C TRP I 143 11.57 11.34 -20.82
N THR I 144 12.91 11.44 -20.79
CA THR I 144 13.70 11.56 -22.03
C THR I 144 14.82 10.52 -22.17
N HIS I 145 15.03 9.64 -21.19
CA HIS I 145 16.08 8.59 -21.28
C HIS I 145 15.40 7.22 -21.43
N HIS I 146 15.66 6.57 -22.57
CA HIS I 146 15.19 5.21 -22.86
C HIS I 146 15.95 4.16 -22.03
N SER I 147 15.55 2.90 -22.16
CA SER I 147 15.94 1.78 -21.27
C SER I 147 17.44 1.51 -21.32
N ARG I 148 18.15 1.91 -22.39
CA ARG I 148 19.63 1.74 -22.44
C ARG I 148 20.37 2.86 -21.70
N GLU I 149 19.70 3.92 -21.27
CA GLU I 149 20.32 5.05 -20.56
C GLU I 149 19.85 5.10 -19.11
N ILE I 150 18.58 4.86 -18.84
CA ILE I 150 18.02 4.78 -17.46
C ILE I 150 17.15 3.54 -17.35
N SER I 151 17.43 2.74 -16.33
CA SER I 151 16.54 1.64 -15.91
C SER I 151 15.92 2.05 -14.58
N VAL I 152 14.67 1.67 -14.36
CA VAL I 152 13.91 2.05 -13.15
C VAL I 152 13.45 0.77 -12.48
N ASP I 153 13.77 0.61 -11.19
CA ASP I 153 13.38 -0.56 -10.37
C ASP I 153 12.64 -0.08 -9.12
N PRO I 154 11.57 -0.78 -8.73
CA PRO I 154 10.96 -0.54 -7.40
C PRO I 154 11.82 -1.14 -6.26
N THR I 155 11.61 -0.73 -5.01
CA THR I 155 12.22 -1.31 -3.78
C THR I 155 11.10 -1.96 -2.98
N SER I 162 2.85 2.93 4.20
CA SER I 162 1.74 3.12 5.15
C SER I 162 2.28 3.42 6.55
N GLU I 163 3.55 3.09 6.80
CA GLU I 163 4.26 3.41 8.06
C GLU I 163 4.21 4.92 8.36
N TYR I 164 4.32 5.76 7.35
CA TYR I 164 4.39 7.23 7.50
C TYR I 164 3.10 7.91 7.00
N PHE I 165 2.03 7.15 6.77
CA PHE I 165 0.74 7.70 6.32
C PHE I 165 0.09 8.46 7.47
N SER I 166 -0.42 9.67 7.23
CA SER I 166 -1.08 10.51 8.25
C SER I 166 -2.33 9.82 8.76
N GLN I 167 -2.44 9.65 10.08
CA GLN I 167 -3.65 9.13 10.76
C GLN I 167 -4.80 10.12 10.65
N TYR I 168 -4.56 11.34 10.18
CA TYR I 168 -5.58 12.41 10.15
C TYR I 168 -6.17 12.52 8.76
N SER I 169 -5.64 11.83 7.74
CA SER I 169 -6.31 11.70 6.43
C SER I 169 -7.73 11.17 6.65
N ARG I 170 -8.65 11.52 5.77
CA ARG I 170 -9.99 10.89 5.72
C ARG I 170 -9.89 9.48 5.10
N PHE I 171 -8.76 9.15 4.48
CA PHE I 171 -8.53 7.86 3.78
C PHE I 171 -7.57 7.02 4.62
N GLU I 172 -7.58 5.71 4.39
CA GLU I 172 -6.57 4.78 4.93
C GLU I 172 -6.03 3.98 3.74
N ILE I 173 -4.77 3.55 3.87
CA ILE I 173 -4.09 2.72 2.85
C ILE I 173 -4.27 1.26 3.21
N LEU I 174 -4.79 0.48 2.26
CA LEU I 174 -4.97 -0.99 2.37
C LEU I 174 -3.72 -1.68 1.83
N ASP I 175 -3.11 -1.16 0.77
CA ASP I 175 -2.02 -1.87 0.06
C ASP I 175 -1.34 -0.93 -0.93
N VAL I 176 -0.02 -1.04 -1.05
CA VAL I 176 0.80 -0.39 -2.11
C VAL I 176 1.63 -1.48 -2.77
N THR I 177 1.50 -1.69 -4.08
CA THR I 177 2.40 -2.60 -4.85
C THR I 177 3.09 -1.76 -5.92
N GLN I 178 4.36 -2.07 -6.20
CA GLN I 178 5.22 -1.39 -7.17
C GLN I 178 5.62 -2.46 -8.20
N LYS I 179 5.28 -2.32 -9.48
CA LYS I 179 5.84 -3.22 -10.51
C LYS I 179 6.47 -2.44 -11.67
N LYS I 180 7.45 -3.05 -12.32
CA LYS I 180 8.26 -2.45 -13.41
C LYS I 180 7.46 -2.58 -14.70
N ASN I 181 7.57 -1.64 -15.62
CA ASN I 181 7.09 -1.77 -17.02
C ASN I 181 8.06 -1.11 -17.97
N SER I 182 7.87 -1.38 -19.25
CA SER I 182 8.78 -0.94 -20.34
C SER I 182 7.90 -0.71 -21.56
N VAL I 183 7.74 0.54 -21.98
CA VAL I 183 6.70 0.95 -22.97
C VAL I 183 7.41 1.60 -24.15
N THR I 184 7.01 1.23 -25.38
CA THR I 184 7.39 1.94 -26.62
C THR I 184 6.26 2.87 -27.01
N TYR I 185 6.56 4.14 -27.21
CA TYR I 185 5.57 5.20 -27.58
C TYR I 185 5.83 5.54 -29.05
N SER I 186 4.79 6.05 -29.71
CA SER I 186 4.69 6.29 -31.17
C SER I 186 5.68 7.37 -31.64
N CYS I 187 6.22 8.23 -30.76
CA CYS I 187 7.27 9.25 -31.09
C CYS I 187 8.58 8.56 -31.52
N CYS I 188 8.93 7.40 -30.95
CA CYS I 188 10.34 6.95 -30.71
C CYS I 188 10.45 5.42 -30.83
N PRO I 189 11.54 4.87 -31.42
CA PRO I 189 11.69 3.41 -31.52
C PRO I 189 12.09 2.71 -30.20
N GLU I 190 12.60 3.45 -29.19
CA GLU I 190 13.16 2.82 -27.97
C GLU I 190 12.08 2.79 -26.90
N ALA I 191 12.33 1.94 -25.90
CA ALA I 191 11.45 1.66 -24.76
C ALA I 191 11.86 2.53 -23.56
N TYR I 192 10.88 3.02 -22.84
CA TYR I 192 11.03 3.85 -21.64
C TYR I 192 10.55 3.04 -20.44
N GLU I 193 11.39 2.92 -19.43
CA GLU I 193 11.05 2.14 -18.25
C GLU I 193 10.24 3.03 -17.30
N ASP I 194 9.30 2.40 -16.58
CA ASP I 194 8.52 3.07 -15.53
C ASP I 194 8.32 2.06 -14.40
N VAL I 195 8.03 2.63 -13.23
CA VAL I 195 7.42 1.89 -12.10
C VAL I 195 5.97 2.28 -12.06
N GLU I 196 5.10 1.29 -11.96
CA GLU I 196 3.65 1.48 -11.76
C GLU I 196 3.39 1.21 -10.28
N VAL I 197 2.97 2.25 -9.58
CA VAL I 197 2.66 2.16 -8.14
C VAL I 197 1.15 2.09 -7.99
N SER I 198 0.66 0.96 -7.46
CA SER I 198 -0.79 0.71 -7.23
C SER I 198 -1.10 1.06 -5.77
N LEU I 199 -1.78 2.18 -5.57
CA LEU I 199 -2.22 2.68 -4.25
C LEU I 199 -3.67 2.20 -4.04
N ASN I 200 -3.86 1.21 -3.18
CA ASN I 200 -5.20 0.71 -2.79
C ASN I 200 -5.58 1.43 -1.49
N PHE I 201 -6.61 2.26 -1.55
CA PHE I 201 -7.02 3.13 -0.43
C PHE I 201 -8.54 3.21 -0.38
N ARG I 202 -9.06 3.60 0.79
CA ARG I 202 -10.51 3.74 0.97
C ARG I 202 -10.81 4.80 2.03
N LYS I 203 -12.03 5.35 1.98
CA LYS I 203 -12.55 6.33 2.96
C LYS I 203 -12.75 5.61 4.29
N LYS I 204 -12.30 6.21 5.41
CA LYS I 204 -12.51 5.69 6.78
C LYS I 204 -13.97 5.84 7.19
N GLY I 205 -14.61 6.96 6.88
CA GLY I 205 -16.00 7.21 7.31
C GLY I 205 -17.04 6.34 6.63
N ARG I 206 -18.31 6.60 6.97
CA ARG I 206 -19.51 6.16 6.24
C ARG I 206 -19.79 7.11 5.07
N SER I 207 -20.74 6.75 4.19
CA SER I 207 -21.02 7.35 2.84
C SER I 207 -22.53 7.48 2.59
N ASP J 2 32.51 11.33 -25.56
CA ASP J 2 31.44 10.85 -24.69
C ASP J 2 30.32 11.91 -24.56
N ARG J 3 29.30 11.65 -23.74
CA ARG J 3 28.12 12.52 -23.56
C ARG J 3 28.54 13.90 -23.02
N ALA J 4 29.54 13.97 -22.14
CA ALA J 4 29.99 15.25 -21.57
C ALA J 4 30.60 16.12 -22.67
N ASP J 5 31.40 15.50 -23.56
CA ASP J 5 32.04 16.21 -24.69
C ASP J 5 30.94 16.74 -25.62
N ILE J 6 29.93 15.93 -25.89
CA ILE J 6 28.81 16.32 -26.79
C ILE J 6 28.10 17.52 -26.18
N LEU J 7 27.79 17.47 -24.87
CA LEU J 7 27.10 18.62 -24.22
C LEU J 7 28.01 19.85 -24.28
N TYR J 8 29.30 19.68 -23.96
CA TYR J 8 30.28 20.78 -23.97
C TYR J 8 30.27 21.46 -25.37
N ASN J 9 30.34 20.66 -26.45
CA ASN J 9 30.45 21.19 -27.85
C ASN J 9 29.14 21.86 -28.25
N ILE J 10 27.98 21.29 -27.85
CA ILE J 10 26.66 21.91 -28.06
C ILE J 10 26.67 23.30 -27.41
N ARG J 11 27.22 23.45 -26.20
CA ARG J 11 27.24 24.78 -25.56
C ARG J 11 28.20 25.73 -26.25
N GLN J 12 29.28 25.27 -26.88
CA GLN J 12 30.18 26.16 -27.67
C GLN J 12 29.43 26.75 -28.87
N THR J 13 28.60 26.00 -29.59
CA THR J 13 28.07 26.41 -30.93
C THR J 13 26.59 26.80 -30.84
N SER J 14 25.84 26.31 -29.83
CA SER J 14 24.38 26.58 -29.69
C SER J 14 24.18 28.08 -29.41
N ARG J 15 23.23 28.70 -30.09
CA ARG J 15 22.83 30.10 -29.79
C ARG J 15 21.34 30.09 -29.47
N PRO J 16 20.98 29.94 -28.18
CA PRO J 16 19.59 29.84 -27.77
C PRO J 16 18.67 30.97 -28.26
N ASP J 17 19.23 32.15 -28.52
CA ASP J 17 18.44 33.35 -28.85
C ASP J 17 18.48 33.63 -30.35
N VAL J 18 19.04 32.74 -31.17
CA VAL J 18 19.20 32.98 -32.64
C VAL J 18 18.55 31.84 -33.42
N ILE J 19 17.60 32.16 -34.28
CA ILE J 19 16.92 31.15 -35.10
C ILE J 19 17.99 30.50 -35.98
N PRO J 20 18.14 29.16 -36.00
CA PRO J 20 19.17 28.52 -36.80
C PRO J 20 18.71 28.28 -38.24
N THR J 21 18.37 29.33 -38.98
CA THR J 21 18.04 29.21 -40.42
C THR J 21 19.36 28.92 -41.14
N GLN J 22 19.30 28.08 -42.16
CA GLN J 22 20.45 27.79 -43.04
C GLN J 22 20.14 28.46 -44.37
N ARG J 23 20.99 29.40 -44.80
CA ARG J 23 20.97 30.02 -46.16
C ARG J 23 19.56 30.53 -46.52
N ASP J 24 18.86 31.23 -45.63
CA ASP J 24 17.58 31.93 -46.00
C ASP J 24 16.43 30.91 -46.20
N ARG J 25 16.59 29.65 -45.87
CA ARG J 25 15.47 28.68 -45.76
C ARG J 25 14.80 28.87 -44.40
N PRO J 26 13.47 28.71 -44.33
CA PRO J 26 12.79 28.67 -43.04
C PRO J 26 13.28 27.46 -42.22
N VAL J 27 13.20 27.55 -40.90
CA VAL J 27 13.27 26.38 -40.00
C VAL J 27 11.92 25.68 -40.11
N ALA J 28 11.91 24.42 -40.55
CA ALA J 28 10.70 23.59 -40.70
C ALA J 28 10.39 23.02 -39.31
N VAL J 29 9.36 23.52 -38.66
CA VAL J 29 8.94 23.02 -37.33
C VAL J 29 7.75 22.11 -37.51
N SER J 30 7.79 20.93 -36.93
CA SER J 30 6.65 19.99 -36.91
C SER J 30 6.04 20.04 -35.51
N VAL J 31 4.73 20.16 -35.44
CA VAL J 31 3.96 20.19 -34.18
C VAL J 31 2.82 19.22 -34.30
N SER J 32 2.66 18.35 -33.32
CA SER J 32 1.51 17.42 -33.26
C SER J 32 1.11 17.22 -31.79
N LEU J 33 -0.16 17.50 -31.48
CA LEU J 33 -0.71 17.37 -30.10
C LEU J 33 -1.27 15.96 -29.93
N LYS J 34 -0.86 15.24 -28.88
CA LYS J 34 -1.52 14.01 -28.41
C LYS J 34 -2.27 14.37 -27.14
N PHE J 35 -3.58 14.30 -27.19
CA PHE J 35 -4.44 14.64 -26.03
C PHE J 35 -4.32 13.51 -25.01
N ILE J 36 -4.08 13.90 -23.77
CA ILE J 36 -3.97 12.97 -22.62
C ILE J 36 -5.22 13.09 -21.76
N ASN J 37 -5.74 14.31 -21.55
CA ASN J 37 -6.87 14.49 -20.61
C ASN J 37 -7.62 15.74 -20.99
N ILE J 38 -8.94 15.70 -20.75
CA ILE J 38 -9.81 16.89 -20.77
C ILE J 38 -10.37 16.99 -19.37
N LEU J 39 -10.01 18.05 -18.65
CA LEU J 39 -10.14 18.10 -17.18
C LEU J 39 -11.36 18.88 -16.79
N GLU J 40 -11.59 20.01 -17.42
CA GLU J 40 -12.75 20.86 -17.06
C GLU J 40 -13.29 21.39 -18.38
N VAL J 41 -14.59 21.36 -18.47
CA VAL J 41 -15.26 21.94 -19.64
C VAL J 41 -16.34 22.82 -19.05
N ASN J 42 -16.42 24.06 -19.49
CA ASN J 42 -17.51 24.97 -19.07
C ASN J 42 -18.28 25.37 -20.34
N GLU J 43 -19.50 24.85 -20.48
CA GLU J 43 -20.38 25.05 -21.65
C GLU J 43 -20.93 26.48 -21.62
N ILE J 44 -21.05 27.09 -20.44
CA ILE J 44 -21.50 28.50 -20.32
C ILE J 44 -20.41 29.45 -20.84
N THR J 45 -19.13 29.28 -20.42
CA THR J 45 -18.06 30.23 -20.75
C THR J 45 -17.31 29.80 -22.01
N ASN J 46 -17.58 28.60 -22.54
CA ASN J 46 -16.83 28.06 -23.71
C ASN J 46 -15.31 28.00 -23.39
N GLU J 47 -14.98 27.33 -22.30
CA GLU J 47 -13.58 27.19 -21.84
C GLU J 47 -13.32 25.71 -21.54
N VAL J 48 -12.15 25.24 -21.92
CA VAL J 48 -11.73 23.84 -21.66
C VAL J 48 -10.31 23.89 -21.09
N ASP J 49 -10.05 22.96 -20.21
CA ASP J 49 -8.73 22.73 -19.57
C ASP J 49 -8.28 21.37 -20.06
N VAL J 50 -7.16 21.33 -20.79
CA VAL J 50 -6.67 20.07 -21.42
C VAL J 50 -5.21 19.81 -21.04
N VAL J 51 -4.84 18.54 -21.11
CA VAL J 51 -3.44 18.07 -20.98
C VAL J 51 -3.10 17.39 -22.30
N PHE J 52 -2.00 17.80 -22.91
CA PHE J 52 -1.55 17.21 -24.18
C PHE J 52 -0.02 17.13 -24.19
N TRP J 53 0.50 16.16 -24.92
CA TRP J 53 1.94 16.05 -25.24
C TRP J 53 2.12 16.83 -26.55
N GLN J 54 2.91 17.89 -26.53
CA GLN J 54 3.15 18.73 -27.72
C GLN J 54 4.42 18.24 -28.40
N ARG J 55 4.28 17.28 -29.29
CA ARG J 55 5.43 16.70 -30.02
C ARG J 55 5.96 17.76 -30.99
N THR J 56 7.17 18.24 -30.78
CA THR J 56 7.78 19.36 -31.52
C THR J 56 9.13 18.92 -32.07
N THR J 57 9.34 19.01 -33.38
CA THR J 57 10.63 18.64 -33.99
C THR J 57 11.09 19.77 -34.89
N TRP J 58 12.40 19.95 -34.98
CA TRP J 58 13.04 20.91 -35.90
C TRP J 58 14.50 20.50 -36.04
N SER J 59 15.17 21.11 -37.00
CA SER J 59 16.61 20.92 -37.24
C SER J 59 17.38 22.16 -36.81
N ASP J 60 18.50 21.96 -36.13
CA ASP J 60 19.46 23.03 -35.77
C ASP J 60 20.84 22.48 -36.06
N ARG J 61 21.35 22.75 -37.27
CA ARG J 61 22.60 22.13 -37.76
C ARG J 61 23.80 22.71 -37.01
N THR J 62 23.66 23.82 -36.29
CA THR J 62 24.73 24.34 -35.40
C THR J 62 25.04 23.30 -34.29
N LEU J 63 24.09 22.45 -33.91
CA LEU J 63 24.25 21.42 -32.86
C LEU J 63 24.93 20.15 -33.38
N ALA J 64 24.97 19.92 -34.70
CA ALA J 64 25.33 18.60 -35.30
C ALA J 64 26.76 18.26 -34.87
N TRP J 65 27.07 16.98 -34.75
CA TRP J 65 28.45 16.52 -34.39
C TRP J 65 28.72 15.22 -35.11
N ASP J 66 29.99 14.90 -35.25
CA ASP J 66 30.45 13.61 -35.83
C ASP J 66 30.22 12.51 -34.78
N SER J 67 29.28 11.58 -35.00
CA SER J 67 28.99 10.48 -34.06
C SER J 67 29.57 9.13 -34.55
N SER J 68 30.59 9.13 -35.39
CA SER J 68 31.19 7.86 -35.86
C SER J 68 31.82 7.12 -34.66
N HIS J 69 32.27 7.80 -33.61
CA HIS J 69 32.94 7.15 -32.44
C HIS J 69 32.31 7.63 -31.14
N SER J 70 31.02 7.92 -31.15
CA SER J 70 30.37 8.56 -29.97
C SER J 70 28.86 8.37 -30.07
N PRO J 71 28.12 8.52 -28.97
CA PRO J 71 26.66 8.38 -29.00
C PRO J 71 26.10 9.34 -30.05
N ASP J 72 25.04 8.95 -30.74
CA ASP J 72 24.42 9.81 -31.78
C ASP J 72 23.22 10.60 -31.23
N GLN J 73 22.87 10.48 -29.96
CA GLN J 73 21.77 11.28 -29.34
C GLN J 73 22.10 11.64 -27.90
N VAL J 74 21.65 12.80 -27.43
CA VAL J 74 21.71 13.18 -25.99
C VAL J 74 20.44 13.93 -25.61
N SER J 75 20.08 13.86 -24.33
CA SER J 75 19.09 14.73 -23.67
C SER J 75 19.79 16.01 -23.25
N VAL J 76 19.19 17.15 -23.56
CA VAL J 76 19.78 18.49 -23.31
C VAL J 76 18.71 19.35 -22.68
N PRO J 77 19.00 20.16 -21.64
CA PRO J 77 18.00 21.12 -21.14
C PRO J 77 17.69 22.11 -22.27
N ILE J 78 16.42 22.46 -22.46
CA ILE J 78 16.01 23.38 -23.57
C ILE J 78 16.62 24.76 -23.34
N SER J 79 17.05 25.12 -22.12
CA SER J 79 17.71 26.43 -21.92
C SER J 79 19.06 26.46 -22.65
N SER J 80 19.63 25.32 -23.03
CA SER J 80 20.89 25.28 -23.83
C SER J 80 20.61 25.41 -25.33
N LEU J 81 19.37 25.37 -25.79
CA LEU J 81 19.01 25.23 -27.24
C LEU J 81 18.15 26.42 -27.66
N TRP J 82 18.16 26.74 -28.94
CA TRP J 82 17.07 27.53 -29.53
C TRP J 82 15.85 26.64 -29.59
N VAL J 83 14.71 27.16 -29.16
CA VAL J 83 13.40 26.45 -29.22
C VAL J 83 12.46 27.37 -30.00
N PRO J 84 11.62 26.83 -30.90
CA PRO J 84 10.64 27.67 -31.57
C PRO J 84 9.71 28.34 -30.55
N ASP J 85 9.42 29.62 -30.79
CA ASP J 85 8.59 30.53 -29.95
C ASP J 85 7.10 30.27 -30.28
N LEU J 86 6.65 29.02 -30.11
CA LEU J 86 5.26 28.65 -30.41
C LEU J 86 4.33 29.23 -29.35
N ALA J 87 3.15 29.69 -29.75
CA ALA J 87 2.09 30.19 -28.83
C ALA J 87 0.75 29.67 -29.34
N ALA J 88 -0.11 29.36 -28.41
CA ALA J 88 -1.50 28.99 -28.70
C ALA J 88 -2.31 30.27 -28.70
N TYR J 89 -2.81 30.70 -29.86
CA TYR J 89 -3.47 32.00 -30.06
C TYR J 89 -4.72 32.11 -29.17
N ASN J 90 -5.43 31.01 -28.92
CA ASN J 90 -6.72 31.06 -28.17
C ASN J 90 -6.52 30.48 -26.76
N ALA J 91 -5.30 30.35 -26.27
CA ALA J 91 -5.03 30.04 -24.86
C ALA J 91 -5.43 31.25 -23.98
N ILE J 92 -6.01 30.96 -22.83
CA ILE J 92 -6.40 31.99 -21.82
C ILE J 92 -5.62 31.72 -20.51
N SER J 93 -4.67 30.81 -20.52
CA SER J 93 -3.68 30.63 -19.42
C SER J 93 -2.32 30.33 -20.06
N LYS J 94 -1.27 30.58 -19.30
CA LYS J 94 0.11 30.21 -19.62
C LYS J 94 0.18 28.70 -19.72
N PRO J 95 1.01 28.16 -20.62
CA PRO J 95 1.21 26.71 -20.68
C PRO J 95 1.86 26.27 -19.36
N GLU J 96 1.24 25.35 -18.62
CA GLU J 96 1.85 24.74 -17.41
C GLU J 96 2.58 23.48 -17.93
N VAL J 97 3.89 23.50 -17.97
CA VAL J 97 4.72 22.36 -18.44
C VAL J 97 4.90 21.40 -17.28
N LEU J 98 4.37 20.19 -17.41
CA LEU J 98 4.27 19.23 -16.26
C LEU J 98 5.57 18.39 -16.18
N THR J 99 6.42 18.41 -17.18
CA THR J 99 7.50 17.42 -17.36
C THR J 99 8.85 18.12 -17.36
N PRO J 100 9.94 17.37 -17.11
CA PRO J 100 11.28 17.94 -17.19
C PRO J 100 11.52 18.58 -18.58
N GLN J 101 12.11 19.78 -18.60
CA GLN J 101 12.28 20.55 -19.84
C GLN J 101 13.57 20.15 -20.55
N LEU J 102 13.60 18.91 -21.03
CA LEU J 102 14.74 18.30 -21.75
C LEU J 102 14.25 17.90 -23.14
N ALA J 103 15.07 18.18 -24.13
CA ALA J 103 14.89 17.77 -25.52
C ALA J 103 15.95 16.73 -25.88
N ARG J 104 15.64 15.87 -26.86
CA ARG J 104 16.65 14.93 -27.42
C ARG J 104 17.23 15.57 -28.68
N VAL J 105 18.55 15.65 -28.76
CA VAL J 105 19.27 16.19 -29.93
C VAL J 105 19.96 14.98 -30.57
N VAL J 106 19.68 14.74 -31.86
CA VAL J 106 20.39 13.70 -32.67
C VAL J 106 21.62 14.37 -33.31
N SER J 107 22.66 13.59 -33.64
CA SER J 107 23.98 14.08 -34.14
C SER J 107 23.86 14.82 -35.48
N ASP J 108 22.80 14.57 -36.26
CA ASP J 108 22.54 15.30 -37.54
C ASP J 108 21.87 16.65 -37.28
N GLY J 109 21.62 17.04 -36.02
CA GLY J 109 20.98 18.32 -35.72
C GLY J 109 19.47 18.25 -35.50
N GLU J 110 18.81 17.10 -35.67
CA GLU J 110 17.35 16.96 -35.42
C GLU J 110 17.10 17.05 -33.92
N VAL J 111 16.11 17.83 -33.53
CA VAL J 111 15.70 18.00 -32.12
C VAL J 111 14.28 17.49 -31.97
N LEU J 112 14.04 16.71 -30.93
CA LEU J 112 12.68 16.32 -30.53
C LEU J 112 12.44 16.83 -29.10
N TYR J 113 11.38 17.61 -28.92
CA TYR J 113 10.94 18.14 -27.59
C TYR J 113 9.47 17.75 -27.43
N VAL J 114 9.15 17.07 -26.35
CA VAL J 114 7.74 16.61 -26.09
C VAL J 114 7.34 16.99 -24.68
N PRO J 115 7.06 18.28 -24.43
CA PRO J 115 6.52 18.69 -23.14
C PRO J 115 5.08 18.21 -22.99
N SER J 116 4.75 17.74 -21.79
CA SER J 116 3.35 17.56 -21.35
C SER J 116 2.86 18.90 -20.81
N ILE J 117 1.79 19.43 -21.39
CA ILE J 117 1.27 20.78 -21.10
C ILE J 117 -0.16 20.67 -20.64
N ARG J 118 -0.47 21.37 -19.55
CA ARG J 118 -1.82 21.70 -19.13
C ARG J 118 -2.09 23.16 -19.43
N GLN J 119 -3.19 23.46 -20.15
CA GLN J 119 -3.52 24.81 -20.62
C GLN J 119 -5.03 24.94 -20.78
N ARG J 120 -5.53 26.15 -20.52
CA ARG J 120 -6.96 26.51 -20.65
C ARG J 120 -7.13 27.27 -21.99
N PHE J 121 -8.17 26.92 -22.72
CA PHE J 121 -8.50 27.51 -24.05
C PHE J 121 -9.91 28.06 -24.04
N SER J 122 -10.06 29.08 -24.86
CA SER J 122 -11.37 29.63 -25.30
C SER J 122 -11.69 28.90 -26.61
N CYS J 123 -12.71 28.06 -26.62
CA CYS J 123 -13.10 27.34 -27.84
C CYS J 123 -14.54 26.85 -27.71
N ASP J 124 -15.05 26.34 -28.81
CA ASP J 124 -16.49 25.97 -28.93
C ASP J 124 -16.74 24.69 -28.16
N VAL J 125 -17.48 24.79 -27.08
CA VAL J 125 -17.83 23.63 -26.22
C VAL J 125 -19.28 23.20 -26.53
N SER J 126 -19.98 23.88 -27.41
CA SER J 126 -21.39 23.51 -27.69
C SER J 126 -21.40 22.08 -28.28
N GLY J 127 -22.36 21.26 -27.84
CA GLY J 127 -22.59 19.89 -28.32
C GLY J 127 -21.83 18.86 -27.51
N VAL J 128 -21.10 19.28 -26.47
CA VAL J 128 -20.22 18.36 -25.70
C VAL J 128 -21.06 17.21 -25.12
N ASP J 129 -22.34 17.44 -24.77
CA ASP J 129 -23.19 16.44 -24.09
C ASP J 129 -24.06 15.70 -25.10
N THR J 130 -23.79 15.81 -26.39
CA THR J 130 -24.53 15.14 -27.49
C THR J 130 -23.65 14.07 -28.13
N GLU J 131 -24.23 13.27 -29.02
CA GLU J 131 -23.55 12.12 -29.66
C GLU J 131 -22.44 12.62 -30.62
N SER J 132 -22.61 13.77 -31.27
CA SER J 132 -21.61 14.26 -32.28
C SER J 132 -20.53 15.10 -31.59
N GLY J 133 -20.80 15.54 -30.37
CA GLY J 133 -19.76 16.13 -29.49
C GLY J 133 -19.48 17.58 -29.82
N ALA J 134 -18.55 18.18 -29.09
CA ALA J 134 -17.99 19.51 -29.35
C ALA J 134 -16.77 19.39 -30.26
N THR J 135 -16.47 20.45 -30.99
CA THR J 135 -15.18 20.62 -31.73
C THR J 135 -14.47 21.87 -31.20
N CYS J 136 -13.43 21.65 -30.42
CA CYS J 136 -12.58 22.71 -29.84
C CYS J 136 -11.36 22.88 -30.75
N ARG J 137 -11.18 24.04 -31.34
CA ARG J 137 -10.03 24.30 -32.26
CA ARG J 137 -10.04 24.32 -32.27
C ARG J 137 -8.95 25.02 -31.47
N ILE J 138 -7.73 24.50 -31.49
CA ILE J 138 -6.56 25.14 -30.87
C ILE J 138 -5.60 25.56 -31.97
N LYS J 139 -5.24 26.85 -31.98
CA LYS J 139 -4.38 27.46 -33.02
C LYS J 139 -2.97 27.68 -32.45
N ILE J 140 -1.95 27.01 -32.99
CA ILE J 140 -0.55 27.17 -32.53
C ILE J 140 0.35 27.62 -33.67
N GLY J 141 1.21 28.61 -33.46
CA GLY J 141 2.24 29.02 -34.43
C GLY J 141 3.35 29.80 -33.78
N SER J 142 4.39 30.14 -34.54
CA SER J 142 5.47 31.04 -34.10
C SER J 142 4.83 32.40 -33.80
N TRP J 143 5.15 32.98 -32.65
CA TRP J 143 4.65 34.30 -32.26
C TRP J 143 5.39 35.39 -33.04
N THR J 144 6.69 35.25 -33.31
CA THR J 144 7.51 36.38 -33.84
C THR J 144 8.29 36.02 -35.10
N HIS J 145 8.19 34.79 -35.62
CA HIS J 145 8.87 34.41 -36.89
C HIS J 145 7.82 34.18 -37.98
N HIS J 146 7.85 34.98 -39.02
CA HIS J 146 6.98 34.86 -40.22
C HIS J 146 7.38 33.66 -41.09
N SER J 147 6.62 33.40 -42.15
CA SER J 147 6.68 32.14 -42.93
C SER J 147 8.03 31.95 -43.60
N ARG J 148 8.82 33.00 -43.82
CA ARG J 148 10.18 32.85 -44.41
CA ARG J 148 10.18 32.82 -44.42
C ARG J 148 11.23 32.50 -43.35
N GLU J 149 10.88 32.53 -42.06
CA GLU J 149 11.84 32.17 -40.97
C GLU J 149 11.40 30.87 -40.28
N ILE J 150 10.11 30.67 -40.04
CA ILE J 150 9.57 29.40 -39.47
C ILE J 150 8.39 28.96 -40.31
N SER J 151 8.41 27.71 -40.77
CA SER J 151 7.22 27.03 -41.33
C SER J 151 6.76 25.99 -40.31
N VAL J 152 5.47 25.81 -40.16
CA VAL J 152 4.88 24.84 -39.20
CA VAL J 152 4.88 24.84 -39.20
C VAL J 152 4.03 23.83 -39.96
N ASP J 153 4.30 22.54 -39.78
CA ASP J 153 3.52 21.43 -40.40
C ASP J 153 2.99 20.50 -39.32
N PRO J 154 1.73 20.05 -39.43
CA PRO J 154 1.22 18.94 -38.60
C PRO J 154 1.81 17.57 -38.99
N SER J 162 -6.36 8.70 -29.77
CA SER J 162 -6.96 8.10 -28.55
C SER J 162 -5.97 7.17 -27.85
N GLU J 163 -4.90 6.78 -28.54
CA GLU J 163 -3.82 5.90 -28.04
C GLU J 163 -3.31 6.32 -26.66
N TYR J 164 -3.08 7.60 -26.38
CA TYR J 164 -2.57 8.04 -25.06
C TYR J 164 -3.63 8.77 -24.25
N PHE J 165 -4.89 8.82 -24.70
CA PHE J 165 -5.95 9.55 -23.97
C PHE J 165 -6.34 8.74 -22.72
N SER J 166 -6.45 9.39 -21.57
CA SER J 166 -6.78 8.73 -20.29
C SER J 166 -8.18 8.12 -20.36
N GLN J 167 -8.27 6.84 -20.02
CA GLN J 167 -9.55 6.09 -19.88
C GLN J 167 -10.34 6.61 -18.69
N TYR J 168 -9.76 7.45 -17.84
CA TYR J 168 -10.40 7.91 -16.58
C TYR J 168 -11.01 9.28 -16.77
N SER J 169 -10.73 9.99 -17.87
CA SER J 169 -11.42 11.25 -18.20
C SER J 169 -12.92 11.03 -18.19
N ARG J 170 -13.70 12.05 -17.85
CA ARG J 170 -15.17 12.05 -18.06
C ARG J 170 -15.51 12.19 -19.57
N PHE J 171 -14.52 12.56 -20.40
CA PHE J 171 -14.70 12.80 -21.84
C PHE J 171 -14.08 11.64 -22.61
N GLU J 172 -14.49 11.48 -23.87
CA GLU J 172 -13.82 10.59 -24.84
C GLU J 172 -13.57 11.42 -26.10
N ILE J 173 -12.54 11.08 -26.84
CA ILE J 173 -12.16 11.71 -28.12
C ILE J 173 -12.80 10.94 -29.27
N LEU J 174 -13.52 11.63 -30.13
CA LEU J 174 -14.11 11.10 -31.39
C LEU J 174 -13.09 11.26 -32.52
N ASP J 175 -12.39 12.40 -32.59
CA ASP J 175 -11.48 12.70 -33.73
C ASP J 175 -10.60 13.92 -33.42
N VAL J 176 -9.37 13.89 -33.90
CA VAL J 176 -8.41 15.01 -33.89
C VAL J 176 -7.92 15.24 -35.32
N THR J 177 -8.11 16.43 -35.88
CA THR J 177 -7.56 16.79 -37.22
C THR J 177 -6.64 17.99 -37.02
N GLN J 178 -5.52 18.02 -37.77
CA GLN J 178 -4.49 19.06 -37.72
C GLN J 178 -4.43 19.61 -39.14
N LYS J 179 -4.69 20.90 -39.36
CA LYS J 179 -4.40 21.50 -40.67
C LYS J 179 -3.54 22.76 -40.54
N LYS J 180 -2.74 23.02 -41.58
CA LYS J 180 -1.81 24.16 -41.65
C LYS J 180 -2.61 25.38 -42.08
N ASN J 181 -2.28 26.57 -41.59
CA ASN J 181 -2.83 27.85 -42.12
C ASN J 181 -1.74 28.89 -42.18
N SER J 182 -2.00 29.96 -42.94
CA SER J 182 -1.03 31.07 -43.13
C SER J 182 -1.79 32.39 -43.12
N VAL J 183 -1.54 33.25 -42.13
CA VAL J 183 -2.42 34.44 -41.83
C VAL J 183 -1.54 35.68 -41.90
N THR J 184 -2.02 36.76 -42.54
CA THR J 184 -1.42 38.11 -42.47
C THR J 184 -2.17 38.90 -41.41
N TYR J 185 -1.46 39.45 -40.43
CA TYR J 185 -2.04 40.24 -39.31
C TYR J 185 -1.80 41.72 -39.59
N SER J 186 -2.65 42.58 -39.06
CA SER J 186 -2.68 44.04 -39.34
C SER J 186 -1.43 44.75 -38.81
N CYS J 187 -0.65 44.17 -37.89
CA CYS J 187 0.64 44.72 -37.39
C CYS J 187 1.69 44.78 -38.52
N CYS J 188 1.69 43.85 -39.46
CA CYS J 188 2.91 43.33 -40.16
C CYS J 188 2.58 42.92 -41.59
N PRO J 189 3.44 43.22 -42.59
CA PRO J 189 3.20 42.80 -43.97
C PRO J 189 3.39 41.30 -44.26
N GLU J 190 4.05 40.54 -43.40
CA GLU J 190 4.40 39.12 -43.68
C GLU J 190 3.32 38.21 -43.09
N ALA J 191 3.30 36.98 -43.59
CA ALA J 191 2.38 35.89 -43.19
C ALA J 191 3.03 35.04 -42.09
N TYR J 192 2.22 34.65 -41.11
CA TYR J 192 2.62 33.80 -39.97
C TYR J 192 1.92 32.47 -40.11
N GLU J 193 2.66 31.39 -40.00
CA GLU J 193 2.08 30.03 -40.16
C GLU J 193 1.52 29.60 -38.81
N ASP J 194 0.42 28.83 -38.86
CA ASP J 194 -0.10 28.13 -37.65
C ASP J 194 -0.55 26.73 -38.04
N VAL J 195 -0.64 25.87 -37.05
CA VAL J 195 -1.40 24.59 -37.13
C VAL J 195 -2.70 24.80 -36.34
N GLU J 196 -3.80 24.42 -36.94
CA GLU J 196 -5.12 24.41 -36.27
C GLU J 196 -5.46 22.98 -35.91
N VAL J 197 -5.55 22.70 -34.63
CA VAL J 197 -5.87 21.34 -34.11
C VAL J 197 -7.33 21.30 -33.69
N SER J 198 -8.12 20.49 -34.36
CA SER J 198 -9.58 20.33 -34.08
C SER J 198 -9.81 19.09 -33.23
N LEU J 199 -10.12 19.31 -31.96
CA LEU J 199 -10.41 18.24 -30.97
C LEU J 199 -11.92 18.02 -30.92
N ASN J 200 -12.41 16.93 -31.50
CA ASN J 200 -13.85 16.54 -31.45
C ASN J 200 -14.00 15.54 -30.29
N PHE J 201 -14.74 15.94 -29.26
CA PHE J 201 -14.84 15.18 -28.00
C PHE J 201 -16.26 15.27 -27.47
N ARG J 202 -16.62 14.35 -26.58
CA ARG J 202 -17.93 14.41 -25.90
C ARG J 202 -17.85 13.78 -24.52
N LYS J 203 -18.83 14.09 -23.68
CA LYS J 203 -19.02 13.49 -22.33
C LYS J 203 -19.41 12.03 -22.48
N LYS J 204 -18.82 11.13 -21.71
CA LYS J 204 -19.11 9.65 -21.73
C LYS J 204 -20.53 9.35 -21.22
#